data_6LJW
# 
_entry.id   6LJW 
# 
_audit_conform.dict_name       mmcif_pdbx.dic 
_audit_conform.dict_version    5.380 
_audit_conform.dict_location   http://mmcif.pdb.org/dictionaries/ascii/mmcif_pdbx.dic 
# 
loop_
_database_2.database_id 
_database_2.database_code 
_database_2.pdbx_database_accession 
_database_2.pdbx_DOI 
PDB   6LJW         pdb_00006ljw 10.2210/pdb6ljw/pdb 
WWPDB D_1300014910 ?            ?                   
# 
_pdbx_database_status.status_code                     REL 
_pdbx_database_status.status_code_sf                  REL 
_pdbx_database_status.status_code_mr                  ? 
_pdbx_database_status.entry_id                        6LJW 
_pdbx_database_status.recvd_initial_deposition_date   2019-12-17 
_pdbx_database_status.SG_entry                        N 
_pdbx_database_status.deposit_site                    PDBJ 
_pdbx_database_status.process_site                    PDBJ 
_pdbx_database_status.status_code_cs                  ? 
_pdbx_database_status.status_code_nmr_data            ? 
_pdbx_database_status.methods_development_category    ? 
_pdbx_database_status.pdb_format_compatible           Y 
# 
loop_
_audit_author.name 
_audit_author.pdbx_ordinal 
_audit_author.identifier_ORCID 
'Su, H.X.'    1 ? 
'Zhang, X.L.' 2 ? 
'Li, M.J.'    3 ? 
'Xu, Y.C.'    4 ? 
# 
_citation.abstract                  ? 
_citation.abstract_id_CAS           ? 
_citation.book_id_ISBN              ? 
_citation.book_publisher            ? 
_citation.book_publisher_city       ? 
_citation.book_title                ? 
_citation.coordinate_linkage        ? 
_citation.country                   US 
_citation.database_id_Medline       ? 
_citation.details                   ? 
_citation.id                        primary 
_citation.journal_abbrev            J.Med.Chem. 
_citation.journal_id_ASTM           JMCMAR 
_citation.journal_id_CSD            0151 
_citation.journal_id_ISSN           0022-2623 
_citation.journal_full              ? 
_citation.journal_issue             ? 
_citation.journal_volume            63 
_citation.language                  ? 
_citation.page_first                4090 
_citation.page_last                 4106 
_citation.title                     
;Exploration of Fragment Binding Poses Leading to Efficient Discovery of Highly Potent and Orally Effective Inhibitors of FABP4 for Anti-inflammation.
;
_citation.year                      2020 
_citation.database_id_CSD           ? 
_citation.pdbx_database_id_DOI      10.1021/acs.jmedchem.9b02107 
_citation.pdbx_database_id_PubMed   32202425 
_citation.unpublished_flag          ? 
# 
loop_
_citation_author.citation_id 
_citation_author.name 
_citation_author.ordinal 
_citation_author.identifier_ORCID 
primary 'Su, H.'    1  ? 
primary 'Zou, Y.'   2  ? 
primary 'Chen, G.'  3  ? 
primary 'Dou, H.'   4  ? 
primary 'Xie, H.'   5  ? 
primary 'Yuan, X.'  6  ? 
primary 'Zhang, X.' 7  ? 
primary 'Zhang, N.' 8  ? 
primary 'Li, M.'    9  ? 
primary 'Xu, Y.'    10 ? 
# 
_cell.angle_alpha                  90.000 
_cell.angle_alpha_esd              ? 
_cell.angle_beta                   90.000 
_cell.angle_beta_esd               ? 
_cell.angle_gamma                  90.000 
_cell.angle_gamma_esd              ? 
_cell.entry_id                     6LJW 
_cell.details                      ? 
_cell.formula_units_Z              ? 
_cell.length_a                     32.298 
_cell.length_a_esd                 ? 
_cell.length_b                     53.888 
_cell.length_b_esd                 ? 
_cell.length_c                     75.281 
_cell.length_c_esd                 ? 
_cell.volume                       ? 
_cell.volume_esd                   ? 
_cell.Z_PDB                        4 
_cell.reciprocal_angle_alpha       ? 
_cell.reciprocal_angle_beta        ? 
_cell.reciprocal_angle_gamma       ? 
_cell.reciprocal_angle_alpha_esd   ? 
_cell.reciprocal_angle_beta_esd    ? 
_cell.reciprocal_angle_gamma_esd   ? 
_cell.reciprocal_length_a          ? 
_cell.reciprocal_length_b          ? 
_cell.reciprocal_length_c          ? 
_cell.reciprocal_length_a_esd      ? 
_cell.reciprocal_length_b_esd      ? 
_cell.reciprocal_length_c_esd      ? 
_cell.pdbx_unique_axis             ? 
# 
_symmetry.entry_id                         6LJW 
_symmetry.cell_setting                     ? 
_symmetry.Int_Tables_number                19 
_symmetry.space_group_name_Hall            ? 
_symmetry.space_group_name_H-M             'P 21 21 21' 
_symmetry.pdbx_full_space_group_name_H-M   ? 
# 
loop_
_entity.id 
_entity.type 
_entity.src_method 
_entity.pdbx_description 
_entity.formula_weight 
_entity.pdbx_number_of_molecules 
_entity.pdbx_ec 
_entity.pdbx_mutation 
_entity.pdbx_fragment 
_entity.details 
1 polymer     man 'Fatty acid-binding protein, adipocyte' 16911.268 1   ? ? ? ? 
2 non-polymer syn '2-phenylazanylbenzoic acid'            213.232   1   ? ? ? ? 
3 non-polymer syn 1,2-ETHANEDIOL                          62.068    1   ? ? ? ? 
4 water       nat water                                   18.015    108 ? ? ? ? 
# 
_entity_name_com.entity_id   1 
_entity_name_com.name        
'Adipocyte lipid-binding protein,ALBP,Adipocyte-type fatty acid-binding protein,AFABP,Fatty acid-binding protein 4' 
# 
_entity_poly.entity_id                      1 
_entity_poly.type                           'polypeptide(L)' 
_entity_poly.nstd_linkage                   no 
_entity_poly.nstd_monomer                   no 
_entity_poly.pdbx_seq_one_letter_code       
;MGSSHHHHHHSSGLVPRGSHMCDAFVGTWKLVSSENFDDYMKEVGVGFATRKVAGMAKPNMIISVNGDVITIKSESTFKN
TEISFILGQEFDEVTADDRKVKSTITLDGGVLVHVQKWDGKSTTIKRKREDDKLVVECVMKGVTSTRVYERA
;
_entity_poly.pdbx_seq_one_letter_code_can   
;MGSSHHHHHHSSGLVPRGSHMCDAFVGTWKLVSSENFDDYMKEVGVGFATRKVAGMAKPNMIISVNGDVITIKSESTFKN
TEISFILGQEFDEVTADDRKVKSTITLDGGVLVHVQKWDGKSTTIKRKREDDKLVVECVMKGVTSTRVYERA
;
_entity_poly.pdbx_strand_id                 A 
_entity_poly.pdbx_target_identifier         ? 
# 
loop_
_entity_poly_seq.entity_id 
_entity_poly_seq.num 
_entity_poly_seq.mon_id 
_entity_poly_seq.hetero 
1 1   MET n 
1 2   GLY n 
1 3   SER n 
1 4   SER n 
1 5   HIS n 
1 6   HIS n 
1 7   HIS n 
1 8   HIS n 
1 9   HIS n 
1 10  HIS n 
1 11  SER n 
1 12  SER n 
1 13  GLY n 
1 14  LEU n 
1 15  VAL n 
1 16  PRO n 
1 17  ARG n 
1 18  GLY n 
1 19  SER n 
1 20  HIS n 
1 21  MET n 
1 22  CYS n 
1 23  ASP n 
1 24  ALA n 
1 25  PHE n 
1 26  VAL n 
1 27  GLY n 
1 28  THR n 
1 29  TRP n 
1 30  LYS n 
1 31  LEU n 
1 32  VAL n 
1 33  SER n 
1 34  SER n 
1 35  GLU n 
1 36  ASN n 
1 37  PHE n 
1 38  ASP n 
1 39  ASP n 
1 40  TYR n 
1 41  MET n 
1 42  LYS n 
1 43  GLU n 
1 44  VAL n 
1 45  GLY n 
1 46  VAL n 
1 47  GLY n 
1 48  PHE n 
1 49  ALA n 
1 50  THR n 
1 51  ARG n 
1 52  LYS n 
1 53  VAL n 
1 54  ALA n 
1 55  GLY n 
1 56  MET n 
1 57  ALA n 
1 58  LYS n 
1 59  PRO n 
1 60  ASN n 
1 61  MET n 
1 62  ILE n 
1 63  ILE n 
1 64  SER n 
1 65  VAL n 
1 66  ASN n 
1 67  GLY n 
1 68  ASP n 
1 69  VAL n 
1 70  ILE n 
1 71  THR n 
1 72  ILE n 
1 73  LYS n 
1 74  SER n 
1 75  GLU n 
1 76  SER n 
1 77  THR n 
1 78  PHE n 
1 79  LYS n 
1 80  ASN n 
1 81  THR n 
1 82  GLU n 
1 83  ILE n 
1 84  SER n 
1 85  PHE n 
1 86  ILE n 
1 87  LEU n 
1 88  GLY n 
1 89  GLN n 
1 90  GLU n 
1 91  PHE n 
1 92  ASP n 
1 93  GLU n 
1 94  VAL n 
1 95  THR n 
1 96  ALA n 
1 97  ASP n 
1 98  ASP n 
1 99  ARG n 
1 100 LYS n 
1 101 VAL n 
1 102 LYS n 
1 103 SER n 
1 104 THR n 
1 105 ILE n 
1 106 THR n 
1 107 LEU n 
1 108 ASP n 
1 109 GLY n 
1 110 GLY n 
1 111 VAL n 
1 112 LEU n 
1 113 VAL n 
1 114 HIS n 
1 115 VAL n 
1 116 GLN n 
1 117 LYS n 
1 118 TRP n 
1 119 ASP n 
1 120 GLY n 
1 121 LYS n 
1 122 SER n 
1 123 THR n 
1 124 THR n 
1 125 ILE n 
1 126 LYS n 
1 127 ARG n 
1 128 LYS n 
1 129 ARG n 
1 130 GLU n 
1 131 ASP n 
1 132 ASP n 
1 133 LYS n 
1 134 LEU n 
1 135 VAL n 
1 136 VAL n 
1 137 GLU n 
1 138 CYS n 
1 139 VAL n 
1 140 MET n 
1 141 LYS n 
1 142 GLY n 
1 143 VAL n 
1 144 THR n 
1 145 SER n 
1 146 THR n 
1 147 ARG n 
1 148 VAL n 
1 149 TYR n 
1 150 GLU n 
1 151 ARG n 
1 152 ALA n 
# 
_entity_src_gen.entity_id                          1 
_entity_src_gen.pdbx_src_id                        1 
_entity_src_gen.pdbx_alt_source_flag               sample 
_entity_src_gen.pdbx_seq_type                      'Biological sequence' 
_entity_src_gen.pdbx_beg_seq_num                   1 
_entity_src_gen.pdbx_end_seq_num                   152 
_entity_src_gen.gene_src_common_name               Human 
_entity_src_gen.gene_src_genus                     ? 
_entity_src_gen.pdbx_gene_src_gene                 FABP4 
_entity_src_gen.gene_src_species                   ? 
_entity_src_gen.gene_src_strain                    ? 
_entity_src_gen.gene_src_tissue                    ? 
_entity_src_gen.gene_src_tissue_fraction           ? 
_entity_src_gen.gene_src_details                   ? 
_entity_src_gen.pdbx_gene_src_fragment             ? 
_entity_src_gen.pdbx_gene_src_scientific_name      'Homo sapiens' 
_entity_src_gen.pdbx_gene_src_ncbi_taxonomy_id     9606 
_entity_src_gen.pdbx_gene_src_variant              ? 
_entity_src_gen.pdbx_gene_src_cell_line            ? 
_entity_src_gen.pdbx_gene_src_atcc                 ? 
_entity_src_gen.pdbx_gene_src_organ                ? 
_entity_src_gen.pdbx_gene_src_organelle            ? 
_entity_src_gen.pdbx_gene_src_cell                 ? 
_entity_src_gen.pdbx_gene_src_cellular_location    ? 
_entity_src_gen.host_org_common_name               ? 
_entity_src_gen.pdbx_host_org_scientific_name      'Escherichia coli BL21(DE3)' 
_entity_src_gen.pdbx_host_org_ncbi_taxonomy_id     469008 
_entity_src_gen.host_org_genus                     ? 
_entity_src_gen.pdbx_host_org_gene                 ? 
_entity_src_gen.pdbx_host_org_organ                ? 
_entity_src_gen.host_org_species                   ? 
_entity_src_gen.pdbx_host_org_tissue               ? 
_entity_src_gen.pdbx_host_org_tissue_fraction      ? 
_entity_src_gen.pdbx_host_org_strain               'BL21(DE3)' 
_entity_src_gen.pdbx_host_org_variant              ? 
_entity_src_gen.pdbx_host_org_cell_line            ? 
_entity_src_gen.pdbx_host_org_atcc                 ? 
_entity_src_gen.pdbx_host_org_culture_collection   ? 
_entity_src_gen.pdbx_host_org_cell                 ? 
_entity_src_gen.pdbx_host_org_organelle            ? 
_entity_src_gen.pdbx_host_org_cellular_location    ? 
_entity_src_gen.pdbx_host_org_vector_type          ? 
_entity_src_gen.pdbx_host_org_vector               ? 
_entity_src_gen.host_org_details                   ? 
_entity_src_gen.expression_system_id               ? 
_entity_src_gen.plasmid_name                       ? 
_entity_src_gen.plasmid_details                    ? 
_entity_src_gen.pdbx_description                   ? 
# 
_struct_ref.id                         1 
_struct_ref.db_name                    UNP 
_struct_ref.db_code                    FABP4_HUMAN 
_struct_ref.pdbx_db_accession          P15090 
_struct_ref.pdbx_db_isoform            ? 
_struct_ref.entity_id                  1 
_struct_ref.pdbx_seq_one_letter_code   
;MCDAFVGTWKLVSSENFDDYMKEVGVGFATRKVAGMAKPNMIISVNGDVITIKSESTFKNTEISFILGQEFDEVTADDRK
VKSTITLDGGVLVHVQKWDGKSTTIKRKREDDKLVVECVMKGVTSTRVYERA
;
_struct_ref.pdbx_align_begin           1 
# 
_struct_ref_seq.align_id                      1 
_struct_ref_seq.ref_id                        1 
_struct_ref_seq.pdbx_PDB_id_code              6LJW 
_struct_ref_seq.pdbx_strand_id                A 
_struct_ref_seq.seq_align_beg                 21 
_struct_ref_seq.pdbx_seq_align_beg_ins_code   ? 
_struct_ref_seq.seq_align_end                 152 
_struct_ref_seq.pdbx_seq_align_end_ins_code   ? 
_struct_ref_seq.pdbx_db_accession             P15090 
_struct_ref_seq.db_align_beg                  1 
_struct_ref_seq.pdbx_db_align_beg_ins_code    ? 
_struct_ref_seq.db_align_end                  132 
_struct_ref_seq.pdbx_db_align_end_ins_code    ? 
_struct_ref_seq.pdbx_auth_seq_align_beg       0 
_struct_ref_seq.pdbx_auth_seq_align_end       131 
# 
loop_
_struct_ref_seq_dif.align_id 
_struct_ref_seq_dif.pdbx_pdb_id_code 
_struct_ref_seq_dif.mon_id 
_struct_ref_seq_dif.pdbx_pdb_strand_id 
_struct_ref_seq_dif.seq_num 
_struct_ref_seq_dif.pdbx_pdb_ins_code 
_struct_ref_seq_dif.pdbx_seq_db_name 
_struct_ref_seq_dif.pdbx_seq_db_accession_code 
_struct_ref_seq_dif.db_mon_id 
_struct_ref_seq_dif.pdbx_seq_db_seq_num 
_struct_ref_seq_dif.details 
_struct_ref_seq_dif.pdbx_auth_seq_num 
_struct_ref_seq_dif.pdbx_ordinal 
1 6LJW MET A 1  ? UNP P15090 ? ? 'expression tag' -20 1  
1 6LJW GLY A 2  ? UNP P15090 ? ? 'expression tag' -19 2  
1 6LJW SER A 3  ? UNP P15090 ? ? 'expression tag' -18 3  
1 6LJW SER A 4  ? UNP P15090 ? ? 'expression tag' -17 4  
1 6LJW HIS A 5  ? UNP P15090 ? ? 'expression tag' -16 5  
1 6LJW HIS A 6  ? UNP P15090 ? ? 'expression tag' -15 6  
1 6LJW HIS A 7  ? UNP P15090 ? ? 'expression tag' -14 7  
1 6LJW HIS A 8  ? UNP P15090 ? ? 'expression tag' -13 8  
1 6LJW HIS A 9  ? UNP P15090 ? ? 'expression tag' -12 9  
1 6LJW HIS A 10 ? UNP P15090 ? ? 'expression tag' -11 10 
1 6LJW SER A 11 ? UNP P15090 ? ? 'expression tag' -10 11 
1 6LJW SER A 12 ? UNP P15090 ? ? 'expression tag' -9  12 
1 6LJW GLY A 13 ? UNP P15090 ? ? 'expression tag' -8  13 
1 6LJW LEU A 14 ? UNP P15090 ? ? 'expression tag' -7  14 
1 6LJW VAL A 15 ? UNP P15090 ? ? 'expression tag' -6  15 
1 6LJW PRO A 16 ? UNP P15090 ? ? 'expression tag' -5  16 
1 6LJW ARG A 17 ? UNP P15090 ? ? 'expression tag' -4  17 
1 6LJW GLY A 18 ? UNP P15090 ? ? 'expression tag' -3  18 
1 6LJW SER A 19 ? UNP P15090 ? ? 'expression tag' -2  19 
1 6LJW HIS A 20 ? UNP P15090 ? ? 'expression tag' -1  20 
# 
loop_
_chem_comp.id 
_chem_comp.type 
_chem_comp.mon_nstd_flag 
_chem_comp.name 
_chem_comp.pdbx_synonyms 
_chem_comp.formula 
_chem_comp.formula_weight 
ALA 'L-peptide linking' y ALANINE                      ?                 'C3 H7 N O2'     89.093  
ARG 'L-peptide linking' y ARGININE                     ?                 'C6 H15 N4 O2 1' 175.209 
ASN 'L-peptide linking' y ASPARAGINE                   ?                 'C4 H8 N2 O3'    132.118 
ASP 'L-peptide linking' y 'ASPARTIC ACID'              ?                 'C4 H7 N O4'     133.103 
CYS 'L-peptide linking' y CYSTEINE                     ?                 'C3 H7 N O2 S'   121.158 
EDO non-polymer         . 1,2-ETHANEDIOL               'ETHYLENE GLYCOL' 'C2 H6 O2'       62.068  
EHO non-polymer         . '2-phenylazanylbenzoic acid' ?                 'C13 H11 N O2'   213.232 
GLN 'L-peptide linking' y GLUTAMINE                    ?                 'C5 H10 N2 O3'   146.144 
GLU 'L-peptide linking' y 'GLUTAMIC ACID'              ?                 'C5 H9 N O4'     147.129 
GLY 'peptide linking'   y GLYCINE                      ?                 'C2 H5 N O2'     75.067  
HIS 'L-peptide linking' y HISTIDINE                    ?                 'C6 H10 N3 O2 1' 156.162 
HOH non-polymer         . WATER                        ?                 'H2 O'           18.015  
ILE 'L-peptide linking' y ISOLEUCINE                   ?                 'C6 H13 N O2'    131.173 
LEU 'L-peptide linking' y LEUCINE                      ?                 'C6 H13 N O2'    131.173 
LYS 'L-peptide linking' y LYSINE                       ?                 'C6 H15 N2 O2 1' 147.195 
MET 'L-peptide linking' y METHIONINE                   ?                 'C5 H11 N O2 S'  149.211 
PHE 'L-peptide linking' y PHENYLALANINE                ?                 'C9 H11 N O2'    165.189 
PRO 'L-peptide linking' y PROLINE                      ?                 'C5 H9 N O2'     115.130 
SER 'L-peptide linking' y SERINE                       ?                 'C3 H7 N O3'     105.093 
THR 'L-peptide linking' y THREONINE                    ?                 'C4 H9 N O3'     119.119 
TRP 'L-peptide linking' y TRYPTOPHAN                   ?                 'C11 H12 N2 O2'  204.225 
TYR 'L-peptide linking' y TYROSINE                     ?                 'C9 H11 N O3'    181.189 
VAL 'L-peptide linking' y VALINE                       ?                 'C5 H11 N O2'    117.146 
# 
_exptl.absorpt_coefficient_mu     ? 
_exptl.absorpt_correction_T_max   ? 
_exptl.absorpt_correction_T_min   ? 
_exptl.absorpt_correction_type    ? 
_exptl.absorpt_process_details    ? 
_exptl.entry_id                   6LJW 
_exptl.crystals_number            1 
_exptl.details                    ? 
_exptl.method                     'X-RAY DIFFRACTION' 
_exptl.method_details             ? 
# 
_exptl_crystal.colour                      ? 
_exptl_crystal.density_diffrn              ? 
_exptl_crystal.density_Matthews            1.94 
_exptl_crystal.density_method              ? 
_exptl_crystal.density_percent_sol         36.50 
_exptl_crystal.description                 ? 
_exptl_crystal.F_000                       ? 
_exptl_crystal.id                          1 
_exptl_crystal.preparation                 ? 
_exptl_crystal.size_max                    ? 
_exptl_crystal.size_mid                    ? 
_exptl_crystal.size_min                    ? 
_exptl_crystal.size_rad                    ? 
_exptl_crystal.colour_lustre               ? 
_exptl_crystal.colour_modifier             ? 
_exptl_crystal.colour_primary              ? 
_exptl_crystal.density_meas                ? 
_exptl_crystal.density_meas_esd            ? 
_exptl_crystal.density_meas_gt             ? 
_exptl_crystal.density_meas_lt             ? 
_exptl_crystal.density_meas_temp           ? 
_exptl_crystal.density_meas_temp_esd       ? 
_exptl_crystal.density_meas_temp_gt        ? 
_exptl_crystal.density_meas_temp_lt        ? 
_exptl_crystal.pdbx_crystal_image_url      ? 
_exptl_crystal.pdbx_crystal_image_format   ? 
_exptl_crystal.pdbx_mosaicity              ? 
_exptl_crystal.pdbx_mosaicity_esd          ? 
# 
_exptl_crystal_grow.apparatus       ? 
_exptl_crystal_grow.atmosphere      ? 
_exptl_crystal_grow.crystal_id      1 
_exptl_crystal_grow.details         ? 
_exptl_crystal_grow.method          'VAPOR DIFFUSION, HANGING DROP' 
_exptl_crystal_grow.method_ref      ? 
_exptl_crystal_grow.pH              6.5 
_exptl_crystal_grow.pressure        ? 
_exptl_crystal_grow.pressure_esd    ? 
_exptl_crystal_grow.seeding         ? 
_exptl_crystal_grow.seeding_ref     ? 
_exptl_crystal_grow.temp            293 
_exptl_crystal_grow.temp_details    ? 
_exptl_crystal_grow.temp_esd        ? 
_exptl_crystal_grow.time            ? 
_exptl_crystal_grow.pdbx_details    '1.6M trisodium citrate, PH 6.5' 
_exptl_crystal_grow.pdbx_pH_range   ? 
# 
_diffrn.ambient_environment              ? 
_diffrn.ambient_temp                     100 
_diffrn.ambient_temp_details             ? 
_diffrn.ambient_temp_esd                 ? 
_diffrn.crystal_id                       1 
_diffrn.crystal_support                  ? 
_diffrn.crystal_treatment                ? 
_diffrn.details                          ? 
_diffrn.id                               1 
_diffrn.ambient_pressure                 ? 
_diffrn.ambient_pressure_esd             ? 
_diffrn.ambient_pressure_gt              ? 
_diffrn.ambient_pressure_lt              ? 
_diffrn.ambient_temp_gt                  ? 
_diffrn.ambient_temp_lt                  ? 
_diffrn.pdbx_serial_crystal_experiment   N 
# 
_diffrn_detector.details                      ? 
_diffrn_detector.detector                     PIXEL 
_diffrn_detector.diffrn_id                    1 
_diffrn_detector.type                         'DECTRIS PILATUS3 S 6M' 
_diffrn_detector.area_resol_mean              ? 
_diffrn_detector.dtime                        ? 
_diffrn_detector.pdbx_frames_total            ? 
_diffrn_detector.pdbx_collection_time_total   ? 
_diffrn_detector.pdbx_collection_date         2019-05-03 
_diffrn_detector.pdbx_frequency               ? 
# 
_diffrn_radiation.collimation                      ? 
_diffrn_radiation.diffrn_id                        1 
_diffrn_radiation.filter_edge                      ? 
_diffrn_radiation.inhomogeneity                    ? 
_diffrn_radiation.monochromator                    ? 
_diffrn_radiation.polarisn_norm                    ? 
_diffrn_radiation.polarisn_ratio                   ? 
_diffrn_radiation.probe                            ? 
_diffrn_radiation.type                             ? 
_diffrn_radiation.xray_symbol                      ? 
_diffrn_radiation.wavelength_id                    1 
_diffrn_radiation.pdbx_monochromatic_or_laue_m_l   M 
_diffrn_radiation.pdbx_wavelength_list             ? 
_diffrn_radiation.pdbx_wavelength                  ? 
_diffrn_radiation.pdbx_diffrn_protocol             'SINGLE WAVELENGTH' 
_diffrn_radiation.pdbx_analyzer                    ? 
_diffrn_radiation.pdbx_scattering_type             x-ray 
# 
_diffrn_radiation_wavelength.id           1 
_diffrn_radiation_wavelength.wavelength   0.979 
_diffrn_radiation_wavelength.wt           1.0 
# 
_diffrn_source.current                     ? 
_diffrn_source.details                     ? 
_diffrn_source.diffrn_id                   1 
_diffrn_source.power                       ? 
_diffrn_source.size                        ? 
_diffrn_source.source                      SYNCHROTRON 
_diffrn_source.target                      ? 
_diffrn_source.type                        'SSRF BEAMLINE BL18U1' 
_diffrn_source.voltage                     ? 
_diffrn_source.take-off_angle              ? 
_diffrn_source.pdbx_wavelength_list        0.979 
_diffrn_source.pdbx_wavelength             ? 
_diffrn_source.pdbx_synchrotron_beamline   BL18U1 
_diffrn_source.pdbx_synchrotron_site       SSRF 
# 
_reflns.B_iso_Wilson_estimate            13.600 
_reflns.entry_id                         6LJW 
_reflns.data_reduction_details           ? 
_reflns.data_reduction_method            ? 
_reflns.d_resolution_high                1.350 
_reflns.d_resolution_low                 50.000 
_reflns.details                          ? 
_reflns.limit_h_max                      ? 
_reflns.limit_h_min                      ? 
_reflns.limit_k_max                      ? 
_reflns.limit_k_min                      ? 
_reflns.limit_l_max                      ? 
_reflns.limit_l_min                      ? 
_reflns.number_all                       ? 
_reflns.number_obs                       29409 
_reflns.observed_criterion               ? 
_reflns.observed_criterion_F_max         ? 
_reflns.observed_criterion_F_min         ? 
_reflns.observed_criterion_I_max         ? 
_reflns.observed_criterion_I_min         ? 
_reflns.observed_criterion_sigma_F       ? 
_reflns.observed_criterion_sigma_I       ? 
_reflns.percent_possible_obs             99.000 
_reflns.R_free_details                   ? 
_reflns.Rmerge_F_all                     ? 
_reflns.Rmerge_F_obs                     ? 
_reflns.Friedel_coverage                 ? 
_reflns.number_gt                        ? 
_reflns.threshold_expression             ? 
_reflns.pdbx_redundancy                  12.000 
_reflns.pdbx_Rmerge_I_obs                0.050 
_reflns.pdbx_Rmerge_I_all                ? 
_reflns.pdbx_Rsym_value                  ? 
_reflns.pdbx_netI_over_av_sigmaI         ? 
_reflns.pdbx_netI_over_sigmaI            8.000 
_reflns.pdbx_res_netI_over_av_sigmaI_2   ? 
_reflns.pdbx_res_netI_over_sigmaI_2      ? 
_reflns.pdbx_chi_squared                 0.999 
_reflns.pdbx_scaling_rejects             ? 
_reflns.pdbx_d_res_high_opt              ? 
_reflns.pdbx_d_res_low_opt               ? 
_reflns.pdbx_d_res_opt_method            ? 
_reflns.phase_calculation_details        ? 
_reflns.pdbx_Rrim_I_all                  0.053 
_reflns.pdbx_Rpim_I_all                  0.015 
_reflns.pdbx_d_opt                       ? 
_reflns.pdbx_number_measured_all         353338 
_reflns.pdbx_diffrn_id                   1 
_reflns.pdbx_ordinal                     1 
_reflns.pdbx_CC_half                     ? 
_reflns.pdbx_CC_star                     ? 
_reflns.pdbx_R_split                     ? 
# 
loop_
_reflns_shell.d_res_high 
_reflns_shell.d_res_low 
_reflns_shell.meanI_over_sigI_all 
_reflns_shell.meanI_over_sigI_obs 
_reflns_shell.number_measured_all 
_reflns_shell.number_measured_obs 
_reflns_shell.number_possible 
_reflns_shell.number_unique_all 
_reflns_shell.number_unique_obs 
_reflns_shell.percent_possible_all 
_reflns_shell.percent_possible_obs 
_reflns_shell.Rmerge_F_all 
_reflns_shell.Rmerge_F_obs 
_reflns_shell.Rmerge_I_all 
_reflns_shell.Rmerge_I_obs 
_reflns_shell.meanI_over_sigI_gt 
_reflns_shell.meanI_over_uI_all 
_reflns_shell.meanI_over_uI_gt 
_reflns_shell.number_measured_gt 
_reflns_shell.number_unique_gt 
_reflns_shell.percent_possible_gt 
_reflns_shell.Rmerge_F_gt 
_reflns_shell.Rmerge_I_gt 
_reflns_shell.pdbx_redundancy 
_reflns_shell.pdbx_Rsym_value 
_reflns_shell.pdbx_chi_squared 
_reflns_shell.pdbx_netI_over_sigmaI_all 
_reflns_shell.pdbx_netI_over_sigmaI_obs 
_reflns_shell.pdbx_Rrim_I_all 
_reflns_shell.pdbx_Rpim_I_all 
_reflns_shell.pdbx_rejects 
_reflns_shell.pdbx_ordinal 
_reflns_shell.pdbx_diffrn_id 
_reflns_shell.pdbx_CC_half 
_reflns_shell.pdbx_CC_star 
_reflns_shell.pdbx_R_split 
1.350 1.370  ? ? ? ? ? ? 1290 89.300  ? ? ? ? 0.386 ? ? ? ? ? ? ? ? 7.400  ? 0.977 ? ? 0.414 0.144 ? 1  1 0.940 ? ? 
1.370 1.400  ? ? ? ? ? ? 1431 96.600  ? ? ? ? 0.380 ? ? ? ? ? ? ? ? 8.800  ? 0.976 ? ? 0.403 0.130 ? 2  1 0.957 ? ? 
1.400 1.430  ? ? ? ? ? ? 1430 98.600  ? ? ? ? 0.352 ? ? ? ? ? ? ? ? 10.800 ? 0.986 ? ? 0.369 0.110 ? 3  1 0.981 ? ? 
1.430 1.450  ? ? ? ? ? ? 1431 99.100  ? ? ? ? 0.320 ? ? ? ? ? ? ? ? 11.600 ? 1.013 ? ? 0.335 0.096 ? 4  1 0.982 ? ? 
1.450 1.490  ? ? ? ? ? ? 1461 99.500  ? ? ? ? 0.307 ? ? ? ? ? ? ? ? 11.800 ? 1.027 ? ? 0.320 0.092 ? 5  1 0.984 ? ? 
1.490 1.520  ? ? ? ? ? ? 1436 99.200  ? ? ? ? 0.275 ? ? ? ? ? ? ? ? 12.000 ? 1.027 ? ? 0.287 0.082 ? 6  1 0.987 ? ? 
1.520 1.560  ? ? ? ? ? ? 1471 99.100  ? ? ? ? 0.237 ? ? ? ? ? ? ? ? 11.900 ? 1.042 ? ? 0.247 0.071 ? 7  1 0.990 ? ? 
1.560 1.600  ? ? ? ? ? ? 1444 99.300  ? ? ? ? 0.210 ? ? ? ? ? ? ? ? 11.800 ? 1.093 ? ? 0.219 0.063 ? 8  1 0.992 ? ? 
1.600 1.650  ? ? ? ? ? ? 1463 99.500  ? ? ? ? 0.194 ? ? ? ? ? ? ? ? 13.100 ? 1.076 ? ? 0.202 0.055 ? 9  1 0.994 ? ? 
1.650 1.700  ? ? ? ? ? ? 1474 99.600  ? ? ? ? 0.181 ? ? ? ? ? ? ? ? 13.300 ? 1.050 ? ? 0.189 0.051 ? 10 1 0.995 ? ? 
1.700 1.760  ? ? ? ? ? ? 1454 99.800  ? ? ? ? 0.145 ? ? ? ? ? ? ? ? 12.900 ? 1.047 ? ? 0.151 0.041 ? 11 1 0.996 ? ? 
1.760 1.830  ? ? ? ? ? ? 1472 99.800  ? ? ? ? 0.124 ? ? ? ? ? ? ? ? 12.600 ? 1.059 ? ? 0.130 0.036 ? 12 1 0.997 ? ? 
1.830 1.920  ? ? ? ? ? ? 1499 99.900  ? ? ? ? 0.095 ? ? ? ? ? ? ? ? 12.100 ? 1.055 ? ? 0.099 0.028 ? 13 1 0.998 ? ? 
1.920 2.020  ? ? ? ? ? ? 1475 99.900  ? ? ? ? 0.077 ? ? ? ? ? ? ? ? 13.400 ? 1.065 ? ? 0.080 0.022 ? 14 1 0.999 ? ? 
2.020 2.140  ? ? ? ? ? ? 1475 100.000 ? ? ? ? 0.065 ? ? ? ? ? ? ? ? 13.200 ? 1.079 ? ? 0.068 0.018 ? 15 1 0.999 ? ? 
2.140 2.310  ? ? ? ? ? ? 1508 100.000 ? ? ? ? 0.055 ? ? ? ? ? ? ? ? 12.800 ? 1.016 ? ? 0.057 0.016 ? 16 1 0.999 ? ? 
2.310 2.540  ? ? ? ? ? ? 1494 100.000 ? ? ? ? 0.048 ? ? ? ? ? ? ? ? 12.500 ? 0.960 ? ? 0.050 0.014 ? 17 1 0.999 ? ? 
2.540 2.910  ? ? ? ? ? ? 1523 100.000 ? ? ? ? 0.041 ? ? ? ? ? ? ? ? 13.300 ? 0.886 ? ? 0.043 0.012 ? 18 1 0.999 ? ? 
2.910 3.660  ? ? ? ? ? ? 1538 100.000 ? ? ? ? 0.031 ? ? ? ? ? ? ? ? 12.200 ? 0.843 ? ? 0.032 0.009 ? 19 1 0.999 ? ? 
3.660 50.000 ? ? ? ? ? ? 1640 99.800  ? ? ? ? 0.026 ? ? ? ? ? ? ? ? 12.200 ? 0.707 ? ? 0.027 0.008 ? 20 1 0.999 ? ? 
# 
_refine.aniso_B[1][1]                            ? 
_refine.aniso_B[1][2]                            ? 
_refine.aniso_B[1][3]                            ? 
_refine.aniso_B[2][2]                            ? 
_refine.aniso_B[2][3]                            ? 
_refine.aniso_B[3][3]                            ? 
_refine.B_iso_max                                39.870 
_refine.B_iso_mean                               17.2332 
_refine.B_iso_min                                8.290 
_refine.correlation_coeff_Fo_to_Fc               ? 
_refine.correlation_coeff_Fo_to_Fc_free          ? 
_refine.details                                  ? 
_refine.diff_density_max                         ? 
_refine.diff_density_max_esd                     ? 
_refine.diff_density_min                         ? 
_refine.diff_density_min_esd                     ? 
_refine.diff_density_rms                         ? 
_refine.diff_density_rms_esd                     ? 
_refine.entry_id                                 6LJW 
_refine.pdbx_refine_id                           'X-RAY DIFFRACTION' 
_refine.ls_abs_structure_details                 ? 
_refine.ls_abs_structure_Flack                   ? 
_refine.ls_abs_structure_Flack_esd               ? 
_refine.ls_abs_structure_Rogers                  ? 
_refine.ls_abs_structure_Rogers_esd              ? 
_refine.ls_d_res_high                            1.4000 
_refine.ls_d_res_low                             30.8580 
_refine.ls_extinction_coef                       ? 
_refine.ls_extinction_coef_esd                   ? 
_refine.ls_extinction_expression                 ? 
_refine.ls_extinction_method                     ? 
_refine.ls_goodness_of_fit_all                   ? 
_refine.ls_goodness_of_fit_all_esd               ? 
_refine.ls_goodness_of_fit_obs                   ? 
_refine.ls_goodness_of_fit_obs_esd               ? 
_refine.ls_hydrogen_treatment                    ? 
_refine.ls_matrix_type                           ? 
_refine.ls_number_constraints                    ? 
_refine.ls_number_parameters                     ? 
_refine.ls_number_reflns_all                     ? 
_refine.ls_number_reflns_obs                     26374 
_refine.ls_number_reflns_R_free                  1318 
_refine.ls_number_reflns_R_work                  ? 
_refine.ls_number_restraints                     ? 
_refine.ls_percent_reflns_obs                    99.0900 
_refine.ls_percent_reflns_R_free                 5.0000 
_refine.ls_R_factor_all                          ? 
_refine.ls_R_factor_obs                          0.1994 
_refine.ls_R_factor_R_free                       0.2316 
_refine.ls_R_factor_R_free_error                 ? 
_refine.ls_R_factor_R_free_error_details         ? 
_refine.ls_R_factor_R_work                       0.1976 
_refine.ls_R_Fsqd_factor_obs                     ? 
_refine.ls_R_I_factor_obs                        ? 
_refine.ls_redundancy_reflns_all                 ? 
_refine.ls_redundancy_reflns_obs                 ? 
_refine.ls_restrained_S_all                      ? 
_refine.ls_restrained_S_obs                      ? 
_refine.ls_shift_over_esd_max                    ? 
_refine.ls_shift_over_esd_mean                   ? 
_refine.ls_structure_factor_coef                 ? 
_refine.ls_weighting_details                     ? 
_refine.ls_weighting_scheme                      ? 
_refine.ls_wR_factor_all                         ? 
_refine.ls_wR_factor_obs                         ? 
_refine.ls_wR_factor_R_free                      ? 
_refine.ls_wR_factor_R_work                      ? 
_refine.occupancy_max                            ? 
_refine.occupancy_min                            ? 
_refine.solvent_model_details                    ? 
_refine.solvent_model_param_bsol                 ? 
_refine.solvent_model_param_ksol                 ? 
_refine.pdbx_R_complete                          ? 
_refine.ls_R_factor_gt                           ? 
_refine.ls_goodness_of_fit_gt                    ? 
_refine.ls_goodness_of_fit_ref                   ? 
_refine.ls_shift_over_su_max                     ? 
_refine.ls_shift_over_su_max_lt                  ? 
_refine.ls_shift_over_su_mean                    ? 
_refine.ls_shift_over_su_mean_lt                 ? 
_refine.pdbx_ls_sigma_I                          ? 
_refine.pdbx_ls_sigma_F                          1.360 
_refine.pdbx_ls_sigma_Fsqd                       ? 
_refine.pdbx_data_cutoff_high_absF               ? 
_refine.pdbx_data_cutoff_high_rms_absF           ? 
_refine.pdbx_data_cutoff_low_absF                ? 
_refine.pdbx_isotropic_thermal_model             ? 
_refine.pdbx_ls_cross_valid_method               THROUGHOUT 
_refine.pdbx_method_to_determine_struct          'MOLECULAR REPLACEMENT' 
_refine.pdbx_starting_model                      4NNT 
_refine.pdbx_stereochemistry_target_values       ? 
_refine.pdbx_R_Free_selection_details            ? 
_refine.pdbx_stereochem_target_val_spec_case     ? 
_refine.pdbx_overall_ESU_R                       ? 
_refine.pdbx_overall_ESU_R_Free                  ? 
_refine.pdbx_solvent_vdw_probe_radii             1.1100 
_refine.pdbx_solvent_ion_probe_radii             ? 
_refine.pdbx_solvent_shrinkage_radii             0.9000 
_refine.pdbx_real_space_R                        ? 
_refine.pdbx_density_correlation                 ? 
_refine.pdbx_pd_number_of_powder_patterns        ? 
_refine.pdbx_pd_number_of_points                 ? 
_refine.pdbx_pd_meas_number_of_points            ? 
_refine.pdbx_pd_proc_ls_prof_R_factor            ? 
_refine.pdbx_pd_proc_ls_prof_wR_factor           ? 
_refine.pdbx_pd_Marquardt_correlation_coeff      ? 
_refine.pdbx_pd_Fsqrd_R_factor                   ? 
_refine.pdbx_pd_ls_matrix_band_width             ? 
_refine.pdbx_overall_phase_error                 22.7600 
_refine.pdbx_overall_SU_R_free_Cruickshank_DPI   ? 
_refine.pdbx_overall_SU_R_free_Blow_DPI          ? 
_refine.pdbx_overall_SU_R_Blow_DPI               ? 
_refine.pdbx_TLS_residual_ADP_flag               ? 
_refine.pdbx_diffrn_id                           1 
_refine.overall_SU_B                             ? 
_refine.overall_SU_ML                            0.1400 
_refine.overall_SU_R_Cruickshank_DPI             ? 
_refine.overall_SU_R_free                        ? 
_refine.overall_FOM_free_R_set                   ? 
_refine.overall_FOM_work_R_set                   ? 
_refine.pdbx_average_fsc_overall                 ? 
_refine.pdbx_average_fsc_work                    ? 
_refine.pdbx_average_fsc_free                    ? 
# 
_refine_hist.pdbx_refine_id                   'X-RAY DIFFRACTION' 
_refine_hist.cycle_id                         final 
_refine_hist.details                          ? 
_refine_hist.d_res_high                       1.4000 
_refine_hist.d_res_low                        30.8580 
_refine_hist.number_atoms_solvent             108 
_refine_hist.number_atoms_total               1204 
_refine_hist.number_reflns_all                ? 
_refine_hist.number_reflns_obs                ? 
_refine_hist.number_reflns_R_free             ? 
_refine_hist.number_reflns_R_work             ? 
_refine_hist.R_factor_all                     ? 
_refine_hist.R_factor_obs                     ? 
_refine_hist.R_factor_R_free                  ? 
_refine_hist.R_factor_R_work                  ? 
_refine_hist.pdbx_number_residues_total       136 
_refine_hist.pdbx_B_iso_mean_ligand           20.30 
_refine_hist.pdbx_B_iso_mean_solvent          25.24 
_refine_hist.pdbx_number_atoms_protein        1060 
_refine_hist.pdbx_number_atoms_nucleic_acid   0 
_refine_hist.pdbx_number_atoms_ligand         36 
_refine_hist.pdbx_number_atoms_lipid          ? 
_refine_hist.pdbx_number_atoms_carb           ? 
_refine_hist.pdbx_pseudo_atom_details         ? 
# 
loop_
_refine_ls_restr.pdbx_refine_id 
_refine_ls_restr.criterion 
_refine_ls_restr.dev_ideal 
_refine_ls_restr.dev_ideal_target 
_refine_ls_restr.number 
_refine_ls_restr.rejects 
_refine_ls_restr.type 
_refine_ls_restr.weight 
_refine_ls_restr.pdbx_restraint_function 
'X-RAY DIFFRACTION' ? 0.006 ? 1111 ? f_bond_d           ? ? 
'X-RAY DIFFRACTION' ? 0.764 ? 1488 ? f_angle_d          ? ? 
'X-RAY DIFFRACTION' ? 0.075 ? 167  ? f_chiral_restr     ? ? 
'X-RAY DIFFRACTION' ? 0.004 ? 187  ? f_plane_restr      ? ? 
'X-RAY DIFFRACTION' ? 4.044 ? 431  ? f_dihedral_angle_d ? ? 
# 
loop_
_refine_ls_shell.pdbx_refine_id 
_refine_ls_shell.d_res_high 
_refine_ls_shell.d_res_low 
_refine_ls_shell.number_reflns_all 
_refine_ls_shell.number_reflns_obs 
_refine_ls_shell.number_reflns_R_free 
_refine_ls_shell.number_reflns_R_work 
_refine_ls_shell.percent_reflns_obs 
_refine_ls_shell.percent_reflns_R_free 
_refine_ls_shell.R_factor_all 
_refine_ls_shell.R_factor_obs 
_refine_ls_shell.R_factor_R_free 
_refine_ls_shell.R_factor_R_free_error 
_refine_ls_shell.R_factor_R_work 
_refine_ls_shell.redundancy_reflns_all 
_refine_ls_shell.redundancy_reflns_obs 
_refine_ls_shell.wR_factor_all 
_refine_ls_shell.wR_factor_obs 
_refine_ls_shell.wR_factor_R_free 
_refine_ls_shell.wR_factor_R_work 
_refine_ls_shell.pdbx_R_complete 
_refine_ls_shell.pdbx_total_number_of_bins_used 
_refine_ls_shell.pdbx_phase_error 
_refine_ls_shell.pdbx_fsc_work 
_refine_ls_shell.pdbx_fsc_free 
'X-RAY DIFFRACTION' 1.4000 1.4561  . . 117 2612 94.0000  . . . 0.2450 0.0000 0.2127 . . . . . . . . . . . 
'X-RAY DIFFRACTION' 1.4561 1.5223  . . 142 2742 99.0000  . . . 0.2545 0.0000 0.2088 . . . . . . . . . . . 
'X-RAY DIFFRACTION' 1.5223 1.6026  . . 131 2745 99.0000  . . . 0.2352 0.0000 0.1981 . . . . . . . . . . . 
'X-RAY DIFFRACTION' 1.6026 1.7030  . . 116 2809 100.0000 . . . 0.2272 0.0000 0.2001 . . . . . . . . . . . 
'X-RAY DIFFRACTION' 1.7030 1.8345  . . 142 2763 100.0000 . . . 0.2234 0.0000 0.2008 . . . . . . . . . . . 
'X-RAY DIFFRACTION' 1.8345 2.0191  . . 162 2802 100.0000 . . . 0.2234 0.0000 0.1936 . . . . . . . . . . . 
'X-RAY DIFFRACTION' 2.0191 2.3111  . . 166 2788 100.0000 . . . 0.2299 0.0000 0.1938 . . . . . . . . . . . 
'X-RAY DIFFRACTION' 2.3111 2.9114  . . 172 2823 100.0000 . . . 0.2603 0.0000 0.2101 . . . . . . . . . . . 
'X-RAY DIFFRACTION' 2.9114 30.8580 . . 170 2972 100.0000 . . . 0.2170 0.0000 0.1899 . . . . . . . . . . . 
# 
_struct.entry_id                     6LJW 
_struct.title                        'Crystal structure of human FABP4 in complex with a novel inhibitor' 
_struct.pdbx_model_details           ? 
_struct.pdbx_formula_weight          ? 
_struct.pdbx_formula_weight_method   ? 
_struct.pdbx_model_type_details      ? 
_struct.pdbx_CASP_flag               N 
# 
_struct_keywords.entry_id        6LJW 
_struct_keywords.text            'FABP4, inhibitor, complex, LIPID BINDING PROTEIN' 
_struct_keywords.pdbx_keywords   'LIPID BINDING PROTEIN' 
# 
loop_
_struct_asym.id 
_struct_asym.pdbx_blank_PDB_chainid_flag 
_struct_asym.pdbx_modified 
_struct_asym.entity_id 
_struct_asym.details 
A N N 1 ? 
B N N 2 ? 
C N N 3 ? 
D N N 4 ? 
# 
loop_
_struct_conf.conf_type_id 
_struct_conf.id 
_struct_conf.pdbx_PDB_helix_id 
_struct_conf.beg_label_comp_id 
_struct_conf.beg_label_asym_id 
_struct_conf.beg_label_seq_id 
_struct_conf.pdbx_beg_PDB_ins_code 
_struct_conf.end_label_comp_id 
_struct_conf.end_label_asym_id 
_struct_conf.end_label_seq_id 
_struct_conf.pdbx_end_PDB_ins_code 
_struct_conf.beg_auth_comp_id 
_struct_conf.beg_auth_asym_id 
_struct_conf.beg_auth_seq_id 
_struct_conf.end_auth_comp_id 
_struct_conf.end_auth_asym_id 
_struct_conf.end_auth_seq_id 
_struct_conf.pdbx_PDB_helix_class 
_struct_conf.details 
_struct_conf.pdbx_PDB_helix_length 
HELX_P HELX_P1 AA1 HIS A 20 ? VAL A 26 ? HIS A -1 VAL A 5  5 ? 7  
HELX_P HELX_P2 AA2 ASN A 36 ? GLY A 45 ? ASN A 15 GLY A 24 1 ? 10 
HELX_P HELX_P3 AA3 GLY A 47 ? ALA A 57 ? GLY A 26 ALA A 36 1 ? 11 
# 
_struct_conf_type.id          HELX_P 
_struct_conf_type.criteria    ? 
_struct_conf_type.reference   ? 
# 
_struct_sheet.id               AA1 
_struct_sheet.type             ? 
_struct_sheet.number_strands   10 
_struct_sheet.details          ? 
# 
loop_
_struct_sheet_order.sheet_id 
_struct_sheet_order.range_id_1 
_struct_sheet_order.range_id_2 
_struct_sheet_order.offset 
_struct_sheet_order.sense 
AA1 1 2  ? anti-parallel 
AA1 2 3  ? anti-parallel 
AA1 3 4  ? anti-parallel 
AA1 4 5  ? anti-parallel 
AA1 5 6  ? anti-parallel 
AA1 6 7  ? anti-parallel 
AA1 7 8  ? anti-parallel 
AA1 8 9  ? anti-parallel 
AA1 9 10 ? anti-parallel 
# 
loop_
_struct_sheet_range.sheet_id 
_struct_sheet_range.id 
_struct_sheet_range.beg_label_comp_id 
_struct_sheet_range.beg_label_asym_id 
_struct_sheet_range.beg_label_seq_id 
_struct_sheet_range.pdbx_beg_PDB_ins_code 
_struct_sheet_range.end_label_comp_id 
_struct_sheet_range.end_label_asym_id 
_struct_sheet_range.end_label_seq_id 
_struct_sheet_range.pdbx_end_PDB_ins_code 
_struct_sheet_range.beg_auth_comp_id 
_struct_sheet_range.beg_auth_asym_id 
_struct_sheet_range.beg_auth_seq_id 
_struct_sheet_range.end_auth_comp_id 
_struct_sheet_range.end_auth_asym_id 
_struct_sheet_range.end_auth_seq_id 
AA1 1  ASN A 80  ? ILE A 86  ? ASN A 59  ILE A 65  
AA1 2  VAL A 69  ? GLU A 75  ? VAL A 48  GLU A 54  
AA1 3  ASN A 60  ? ASN A 66  ? ASN A 39  ASN A 45  
AA1 4  GLY A 27  ? GLU A 35  ? GLY A 6   GLU A 14  
AA1 5  VAL A 143 ? ARG A 151 ? VAL A 122 ARG A 130 
AA1 6  LYS A 133 ? MET A 140 ? LYS A 112 MET A 119 
AA1 7  LYS A 121 ? GLU A 130 ? LYS A 100 GLU A 109 
AA1 8  VAL A 111 ? TRP A 118 ? VAL A 90  TRP A 97  
AA1 9  LYS A 100 ? ASP A 108 ? LYS A 79  ASP A 87  
AA1 10 PHE A 91  ? VAL A 94  ? PHE A 70  VAL A 73  
# 
loop_
_pdbx_struct_sheet_hbond.sheet_id 
_pdbx_struct_sheet_hbond.range_id_1 
_pdbx_struct_sheet_hbond.range_id_2 
_pdbx_struct_sheet_hbond.range_1_label_atom_id 
_pdbx_struct_sheet_hbond.range_1_label_comp_id 
_pdbx_struct_sheet_hbond.range_1_label_asym_id 
_pdbx_struct_sheet_hbond.range_1_label_seq_id 
_pdbx_struct_sheet_hbond.range_1_PDB_ins_code 
_pdbx_struct_sheet_hbond.range_1_auth_atom_id 
_pdbx_struct_sheet_hbond.range_1_auth_comp_id 
_pdbx_struct_sheet_hbond.range_1_auth_asym_id 
_pdbx_struct_sheet_hbond.range_1_auth_seq_id 
_pdbx_struct_sheet_hbond.range_2_label_atom_id 
_pdbx_struct_sheet_hbond.range_2_label_comp_id 
_pdbx_struct_sheet_hbond.range_2_label_asym_id 
_pdbx_struct_sheet_hbond.range_2_label_seq_id 
_pdbx_struct_sheet_hbond.range_2_PDB_ins_code 
_pdbx_struct_sheet_hbond.range_2_auth_atom_id 
_pdbx_struct_sheet_hbond.range_2_auth_comp_id 
_pdbx_struct_sheet_hbond.range_2_auth_asym_id 
_pdbx_struct_sheet_hbond.range_2_auth_seq_id 
AA1 1 2  O PHE A 85  ? O PHE A 64  N ILE A 70  ? N ILE A 49  
AA1 2 3  O THR A 71  ? O THR A 50  N SER A 64  ? N SER A 43  
AA1 3 4  O MET A 61  ? O MET A 40  N TRP A 29  ? N TRP A 8   
AA1 4 5  N VAL A 32  ? N VAL A 11  O VAL A 148 ? O VAL A 127 
AA1 5 6  O ARG A 147 ? O ARG A 126 N VAL A 136 ? N VAL A 115 
AA1 6 7  O VAL A 135 ? O VAL A 114 N LYS A 128 ? N LYS A 107 
AA1 7 8  O LYS A 121 ? O LYS A 100 N TRP A 118 ? N TRP A 97  
AA1 8 9  O VAL A 113 ? O VAL A 92  N THR A 106 ? N THR A 85  
AA1 9 10 O VAL A 101 ? O VAL A 80  N GLU A 93  ? N GLU A 72  
# 
loop_
_struct_site.id 
_struct_site.pdbx_evidence_code 
_struct_site.pdbx_auth_asym_id 
_struct_site.pdbx_auth_comp_id 
_struct_site.pdbx_auth_seq_id 
_struct_site.pdbx_auth_ins_code 
_struct_site.pdbx_num_residues 
_struct_site.details 
AC1 Software A EHO 201 ? 14 'binding site for residue EHO A 201' 
AC2 Software A EDO 202 ? 5  'binding site for residue EDO A 202' 
# 
loop_
_struct_site_gen.id 
_struct_site_gen.site_id 
_struct_site_gen.pdbx_num_res 
_struct_site_gen.label_comp_id 
_struct_site_gen.label_asym_id 
_struct_site_gen.label_seq_id 
_struct_site_gen.pdbx_auth_ins_code 
_struct_site_gen.auth_comp_id 
_struct_site_gen.auth_asym_id 
_struct_site_gen.auth_seq_id 
_struct_site_gen.label_atom_id 
_struct_site_gen.label_alt_id 
_struct_site_gen.symmetry 
_struct_site_gen.details 
1  AC1 14 PHE A 37  ? PHE A 16  . ? 1_555 ? 
2  AC1 14 MET A 41  ? MET A 20  . ? 1_555 ? 
3  AC1 14 ALA A 54  ? ALA A 33  . ? 1_555 ? 
4  AC1 14 PRO A 59  ? PRO A 38  . ? 1_555 ? 
5  AC1 14 SER A 74  ? SER A 53  . ? 1_555 ? 
6  AC1 14 THR A 81  ? THR A 60  . ? 1_555 ? 
7  AC1 14 ALA A 96  ? ALA A 75  . ? 1_555 ? 
8  AC1 14 ASP A 97  ? ASP A 76  . ? 1_555 ? 
9  AC1 14 ARG A 99  ? ARG A 78  . ? 1_555 ? 
10 AC1 14 ARG A 127 ? ARG A 106 . ? 1_555 ? 
11 AC1 14 ARG A 147 ? ARG A 126 . ? 1_555 ? 
12 AC1 14 TYR A 149 ? TYR A 128 . ? 1_555 ? 
13 AC1 14 HOH D .   ? HOH A 360 . ? 1_555 ? 
14 AC1 14 HOH D .   ? HOH A 375 . ? 1_555 ? 
15 AC2 5  ILE A 72  ? ILE A 51  . ? 1_555 ? 
16 AC2 5  THR A 81  ? THR A 60  . ? 1_555 ? 
17 AC2 5  ARG A 127 ? ARG A 106 . ? 1_555 ? 
18 AC2 5  HOH D .   ? HOH A 304 . ? 1_555 ? 
19 AC2 5  HOH D .   ? HOH A 349 . ? 1_555 ? 
# 
_atom_sites.entry_id                    6LJW 
_atom_sites.Cartn_transf_matrix[1][1]   ? 
_atom_sites.Cartn_transf_matrix[1][2]   ? 
_atom_sites.Cartn_transf_matrix[1][3]   ? 
_atom_sites.Cartn_transf_matrix[2][1]   ? 
_atom_sites.Cartn_transf_matrix[2][2]   ? 
_atom_sites.Cartn_transf_matrix[2][3]   ? 
_atom_sites.Cartn_transf_matrix[3][1]   ? 
_atom_sites.Cartn_transf_matrix[3][2]   ? 
_atom_sites.Cartn_transf_matrix[3][3]   ? 
_atom_sites.Cartn_transf_vector[1]      ? 
_atom_sites.Cartn_transf_vector[2]      ? 
_atom_sites.Cartn_transf_vector[3]      ? 
_atom_sites.fract_transf_matrix[1][1]   -0.00025482 
_atom_sites.fract_transf_matrix[1][2]   0.02643706 
_atom_sites.fract_transf_matrix[1][3]   -0.01611405 
_atom_sites.fract_transf_matrix[2][1]   -0.00771873 
_atom_sites.fract_transf_matrix[2][2]   0.00872879 
_atom_sites.fract_transf_matrix[2][3]   0.01444270 
_atom_sites.fract_transf_matrix[3][1]   0.01207983 
_atom_sites.fract_transf_matrix[3][2]   0.00296078 
_atom_sites.fract_transf_matrix[3][3]   0.00466650 
_atom_sites.fract_transf_vector[1]      0.237832 
_atom_sites.fract_transf_vector[2]      -0.184918 
_atom_sites.fract_transf_vector[3]      -0.193393 
_atom_sites.solution_primary            ? 
_atom_sites.solution_secondary          ? 
_atom_sites.solution_hydrogens          ? 
_atom_sites.special_details             ? 
# 
loop_
_atom_type.symbol 
C 
N 
O 
S 
# 
loop_
_atom_site.group_PDB 
_atom_site.id 
_atom_site.type_symbol 
_atom_site.label_atom_id 
_atom_site.label_alt_id 
_atom_site.label_comp_id 
_atom_site.label_asym_id 
_atom_site.label_entity_id 
_atom_site.label_seq_id 
_atom_site.pdbx_PDB_ins_code 
_atom_site.Cartn_x 
_atom_site.Cartn_y 
_atom_site.Cartn_z 
_atom_site.occupancy 
_atom_site.B_iso_or_equiv 
_atom_site.pdbx_formal_charge 
_atom_site.auth_seq_id 
_atom_site.auth_comp_id 
_atom_site.auth_asym_id 
_atom_site.auth_atom_id 
_atom_site.pdbx_PDB_model_num 
ATOM   1    N N   . ARG A 1 17  ? 26.086  -5.302  -2.780  1.00 39.02 ?  -4  ARG A N   1 
ATOM   2    C CA  . ARG A 1 17  ? 25.460  -4.071  -3.249  1.00 35.50 ?  -4  ARG A CA  1 
ATOM   3    C C   . ARG A 1 17  ? 25.430  -3.034  -2.143  1.00 34.54 ?  -4  ARG A C   1 
ATOM   4    O O   . ARG A 1 17  ? 25.363  -3.371  -0.961  1.00 36.25 ?  -4  ARG A O   1 
ATOM   5    C CB  . ARG A 1 17  ? 24.036  -4.341  -3.731  1.00 35.38 ?  -4  ARG A CB  1 
ATOM   6    C CG  . ARG A 1 17  ? 23.917  -5.547  -4.632  1.00 37.74 ?  -4  ARG A CG  1 
ATOM   7    C CD  . ARG A 1 17  ? 22.482  -6.036  -4.710  1.00 32.65 ?  -4  ARG A CD  1 
ATOM   8    N NE  . ARG A 1 17  ? 22.359  -7.207  -5.573  1.00 36.97 ?  -4  ARG A NE  1 
ATOM   9    C CZ  . ARG A 1 17  ? 21.890  -8.387  -5.176  1.00 31.95 ?  -4  ARG A CZ  1 
ATOM   10   N NH1 . ARG A 1 17  ? 21.489  -8.554  -3.923  1.00 31.94 ?  -4  ARG A NH1 1 
ATOM   11   N NH2 . ARG A 1 17  ? 21.820  -9.399  -6.034  1.00 35.46 ?  -4  ARG A NH2 1 
ATOM   12   N N   . GLY A 1 18  ? 25.466  -1.761  -2.534  1.00 37.23 ?  -3  GLY A N   1 
ATOM   13   C CA  . GLY A 1 18  ? 25.439  -0.663  -1.595  1.00 30.34 ?  -3  GLY A CA  1 
ATOM   14   C C   . GLY A 1 18  ? 24.028  -0.225  -1.246  1.00 28.57 ?  -3  GLY A C   1 
ATOM   15   O O   . GLY A 1 18  ? 23.034  -0.875  -1.577  1.00 28.08 ?  -3  GLY A O   1 
ATOM   16   N N   . SER A 1 19  ? 23.955  0.904   -0.548  1.00 24.48 ?  -2  SER A N   1 
ATOM   17   C CA  . SER A 1 19  ? 22.686  1.482   -0.141  1.00 22.19 ?  -2  SER A CA  1 
ATOM   18   C C   . SER A 1 19  ? 21.906  1.986   -1.350  1.00 22.41 ?  -2  SER A C   1 
ATOM   19   O O   . SER A 1 19  ? 22.460  2.322   -2.401  1.00 25.16 ?  -2  SER A O   1 
ATOM   20   C CB  . SER A 1 19  ? 22.918  2.662   0.804   1.00 24.30 ?  -2  SER A CB  1 
ATOM   21   O OG  . SER A 1 19  ? 23.775  2.307   1.874   1.00 31.07 ?  -2  SER A OG  1 
ATOM   22   N N   . HIS A 1 20  ? 20.593  2.043   -1.185  1.00 22.27 ?  -1  HIS A N   1 
ATOM   23   C CA  . HIS A 1 20  ? 19.719  2.633   -2.181  1.00 22.84 ?  -1  HIS A CA  1 
ATOM   24   C C   . HIS A 1 20  ? 18.809  3.639   -1.499  1.00 23.18 ?  -1  HIS A C   1 
ATOM   25   O O   . HIS A 1 20  ? 18.539  3.538   -0.300  1.00 19.97 ?  -1  HIS A O   1 
ATOM   26   C CB  . HIS A 1 20  ? 18.904  1.562   -2.901  1.00 25.51 ?  -1  HIS A CB  1 
ATOM   27   C CG  . HIS A 1 20  ? 19.680  0.839   -3.957  1.00 30.06 ?  -1  HIS A CG  1 
ATOM   28   N ND1 . HIS A 1 20  ? 20.683  -0.061  -3.661  1.00 36.46 ?  -1  HIS A ND1 1 
ATOM   29   C CD2 . HIS A 1 20  ? 19.616  0.898   -5.310  1.00 33.16 ?  -1  HIS A CD2 1 
ATOM   30   C CE1 . HIS A 1 20  ? 21.196  -0.530  -4.784  1.00 33.06 ?  -1  HIS A CE1 1 
ATOM   31   N NE2 . HIS A 1 20  ? 20.568  0.037   -5.799  1.00 33.91 ?  -1  HIS A NE2 1 
ATOM   32   N N   . MET A 1 21  ? 18.359  4.634   -2.269  1.00 19.69 ?  0   MET A N   1 
ATOM   33   C CA  . MET A 1 21  ? 17.446  5.626   -1.714  1.00 21.64 ?  0   MET A CA  1 
ATOM   34   C C   . MET A 1 21  ? 16.232  4.964   -1.072  1.00 18.67 ?  0   MET A C   1 
ATOM   35   O O   . MET A 1 21  ? 15.792  5.380   0.004   1.00 17.60 ?  0   MET A O   1 
ATOM   36   C CB  . MET A 1 21  ? 17.029  6.626   -2.797  1.00 21.50 ?  0   MET A CB  1 
ATOM   37   C CG  . MET A 1 21  ? 16.058  7.702   -2.305  1.00 18.42 ?  0   MET A CG  1 
ATOM   38   S SD  . MET A 1 21  ? 14.341  7.160   -2.475  1.00 22.47 ?  0   MET A SD  1 
ATOM   39   C CE  . MET A 1 21  ? 13.566  7.885   -1.031  1.00 22.13 ?  0   MET A CE  1 
ATOM   40   N N   . CYS A 1 22  ? 15.703  3.905   -1.694  1.00 19.02 ?  1   CYS A N   1 
ATOM   41   C CA  . CYS A 1 22  ? 14.492  3.261   -1.180  1.00 18.84 ?  1   CYS A CA  1 
ATOM   42   C C   . CYS A 1 22  ? 14.713  2.509   0.129   1.00 18.43 ?  1   CYS A C   1 
ATOM   43   O O   . CYS A 1 22  ? 13.736  2.056   0.739   1.00 16.55 ?  1   CYS A O   1 
ATOM   44   C CB  . CYS A 1 22  ? 13.881  2.338   -2.227  1.00 25.20 ?  1   CYS A CB  1 
ATOM   45   S SG  . CYS A 1 22  ? 15.044  1.179   -2.911  1.00 33.46 ?  1   CYS A SG  1 
ATOM   46   N N   . ASP A 1 23  ? 15.957  2.388   0.591   1.00 17.15 ?  2   ASP A N   1 
ATOM   47   C CA  . ASP A 1 23  ? 16.189  1.872   1.935   1.00 16.89 ?  2   ASP A CA  1 
ATOM   48   C C   . ASP A 1 23  ? 15.518  2.730   3.007   1.00 14.80 ?  2   ASP A C   1 
ATOM   49   O O   . ASP A 1 23  ? 15.331  2.254   4.134   1.00 15.48 ?  2   ASP A O   1 
ATOM   50   C CB  . ASP A 1 23  ? 17.694  1.734   2.207   1.00 18.12 ?  2   ASP A CB  1 
ATOM   51   C CG  . ASP A 1 23  ? 18.357  0.671   1.337   1.00 18.40 ?  2   ASP A CG  1 
ATOM   52   O OD1 . ASP A 1 23  ? 17.652  -0.205  0.798   1.00 23.47 ?  2   ASP A OD1 1 
ATOM   53   O OD2 . ASP A 1 23  ? 19.599  0.714   1.195   1.00 24.91 ?  2   ASP A OD2 1 
ATOM   54   N N   . ALA A 1 24  ? 15.131  3.972   2.679   1.00 14.98 ?  3   ALA A N   1 
ATOM   55   C CA  . ALA A 1 24  ? 14.373  4.803   3.611   1.00 16.91 ?  3   ALA A CA  1 
ATOM   56   C C   . ALA A 1 24  ? 13.030  4.182   3.985   1.00 13.55 ?  3   ALA A C   1 
ATOM   57   O O   . ALA A 1 24  ? 12.467  4.524   5.035   1.00 14.49 ?  3   ALA A O   1 
ATOM   58   C CB  . ALA A 1 24  ? 14.144  6.194   3.011   1.00 18.70 ?  3   ALA A CB  1 
ATOM   59   N N   . PHE A 1 25  ? 12.497  3.293   3.149   1.00 12.87 ?  4   PHE A N   1 
ATOM   60   C CA  . PHE A 1 25  ? 11.216  2.656   3.428   1.00 11.90 ?  4   PHE A CA  1 
ATOM   61   C C   . PHE A 1 25  ? 11.357  1.391   4.257   1.00 11.71 ?  4   PHE A C   1 
ATOM   62   O O   . PHE A 1 25  ? 10.357  0.912   4.813   1.00 12.16 ?  4   PHE A O   1 
ATOM   63   C CB  . PHE A 1 25  ? 10.524  2.287   2.112   1.00 13.82 ?  4   PHE A CB  1 
ATOM   64   C CG  . PHE A 1 25  ? 10.025  3.468   1.336   1.00 12.69 ?  4   PHE A CG  1 
ATOM   65   C CD1 . PHE A 1 25  ? 8.825   4.081   1.664   1.00 13.27 ?  4   PHE A CD1 1 
ATOM   66   C CD2 . PHE A 1 25  ? 10.751  3.962   0.267   1.00 15.54 ?  4   PHE A CD2 1 
ATOM   67   C CE1 . PHE A 1 25  ? 8.358   5.177   0.945   1.00 14.20 ?  4   PHE A CE1 1 
ATOM   68   C CE2 . PHE A 1 25  ? 10.281  5.066   -0.464  1.00 14.13 ?  4   PHE A CE2 1 
ATOM   69   C CZ  . PHE A 1 25  ? 9.086   5.668   -0.113  1.00 13.41 ?  4   PHE A CZ  1 
ATOM   70   N N   . VAL A 1 26  ? 12.575  0.863   4.373   1.00 11.89 ?  5   VAL A N   1 
ATOM   71   C CA  . VAL A 1 26  ? 12.793  -0.453  4.961   1.00 11.52 ?  5   VAL A CA  1 
ATOM   72   C C   . VAL A 1 26  ? 12.548  -0.404  6.462   1.00 13.39 ?  5   VAL A C   1 
ATOM   73   O O   . VAL A 1 26  ? 13.052  0.484   7.163   1.00 14.03 ?  5   VAL A O   1 
ATOM   74   C CB  . VAL A 1 26  ? 14.212  -0.940  4.636   1.00 13.31 ?  5   VAL A CB  1 
ATOM   75   C CG1 . VAL A 1 26  ? 14.609  -2.158  5.490   1.00 13.53 ?  5   VAL A CG1 1 
ATOM   76   C CG2 . VAL A 1 26  ? 14.321  -1.232  3.147   1.00 14.34 ?  5   VAL A CG2 1 
ATOM   77   N N   . GLY A 1 27  ? 11.803  -1.372  6.966   1.00 11.97 ?  6   GLY A N   1 
ATOM   78   C CA  . GLY A 1 27  ? 11.591  -1.481  8.394   1.00 13.79 ?  6   GLY A CA  1 
ATOM   79   C C   . GLY A 1 27  ? 10.225  -2.056  8.710   1.00 13.03 ?  6   GLY A C   1 
ATOM   80   O O   . GLY A 1 27  ? 9.526   -2.590  7.847   1.00 13.20 ?  6   GLY A O   1 
ATOM   81   N N   . THR A 1 28  ? 9.877   -1.954  9.981   1.00 12.41 ?  7   THR A N   1 
ATOM   82   C CA  . THR A 1 28  ? 8.617   -2.442  10.518  1.00 13.16 ?  7   THR A CA  1 
ATOM   83   C C   . THR A 1 28  ? 7.797   -1.236  10.954  1.00 12.14 ?  7   THR A C   1 
ATOM   84   O O   . THR A 1 28  ? 8.267   -0.409  11.744  1.00 13.54 ?  7   THR A O   1 
ATOM   85   C CB  . THR A 1 28  ? 8.871   -3.386  11.696  1.00 15.17 ?  7   THR A CB  1 
ATOM   86   O OG1 . THR A 1 28  ? 9.871   -4.354  11.339  1.00 18.98 ?  7   THR A OG1 1 
ATOM   87   C CG2 . THR A 1 28  ? 7.586   -4.112  12.109  1.00 18.09 ?  7   THR A CG2 1 
ATOM   88   N N   . TRP A 1 29  ? 6.582   -1.135  10.428  1.00 11.02 ?  8   TRP A N   1 
ATOM   89   C CA  . TRP A 1 29  ? 5.747   0.046   10.553  1.00 11.48 ?  8   TRP A CA  1 
ATOM   90   C C   . TRP A 1 29  ? 4.389   -0.364  11.095  1.00 12.66 ?  8   TRP A C   1 
ATOM   91   O O   . TRP A 1 29  ? 3.910   -1.467  10.823  1.00 13.56 ?  8   TRP A O   1 
ATOM   92   C CB  . TRP A 1 29  ? 5.556   0.694   9.181   1.00 10.53 ?  8   TRP A CB  1 
ATOM   93   C CG  . TRP A 1 29  ? 6.826   1.114   8.495   1.00 11.69 ?  8   TRP A CG  1 
ATOM   94   C CD1 . TRP A 1 29  ? 7.577   0.388   7.600   1.00 11.96 ?  8   TRP A CD1 1 
ATOM   95   C CD2 . TRP A 1 29  ? 7.483   2.371   8.642   1.00 11.10 ?  8   TRP A CD2 1 
ATOM   96   N NE1 . TRP A 1 29  ? 8.664   1.130   7.190   1.00 11.38 ?  8   TRP A NE1 1 
ATOM   97   C CE2 . TRP A 1 29  ? 8.623   2.354   7.807   1.00 11.47 ?  8   TRP A CE2 1 
ATOM   98   C CE3 . TRP A 1 29  ? 7.217   3.513   9.399   1.00 11.63 ?  8   TRP A CE3 1 
ATOM   99   C CZ2 . TRP A 1 29  ? 9.504   3.437   7.720   1.00 12.55 ?  8   TRP A CZ2 1 
ATOM   100  C CZ3 . TRP A 1 29  ? 8.087   4.584   9.302   1.00 11.75 ?  8   TRP A CZ3 1 
ATOM   101  C CH2 . TRP A 1 29  ? 9.213   4.537   8.470   1.00 12.79 ?  8   TRP A CH2 1 
ATOM   102  N N   . LYS A 1 30  ? 3.771   0.517   11.874  1.00 11.10 ?  9   LYS A N   1 
ATOM   103  C CA  . LYS A 1 30  ? 2.448   0.244   12.423  1.00 10.66 ?  9   LYS A CA  1 
ATOM   104  C C   . LYS A 1 30  ? 1.516   1.413   12.121  1.00 10.91 ?  9   LYS A C   1 
ATOM   105  O O   . LYS A 1 30  ? 1.921   2.577   12.186  1.00 11.27 ?  9   LYS A O   1 
ATOM   106  C CB  . LYS A 1 30  ? 2.516   -0.018  13.935  1.00 14.60 ?  9   LYS A CB  1 
ATOM   107  C CG  . LYS A 1 30  ? 3.037   1.154   14.727  1.00 17.23 ?  9   LYS A CG  1 
ATOM   108  C CD  . LYS A 1 30  ? 3.098   0.868   16.222  1.00 21.96 ?  9   LYS A CD  1 
ATOM   109  C CE  . LYS A 1 30  ? 3.853   1.978   16.935  1.00 26.63 ?  9   LYS A CE  1 
ATOM   110  N NZ  . LYS A 1 30  ? 3.136   3.280   16.849  1.00 31.69 ?  9   LYS A NZ  1 
ATOM   111  N N   . LEU A 1 31  ? 0.267   1.099   11.784  1.00 11.49 ?  10  LEU A N   1 
ATOM   112  C CA  . LEU A 1 31  ? -0.690  2.150   11.458  1.00 11.32 ?  10  LEU A CA  1 
ATOM   113  C C   . LEU A 1 31  ? -1.036  2.944   12.705  1.00 12.92 ?  10  LEU A C   1 
ATOM   114  O O   . LEU A 1 31  ? -1.391  2.363   13.735  1.00 15.45 ?  10  LEU A O   1 
ATOM   115  C CB  . LEU A 1 31  ? -1.965  1.553   10.867  1.00 12.03 ?  10  LEU A CB  1 
ATOM   116  C CG  . LEU A 1 31  ? -3.024  2.574   10.436  1.00 12.72 ?  10  LEU A CG  1 
ATOM   117  C CD1 . LEU A 1 31  ? -2.625  3.227   9.131   1.00 14.45 ?  10  LEU A CD1 1 
ATOM   118  C CD2 . LEU A 1 31  ? -4.402  1.917   10.332  1.00 16.08 ?  10  LEU A CD2 1 
ATOM   119  N N   . VAL A 1 32  ? -0.935  4.266   12.616  1.00 11.17 ?  11  VAL A N   1 
ATOM   120  C CA  . VAL A 1 32  ? -1.283  5.137   13.731  1.00 13.30 ?  11  VAL A CA  1 
ATOM   121  C C   . VAL A 1 32  ? -2.453  6.066   13.441  1.00 16.26 ?  11  VAL A C   1 
ATOM   122  O O   . VAL A 1 32  ? -3.081  6.561   14.393  1.00 17.23 ?  11  VAL A O   1 
ATOM   123  C CB  . VAL A 1 32  ? -0.071  5.931   14.268  1.00 15.26 ?  11  VAL A CB  1 
ATOM   124  C CG1 . VAL A 1 32  ? 0.988   4.971   14.810  1.00 18.27 ?  11  VAL A CG1 1 
ATOM   125  C CG2 . VAL A 1 32  ? 0.512   6.851   13.197  1.00 16.42 ?  11  VAL A CG2 1 
ATOM   126  N N   . SER A 1 33  ? -2.779  6.350   12.184  1.00 13.45 ?  12  SER A N   1 
ATOM   127  C CA  . SER A 1 33  ? -3.949  7.170   11.902  1.00 13.63 ?  12  SER A CA  1 
ATOM   128  C C   . SER A 1 33  ? -4.474  6.836   10.516  1.00 12.84 ?  12  SER A C   1 
ATOM   129  O O   . SER A 1 33  ? -3.737  6.372   9.637   1.00 12.65 ?  12  SER A O   1 
ATOM   130  C CB  . SER A 1 33  ? -3.657  8.666   12.013  1.00 19.42 ?  12  SER A CB  1 
ATOM   131  O OG  . SER A 1 33  ? -2.771  9.079   11.003  1.00 21.08 ?  12  SER A OG  1 
ATOM   132  N N   . SER A 1 34  ? -5.764  7.093   10.325  1.00 13.38 ?  13  SER A N   1 
ATOM   133  C CA  . SER A 1 34  ? -6.420  6.814   9.058   1.00 13.86 ?  13  SER A CA  1 
ATOM   134  C C   . SER A 1 34  ? -7.502  7.860   8.853   1.00 14.33 ?  13  SER A C   1 
ATOM   135  O O   . SER A 1 34  ? -8.245  8.188   9.785   1.00 16.66 ?  13  SER A O   1 
ATOM   136  C CB  . SER A 1 34  ? -7.035  5.412   9.088   1.00 14.23 ?  13  SER A CB  1 
ATOM   137  O OG  . SER A 1 34  ? -7.691  5.087   7.871   1.00 15.31 ?  13  SER A OG  1 
ATOM   138  N N   . GLU A 1 35  ? -7.589  8.394   7.640   1.00 13.24 ?  14  GLU A N   1 
ATOM   139  C CA  . GLU A 1 35  ? -8.614  9.374   7.305   1.00 13.49 ?  14  GLU A CA  1 
ATOM   140  C C   . GLU A 1 35  ? -9.273  8.964   6.001   1.00 13.38 ?  14  GLU A C   1 
ATOM   141  O O   . GLU A 1 35  ? -8.575  8.665   5.023   1.00 11.45 ?  14  GLU A O   1 
ATOM   142  C CB  . GLU A 1 35  ? -8.010  10.774  7.145   1.00 17.19 ?  14  GLU A CB  1 
ATOM   143  C CG  . GLU A 1 35  ? -7.558  11.443  8.446   1.00 23.65 ?  14  GLU A CG  1 
ATOM   144  C CD  . GLU A 1 35  ? -8.710  11.783  9.394   1.00 26.49 ?  14  GLU A CD  1 
ATOM   145  O OE1 . GLU A 1 35  ? -9.876  11.877  8.948   1.00 27.18 ?  14  GLU A OE1 1 
ATOM   146  O OE2 . GLU A 1 35  ? -8.442  11.965  10.602  1.00 36.15 ?  14  GLU A OE2 1 
ATOM   147  N N   . ASN A 1 36  ? -10.610 8.933   5.993   1.00 12.26 ?  15  ASN A N   1 
ATOM   148  C CA  . ASN A 1 36  ? -11.415 8.747   4.789   1.00 12.57 ?  15  ASN A CA  1 
ATOM   149  C C   . ASN A 1 36  ? -11.253 7.368   4.152   1.00 11.21 ?  15  ASN A C   1 
ATOM   150  O O   . ASN A 1 36  ? -11.618 7.177   2.994   1.00 11.97 ?  15  ASN A O   1 
ATOM   151  C CB  . ASN A 1 36  ? -11.165 9.864   3.770   1.00 13.28 ?  15  ASN A CB  1 
ATOM   152  C CG  . ASN A 1 36  ? -12.402 10.227  2.982   1.00 15.09 ?  15  ASN A CG  1 
ATOM   153  O OD1 . ASN A 1 36  ? -13.503 10.292  3.530   1.00 17.25 ?  15  ASN A OD1 1 
ATOM   154  N ND2 . ASN A 1 36  ? -12.232 10.475  1.687   1.00 17.06 ?  15  ASN A ND2 1 
ATOM   155  N N   . PHE A 1 37  ? -10.754 6.373   4.905   1.00 10.73 ?  16  PHE A N   1 
ATOM   156  C CA  . PHE A 1 37  ? -10.507 5.058   4.310   1.00 11.24 ?  16  PHE A CA  1 
ATOM   157  C C   . PHE A 1 37  ? -11.804 4.353   3.954   1.00 11.73 ?  16  PHE A C   1 
ATOM   158  O O   . PHE A 1 37  ? -11.859 3.636   2.947   1.00 11.79 ?  16  PHE A O   1 
ATOM   159  C CB  . PHE A 1 37  ? -9.641  4.188   5.230   1.00 13.03 ?  16  PHE A CB  1 
ATOM   160  C CG  . PHE A 1 37  ? -9.096  2.941   4.573   1.00 12.68 ?  16  PHE A CG  1 
ATOM   161  C CD1 . PHE A 1 37  ? -8.305  3.013   3.435   1.00 15.23 ?  16  PHE A CD1 1 
ATOM   162  C CD2 . PHE A 1 37  ? -9.381  1.692   5.114   1.00 15.54 ?  16  PHE A CD2 1 
ATOM   163  C CE1 . PHE A 1 37  ? -7.810  1.852   2.837   1.00 14.93 ?  16  PHE A CE1 1 
ATOM   164  C CE2 . PHE A 1 37  ? -8.882  0.531   4.523   1.00 13.95 ?  16  PHE A CE2 1 
ATOM   165  C CZ  . PHE A 1 37  ? -8.097  0.615   3.392   1.00 16.64 ?  16  PHE A CZ  1 
ATOM   166  N N   . ASP A 1 38  ? -12.860 4.553   4.744   1.00 14.72 ?  17  ASP A N   1 
ATOM   167  C CA  . ASP A 1 38  ? -14.140 3.949   4.398   1.00 14.03 ?  17  ASP A CA  1 
ATOM   168  C C   . ASP A 1 38  ? -14.638 4.453   3.048   1.00 13.67 ?  17  ASP A C   1 
ATOM   169  O O   . ASP A 1 38  ? -15.104 3.669   2.213   1.00 13.66 ?  17  ASP A O   1 
ATOM   170  C CB  . ASP A 1 38  ? -15.177 4.229   5.485   1.00 17.96 ?  17  ASP A CB  1 
ATOM   171  C CG  . ASP A 1 38  ? -16.476 3.479   5.249   1.00 20.96 ?  17  ASP A CG  1 
ATOM   172  O OD1 . ASP A 1 38  ? -16.436 2.234   5.159   1.00 21.99 ?  17  ASP A OD1 1 
ATOM   173  O OD2 . ASP A 1 38  ? -17.534 4.134   5.143   1.00 28.48 ?  17  ASP A OD2 1 
ATOM   174  N N   . ASP A 1 39  ? -14.527 5.761   2.811   1.00 13.98 ?  18  ASP A N   1 
ATOM   175  C CA  . ASP A 1 39  ? -14.961 6.331   1.541   1.00 14.60 ?  18  ASP A CA  1 
ATOM   176  C C   . ASP A 1 39  ? -14.078 5.859   0.388   1.00 12.51 ?  18  ASP A C   1 
ATOM   177  O O   . ASP A 1 39  ? -14.566 5.621   -0.722  1.00 13.68 ?  18  ASP A O   1 
ATOM   178  C CB  . ASP A 1 39  ? -14.983 7.859   1.639   1.00 17.44 ?  18  ASP A CB  1 
ATOM   179  C CG  . ASP A 1 39  ? -16.290 8.391   2.213   1.00 25.92 ?  18  ASP A CG  1 
ATOM   180  O OD1 . ASP A 1 39  ? -16.412 8.448   3.450   1.00 30.44 ?  18  ASP A OD1 1 
ATOM   181  O OD2 . ASP A 1 39  ? -17.189 8.745   1.420   1.00 29.72 ?  18  ASP A OD2 1 
ATOM   182  N N   . TYR A 1 40  ? -12.780 5.707   0.633   1.00 12.86 ?  19  TYR A N   1 
ATOM   183  C CA  . TYR A 1 40  ? -11.909 5.149   -0.394  1.00 11.80 ?  19  TYR A CA  1 
ATOM   184  C C   . TYR A 1 40  ? -12.341 3.734   -0.760  1.00 10.58 ?  19  TYR A C   1 
ATOM   185  O O   . TYR A 1 40  ? -12.467 3.395   -1.942  1.00 11.46 ?  19  TYR A O   1 
ATOM   186  C CB  . TYR A 1 40  ? -10.460 5.165   0.093   1.00 12.60 ?  19  TYR A CB  1 
ATOM   187  C CG  . TYR A 1 40  ? -9.538  4.378   -0.805  1.00 10.36 ?  19  TYR A CG  1 
ATOM   188  C CD1 . TYR A 1 40  ? -9.116  4.901   -2.020  1.00 11.23 ?  19  TYR A CD1 1 
ATOM   189  C CD2 . TYR A 1 40  ? -9.124  3.089   -0.467  1.00 12.12 ?  19  TYR A CD2 1 
ATOM   190  C CE1 . TYR A 1 40  ? -8.295  4.175   -2.858  1.00 11.53 ?  19  TYR A CE1 1 
ATOM   191  C CE2 . TYR A 1 40  ? -8.302  2.360   -1.301  1.00 11.95 ?  19  TYR A CE2 1 
ATOM   192  C CZ  . TYR A 1 40  ? -7.899  2.903   -2.497  1.00 10.72 ?  19  TYR A CZ  1 
ATOM   193  O OH  . TYR A 1 40  ? -7.077  2.183   -3.327  1.00 13.14 ?  19  TYR A OH  1 
ATOM   194  N N   . MET A 1 41  ? -12.586 2.896   0.249   1.00 10.86 ?  20  MET A N   1 
ATOM   195  C CA  . MET A 1 41  ? -13.014 1.530   -0.032  1.00 11.38 ?  20  MET A CA  1 
ATOM   196  C C   . MET A 1 41  ? -14.345 1.501   -0.775  1.00 11.69 ?  20  MET A C   1 
ATOM   197  O O   . MET A 1 41  ? -14.540 0.682   -1.681  1.00 11.90 ?  20  MET A O   1 
ATOM   198  C CB  . MET A 1 41  ? -13.098 0.740   1.269   1.00 12.24 ?  20  MET A CB  1 
ATOM   199  C CG  . MET A 1 41  ? -11.725 0.383   1.858   1.00 10.87 ?  20  MET A CG  1 
ATOM   200  S SD  . MET A 1 41  ? -11.882 -0.813  3.197   1.00 12.98 ?  20  MET A SD  1 
ATOM   201  C CE  . MET A 1 41  ? -12.618 0.204   4.472   1.00 17.04 ?  20  MET A CE  1 
ATOM   202  N N   . LYS A 1 42  ? -15.271 2.395   -0.418  1.00 11.69 ?  21  LYS A N   1 
ATOM   203  C CA  . LYS A 1 42  ? -16.535 2.474   -1.145  1.00 13.33 ?  21  LYS A CA  1 
ATOM   204  C C   . LYS A 1 42  ? -16.292 2.757   -2.618  1.00 15.79 ?  21  LYS A C   1 
ATOM   205  O O   . LYS A 1 42  ? -16.888 2.118   -3.491  1.00 16.06 ?  21  LYS A O   1 
ATOM   206  C CB  . LYS A 1 42  ? -17.412 3.573   -0.549  1.00 17.06 ?  21  LYS A CB  1 
ATOM   207  C CG  . LYS A 1 42  ? -18.074 3.222   0.774   1.00 16.48 ?  21  LYS A CG  1 
ATOM   208  C CD  . LYS A 1 42  ? -18.795 4.439   1.342   1.00 22.01 ?  21  LYS A CD  1 
ATOM   209  C CE  . LYS A 1 42  ? -19.862 4.032   2.328   1.00 27.13 ?  21  LYS A CE  1 
ATOM   210  N NZ  . LYS A 1 42  ? -21.207 4.067   1.695   1.00 29.95 ?  21  LYS A NZ  1 
ATOM   211  N N   . GLU A 1 43  ? -15.404 3.711   -2.914  1.00 14.21 ?  22  GLU A N   1 
ATOM   212  C CA  . GLU A 1 43  ? -15.128 4.064   -4.302  1.00 15.28 ?  22  GLU A CA  1 
ATOM   213  C C   . GLU A 1 43  ? -14.474 2.902   -5.045  1.00 15.65 ?  22  GLU A C   1 
ATOM   214  O O   . GLU A 1 43  ? -14.740 2.685   -6.232  1.00 18.42 ?  22  GLU A O   1 
ATOM   215  C CB  . GLU A 1 43  ? -14.261 5.326   -4.335  1.00 18.26 ?  22  GLU A CB  1 
ATOM   216  C CG  . GLU A 1 43  ? -14.393 6.185   -5.596  1.00 22.29 ?  22  GLU A CG  1 
ATOM   217  C CD  . GLU A 1 43  ? -15.717 6.920   -5.692  1.00 24.04 ?  22  GLU A CD  1 
ATOM   218  O OE1 . GLU A 1 43  ? -16.506 6.874   -4.729  1.00 24.13 ?  22  GLU A OE1 1 
ATOM   219  O OE2 . GLU A 1 43  ? -15.965 7.561   -6.732  1.00 32.40 ?  22  GLU A OE2 1 
ATOM   220  N N   . VAL A 1 44  ? -13.629 2.133   -4.355  1.00 12.85 ?  23  VAL A N   1 
ATOM   221  C CA  . VAL A 1 44  ? -12.994 0.962   -4.948  1.00 13.62 ?  23  VAL A CA  1 
ATOM   222  C C   . VAL A 1 44  ? -14.026 -0.106  -5.281  1.00 17.67 ?  23  VAL A C   1 
ATOM   223  O O   . VAL A 1 44  ? -13.849 -0.880  -6.231  1.00 18.83 ?  23  VAL A O   1 
ATOM   224  C CB  . VAL A 1 44  ? -11.888 0.441   -3.996  1.00 14.48 ?  23  VAL A CB  1 
ATOM   225  C CG1 . VAL A 1 44  ? -11.450 -0.977  -4.342  1.00 16.81 ?  23  VAL A CG1 1 
ATOM   226  C CG2 . VAL A 1 44  ? -10.678 1.376   -4.020  1.00 14.43 ?  23  VAL A CG2 1 
ATOM   227  N N   . GLY A 1 45  ? -15.112 -0.161  -4.525  1.00 13.67 ?  24  GLY A N   1 
ATOM   228  C CA  . GLY A 1 45  ? -16.159 -1.138  -4.717  1.00 14.83 ?  24  GLY A CA  1 
ATOM   229  C C   . GLY A 1 45  ? -16.221 -2.220  -3.658  1.00 15.16 ?  24  GLY A C   1 
ATOM   230  O O   . GLY A 1 45  ? -16.872 -3.249  -3.888  1.00 16.22 ?  24  GLY A O   1 
ATOM   231  N N   . VAL A 1 46  ? -15.553 -2.029  -2.520  1.00 14.07 ?  25  VAL A N   1 
ATOM   232  C CA  . VAL A 1 46  ? -15.529 -3.024  -1.461  1.00 13.96 ?  25  VAL A CA  1 
ATOM   233  C C   . VAL A 1 46  ? -16.917 -3.133  -0.851  1.00 16.69 ?  25  VAL A C   1 
ATOM   234  O O   . VAL A 1 46  ? -17.556 -2.115  -0.553  1.00 15.14 ?  25  VAL A O   1 
ATOM   235  C CB  . VAL A 1 46  ? -14.497 -2.611  -0.403  1.00 13.41 ?  25  VAL A CB  1 
ATOM   236  C CG1 . VAL A 1 46  ? -14.353 -3.684  0.632   1.00 14.07 ?  25  VAL A CG1 1 
ATOM   237  C CG2 . VAL A 1 46  ? -13.150 -2.314  -1.071  1.00 14.08 ?  25  VAL A CG2 1 
ATOM   238  N N   . GLY A 1 47  ? -17.377 -4.369  -0.649  1.00 15.78 ?  26  GLY A N   1 
ATOM   239  C CA  . GLY A 1 47  ? -18.685 -4.600  -0.071  1.00 17.04 ?  26  GLY A CA  1 
ATOM   240  C C   . GLY A 1 47  ? -18.735 -4.271  1.410   1.00 15.18 ?  26  GLY A C   1 
ATOM   241  O O   . GLY A 1 47  ? -17.719 -4.075  2.078   1.00 15.29 ?  26  GLY A O   1 
ATOM   242  N N   . PHE A 1 48  ? -19.965 -4.231  1.931   1.00 15.78 ?  27  PHE A N   1 
ATOM   243  C CA  . PHE A 1 48  ? -20.212 -3.729  3.281   1.00 14.75 ?  27  PHE A CA  1 
ATOM   244  C C   . PHE A 1 48  ? -19.385 -4.472  4.333   1.00 14.51 ?  27  PHE A C   1 
ATOM   245  O O   . PHE A 1 48  ? -18.656 -3.854  5.120   1.00 14.72 ?  27  PHE A O   1 
ATOM   246  C CB  . PHE A 1 48  ? -21.710 -3.847  3.600   1.00 15.73 ?  27  PHE A CB  1 
ATOM   247  C CG  . PHE A 1 48  ? -22.051 -3.439  5.000   1.00 14.95 ?  27  PHE A CG  1 
ATOM   248  C CD1 . PHE A 1 48  ? -22.338 -2.117  5.290   1.00 16.17 ?  27  PHE A CD1 1 
ATOM   249  C CD2 . PHE A 1 48  ? -22.065 -4.371  6.033   1.00 16.25 ?  27  PHE A CD2 1 
ATOM   250  C CE1 . PHE A 1 48  ? -22.637 -1.720  6.583   1.00 17.55 ?  27  PHE A CE1 1 
ATOM   251  C CE2 . PHE A 1 48  ? -22.365 -3.984  7.333   1.00 17.15 ?  27  PHE A CE2 1 
ATOM   252  C CZ  . PHE A 1 48  ? -22.646 -2.661  7.610   1.00 17.81 ?  27  PHE A CZ  1 
ATOM   253  N N   . ALA A 1 49  ? -19.515 -5.798  4.389   1.00 14.36 ?  28  ALA A N   1 
ATOM   254  C CA  . ALA A 1 49  ? -18.893 -6.547  5.480   1.00 14.97 ?  28  ALA A CA  1 
ATOM   255  C C   . ALA A 1 49  ? -17.374 -6.425  5.434   1.00 14.96 ?  28  ALA A C   1 
ATOM   256  O O   . ALA A 1 49  ? -16.723 -6.229  6.472   1.00 13.38 ?  28  ALA A O   1 
ATOM   257  C CB  . ALA A 1 49  ? -19.328 -8.015  5.442   1.00 15.32 ?  28  ALA A CB  1 
ATOM   258  N N   . THR A 1 50  ? -16.791 -6.521  4.238   1.00 14.45 ?  29  THR A N   1 
ATOM   259  C CA  . THR A 1 50  ? -15.350 -6.351  4.116   1.00 13.15 ?  29  THR A CA  1 
ATOM   260  C C   . THR A 1 50  ? -14.919 -4.945  4.515   1.00 14.59 ?  29  THR A C   1 
ATOM   261  O O   . THR A 1 50  ? -13.906 -4.783  5.198   1.00 13.00 ?  29  THR A O   1 
ATOM   262  C CB  . THR A 1 50  ? -14.916 -6.698  2.697   1.00 13.75 ?  29  THR A CB  1 
ATOM   263  O OG1 . THR A 1 50  ? -15.261 -8.063  2.435   1.00 18.47 ?  29  THR A OG1 1 
ATOM   264  C CG2 . THR A 1 50  ? -13.421 -6.520  2.520   1.00 16.30 ?  29  THR A CG2 1 
ATOM   265  N N   . ARG A 1 51  ? -15.689 -3.918  4.137   1.00 14.51 ?  30  ARG A N   1 
ATOM   266  C CA  . ARG A 1 51  ? -15.354 -2.557  4.546   1.00 13.62 ?  30  ARG A CA  1 
ATOM   267  C C   . ARG A 1 51  ? -15.333 -2.429  6.058   1.00 13.57 ?  30  ARG A C   1 
ATOM   268  O O   . ARG A 1 51  ? -14.430 -1.806  6.627   1.00 13.17 ?  30  ARG A O   1 
ATOM   269  C CB  . ARG A 1 51  ? -16.368 -1.563  3.974   1.00 14.95 ?  30  ARG A CB  1 
ATOM   270  C CG  . ARG A 1 51  ? -16.118 -1.149  2.551   1.00 16.14 ?  30  ARG A CG  1 
ATOM   271  C CD  . ARG A 1 51  ? -16.648 0.256   2.306   1.00 14.85 ?  30  ARG A CD  1 
ATOM   272  N NE  . ARG A 1 51  ? -17.949 0.521   2.932   1.00 15.59 ?  30  ARG A NE  1 
ATOM   273  C CZ  . ARG A 1 51  ? -19.121 0.084   2.478   1.00 17.20 ?  30  ARG A CZ  1 
ATOM   274  N NH1 . ARG A 1 51  ? -19.201 -0.681  1.390   1.00 15.63 ?  30  ARG A NH1 1 
ATOM   275  N NH2 . ARG A 1 51  ? -20.230 0.412   3.139   1.00 18.90 ?  30  ARG A NH2 1 
ATOM   276  N N   . LYS A 1 52  ? -16.331 -3.006  6.727   1.00 13.42 ?  31  LYS A N   1 
ATOM   277  C CA  . LYS A 1 52  ? -16.436 -2.869  8.177   1.00 14.66 ?  31  LYS A CA  1 
ATOM   278  C C   . LYS A 1 52  ? -15.267 -3.550  8.877   1.00 14.26 ?  31  LYS A C   1 
ATOM   279  O O   . LYS A 1 52  ? -14.643 -2.972  9.775   1.00 14.49 ?  31  LYS A O   1 
ATOM   280  C CB  . LYS A 1 52  ? -17.769 -3.453  8.646   1.00 16.46 ?  31  LYS A CB  1 
ATOM   281  C CG  . LYS A 1 52  ? -18.982 -2.656  8.179   1.00 16.62 ?  31  LYS A CG  1 
ATOM   282  C CD  . LYS A 1 52  ? -18.897 -1.210  8.647   1.00 22.35 ?  31  LYS A CD  1 
ATOM   283  C CE  . LYS A 1 52  ? -19.481 -0.259  7.618   1.00 28.70 ?  31  LYS A CE  1 
ATOM   284  N NZ  . LYS A 1 52  ? -19.250 1.173   7.967   1.00 33.37 ?  31  LYS A NZ  1 
ATOM   285  N N   . VAL A 1 53  ? -14.943 -4.775  8.461   1.00 12.72 ?  32  VAL A N   1 
ATOM   286  C CA  . VAL A 1 53  ? -13.860 -5.523  9.086   1.00 13.96 ?  32  VAL A CA  1 
ATOM   287  C C   . VAL A 1 53  ? -12.510 -4.938  8.695   1.00 13.84 ?  32  VAL A C   1 
ATOM   288  O O   . VAL A 1 53  ? -11.615 -4.797  9.532   1.00 14.25 ?  32  VAL A O   1 
ATOM   289  C CB  . VAL A 1 53  ? -13.989 -7.013  8.720   1.00 14.44 ?  32  VAL A CB  1 
ATOM   290  C CG1 . VAL A 1 53  ? -12.793 -7.800  9.211   1.00 17.16 ?  32  VAL A CG1 1 
ATOM   291  C CG2 . VAL A 1 53  ? -15.284 -7.583  9.304   1.00 17.15 ?  32  VAL A CG2 1 
ATOM   292  N N   . ALA A 1 54  ? -12.332 -4.595  7.420   1.00 13.43 ?  33  ALA A N   1 
ATOM   293  C CA  . ALA A 1 54  ? -11.056 -4.014  7.004   1.00 13.44 ?  33  ALA A CA  1 
ATOM   294  C C   . ALA A 1 54  ? -10.824 -2.653  7.640   1.00 13.33 ?  33  ALA A C   1 
ATOM   295  O O   . ALA A 1 54  ? -9.685  -2.327  7.990   1.00 14.61 ?  33  ALA A O   1 
ATOM   296  C CB  . ALA A 1 54  ? -10.966 -3.923  5.481   1.00 15.15 ?  33  ALA A CB  1 
ATOM   297  N N   . GLY A 1 55  ? -11.883 -1.864  7.840   1.00 13.74 ?  34  GLY A N   1 
ATOM   298  C CA  . GLY A 1 55  ? -11.721 -0.560  8.446   1.00 15.34 ?  34  GLY A CA  1 
ATOM   299  C C   . GLY A 1 55  ? -11.298 -0.609  9.895   1.00 14.14 ?  34  GLY A C   1 
ATOM   300  O O   . GLY A 1 55  ? -10.711 0.354   10.386  1.00 17.10 ?  34  GLY A O   1 
ATOM   301  N N   . MET A 1 56  ? -11.588 -1.710  10.599  1.00 12.46 ?  35  MET A N   1 
ATOM   302  C CA  . MET A 1 56  ? -11.153 -1.828  11.986  1.00 14.08 ?  35  MET A CA  1 
ATOM   303  C C   . MET A 1 56  ? -9.669  -2.146  12.110  1.00 12.70 ?  35  MET A C   1 
ATOM   304  O O   . MET A 1 56  ? -9.088  -1.895  13.166  1.00 14.72 ?  35  MET A O   1 
ATOM   305  C CB  . MET A 1 56  ? -11.928 -2.939  12.710  1.00 14.30 ?  35  MET A CB  1 
ATOM   306  C CG  . MET A 1 56  ? -13.403 -2.657  12.926  1.00 12.32 ?  35  MET A CG  1 
ATOM   307  S SD  . MET A 1 56  ? -13.676 -1.351  14.116  1.00 14.19 ?  35  MET A SD  1 
ATOM   308  C CE  . MET A 1 56  ? -12.930 -2.031  15.583  1.00 20.87 ?  35  MET A CE  1 
ATOM   309  N N   . ALA A 1 57  ? -9.057  -2.685  11.057  1.00 12.66 ?  36  ALA A N   1 
ATOM   310  C CA  . ALA A 1 57  ? -7.724  -3.253  11.176  1.00 12.58 ?  36  ALA A CA  1 
ATOM   311  C C   . ALA A 1 57  ? -6.678  -2.179  11.432  1.00 13.17 ?  36  ALA A C   1 
ATOM   312  O O   . ALA A 1 57  ? -6.762  -1.056  10.925  1.00 14.37 ?  36  ALA A O   1 
ATOM   313  C CB  . ALA A 1 57  ? -7.371  -4.022  9.912   1.00 15.60 ?  36  ALA A CB  1 
ATOM   314  N N   . LYS A 1 58  ? -5.689  -2.527  12.248  1.00 14.15 ?  37  LYS A N   1 
ATOM   315  C CA  . LYS A 1 58  ? -4.531  -1.675  12.511  1.00 13.22 ?  37  LYS A CA  1 
ATOM   316  C C   . LYS A 1 58  ? -3.317  -2.453  12.019  1.00 14.23 ?  37  LYS A C   1 
ATOM   317  O O   . LYS A 1 58  ? -2.605  -3.087  12.811  1.00 14.31 ?  37  LYS A O   1 
ATOM   318  C CB  . LYS A 1 58  ? -4.415  -1.311  13.994  1.00 16.89 ?  37  LYS A CB  1 
ATOM   319  C CG  . LYS A 1 58  ? -5.339  -0.174  14.477  1.00 23.93 ?  37  LYS A CG  1 
ATOM   320  C CD  . LYS A 1 58  ? -6.797  -0.556  14.379  1.00 23.41 ?  37  LYS A CD  1 
ATOM   321  C CE  . LYS A 1 58  ? -7.750  0.362   15.149  1.00 25.91 ?  37  LYS A CE  1 
ATOM   322  N NZ  . LYS A 1 58  ? -9.103  -0.279  15.283  1.00 23.00 ?  37  LYS A NZ  1 
ATOM   323  N N   . PRO A 1 59  ? -3.056  -2.447  10.713  1.00 11.96 ?  38  PRO A N   1 
ATOM   324  C CA  . PRO A 1 59  ? -2.002  -3.306  10.170  1.00 12.75 ?  38  PRO A CA  1 
ATOM   325  C C   . PRO A 1 59  ? -0.609  -2.850  10.563  1.00 11.78 ?  38  PRO A C   1 
ATOM   326  O O   . PRO A 1 59  ? -0.352  -1.670  10.825  1.00 12.14 ?  38  PRO A O   1 
ATOM   327  C CB  . PRO A 1 59  ? -2.175  -3.187  8.653   1.00 13.34 ?  38  PRO A CB  1 
ATOM   328  C CG  . PRO A 1 59  ? -3.422  -2.424  8.428   1.00 19.63 ?  38  PRO A CG  1 
ATOM   329  C CD  . PRO A 1 59  ? -3.750  -1.678  9.671   1.00 13.65 ?  38  PRO A CD  1 
ATOM   330  N N   . ASN A 1 60  ? 0.289   -3.818  10.578  1.00 12.00 ?  39  ASN A N   1 
ATOM   331  C CA  . ASN A 1 60  ? 1.715   -3.559  10.507  1.00 13.14 ?  39  ASN A CA  1 
ATOM   332  C C   . ASN A 1 60  ? 2.176   -3.804  9.078   1.00 14.47 ?  39  ASN A C   1 
ATOM   333  O O   . ASN A 1 60  ? 1.664   -4.692  8.385   1.00 16.96 ?  39  ASN A O   1 
ATOM   334  C CB  . ASN A 1 60  ? 2.482   -4.465  11.470  1.00 14.30 ?  39  ASN A CB  1 
ATOM   335  C CG  . ASN A 1 60  ? 2.474   -3.941  12.902  1.00 18.75 ?  39  ASN A CG  1 
ATOM   336  O OD1 . ASN A 1 60  ? 1.687   -3.060  13.250  1.00 19.77 ?  39  ASN A OD1 1 
ATOM   337  N ND2 . ASN A 1 60  ? 3.365   -4.476  13.734  1.00 27.82 ?  39  ASN A ND2 1 
ATOM   338  N N   . MET A 1 61  ? 3.125   -3.001  8.631   1.00 13.08 ?  40  MET A N   1 
ATOM   339  C CA  . MET A 1 61  ? 3.693   -3.117  7.299   1.00 14.20 ?  40  MET A CA  1 
ATOM   340  C C   . MET A 1 61  ? 5.183   -3.346  7.463   1.00 14.23 ?  40  MET A C   1 
ATOM   341  O O   . MET A 1 61  ? 5.842   -2.627  8.222   1.00 15.67 ?  40  MET A O   1 
ATOM   342  C CB  . MET A 1 61  ? 3.431   -1.831  6.521   1.00 16.69 ?  40  MET A CB  1 
ATOM   343  C CG  . MET A 1 61  ? 3.846   -1.875  5.075   1.00 18.58 ?  40  MET A CG  1 
ATOM   344  S SD  . MET A 1 61  ? 3.401   -0.373  4.196   1.00 21.37 ?  40  MET A SD  1 
ATOM   345  C CE  . MET A 1 61  ? 3.653   0.889   5.443   1.00 22.53 ?  40  MET A CE  1 
ATOM   346  N N   . ILE A 1 62  ? 5.700   -4.365  6.792   1.00 13.53 ?  41  ILE A N   1 
ATOM   347  C CA  . ILE A 1 62  ? 7.106   -4.735  6.871   1.00 13.62 ?  41  ILE A CA  1 
ATOM   348  C C   . ILE A 1 62  ? 7.669   -4.633  5.466   1.00 13.58 ?  41  ILE A C   1 
ATOM   349  O O   . ILE A 1 62  ? 7.217   -5.345  4.555   1.00 13.48 ?  41  ILE A O   1 
ATOM   350  C CB  . ILE A 1 62  ? 7.298   -6.146  7.448   1.00 14.66 ?  41  ILE A CB  1 
ATOM   351  C CG1 . ILE A 1 62  ? 6.551   -6.296  8.780   1.00 18.28 ?  41  ILE A CG1 1 
ATOM   352  C CG2 . ILE A 1 62  ? 8.770   -6.447  7.639   1.00 20.94 ?  41  ILE A CG2 1 
ATOM   353  C CD1 . ILE A 1 62  ? 5.217   -7.028  8.673   1.00 21.68 ?  41  ILE A CD1 1 
ATOM   354  N N   . ILE A 1 63  ? 8.643   -3.742  5.286   1.00 11.48 ?  42  ILE A N   1 
ATOM   355  C CA  . ILE A 1 63  ? 9.222   -3.443  3.982   1.00 10.76 ?  42  ILE A CA  1 
ATOM   356  C C   . ILE A 1 63  ? 10.690  -3.829  4.010   1.00 10.42 ?  42  ILE A C   1 
ATOM   357  O O   . ILE A 1 63  ? 11.425  -3.467  4.943   1.00 11.56 ?  42  ILE A O   1 
ATOM   358  C CB  . ILE A 1 63  ? 9.041   -1.959  3.602   1.00 11.03 ?  42  ILE A CB  1 
ATOM   359  C CG1 . ILE A 1 63  ? 7.559   -1.582  3.565   1.00 12.80 ?  42  ILE A CG1 1 
ATOM   360  C CG2 . ILE A 1 63  ? 9.686   -1.658  2.263   1.00 11.67 ?  42  ILE A CG2 1 
ATOM   361  C CD1 . ILE A 1 63  ? 7.289   -0.138  3.227   1.00 15.84 ?  42  ILE A CD1 1 
ATOM   362  N N   . SER A 1 64  ? 11.122  -4.546  2.983   1.00 10.37 ?  43  SER A N   1 
ATOM   363  C CA  . SER A 1 64  ? 12.505  -4.953  2.868   1.00 11.17 ?  43  SER A CA  1 
ATOM   364  C C   . SER A 1 64  ? 12.906  -4.836  1.410   1.00 11.54 ?  43  SER A C   1 
ATOM   365  O O   . SER A 1 64  ? 12.057  -4.841  0.507   1.00 11.28 ?  43  SER A O   1 
ATOM   366  C CB  . SER A 1 64  ? 12.691  -6.375  3.394   1.00 14.10 ?  43  SER A CB  1 
ATOM   367  O OG  . SER A 1 64  ? 11.833  -7.281  2.731   1.00 14.97 ?  43  SER A OG  1 
ATOM   368  N N   . VAL A 1 65  ? 14.210  -4.707  1.189   1.00 12.25 ?  44  VAL A N   1 
ATOM   369  C CA  . VAL A 1 65  ? 14.790  -4.572  -0.140  1.00 13.15 ?  44  VAL A CA  1 
ATOM   370  C C   . VAL A 1 65  ? 15.942  -5.559  -0.232  1.00 15.38 ?  44  VAL A C   1 
ATOM   371  O O   . VAL A 1 65  ? 16.806  -5.600  0.653   1.00 17.53 ?  44  VAL A O   1 
ATOM   372  C CB  . VAL A 1 65  ? 15.297  -3.136  -0.382  1.00 13.64 ?  44  VAL A CB  1 
ATOM   373  C CG1 . VAL A 1 65  ? 15.993  -3.026  -1.734  1.00 17.14 ?  44  VAL A CG1 1 
ATOM   374  C CG2 . VAL A 1 65  ? 14.142  -2.153  -0.304  1.00 15.46 ?  44  VAL A CG2 1 
ATOM   375  N N   . ASN A 1 66  ? 15.953  -6.363  -1.284  1.00 12.88 ?  45  ASN A N   1 
ATOM   376  C CA  . ASN A 1 66  ? 17.019  -7.344  -1.489  1.00 12.64 ?  45  ASN A CA  1 
ATOM   377  C C   . ASN A 1 66  ? 17.369  -7.250  -2.969  1.00 14.92 ?  45  ASN A C   1 
ATOM   378  O O   . ASN A 1 66  ? 16.601  -7.710  -3.814  1.00 12.80 ?  45  ASN A O   1 
ATOM   379  C CB  . ASN A 1 66  ? 16.536  -8.734  -1.087  1.00 12.62 ?  45  ASN A CB  1 
ATOM   380  C CG  . ASN A 1 66  ? 17.615  -9.783  -1.176  1.00 14.77 ?  45  ASN A CG  1 
ATOM   381  O OD1 . ASN A 1 66  ? 18.459  -9.746  -2.073  1.00 16.17 ?  45  ASN A OD1 1 
ATOM   382  N ND2 . ASN A 1 66  ? 17.583  -10.748 -0.258  1.00 16.03 ?  45  ASN A ND2 1 
ATOM   383  N N   . GLY A 1 67  ? 18.514  -6.647  -3.273  1.00 16.16 ?  46  GLY A N   1 
ATOM   384  C CA  . GLY A 1 67  ? 18.845  -6.381  -4.668  1.00 16.58 ?  46  GLY A CA  1 
ATOM   385  C C   . GLY A 1 67  ? 17.823  -5.447  -5.289  1.00 15.43 ?  46  GLY A C   1 
ATOM   386  O O   . GLY A 1 67  ? 17.526  -4.371  -4.759  1.00 17.86 ?  46  GLY A O   1 
ATOM   387  N N   . ASP A 1 68  ? 17.267  -5.864  -6.423  1.00 15.47 ?  47  ASP A N   1 
ATOM   388  C CA  . ASP A 1 68  ? 16.259  -5.085  -7.125  1.00 17.03 ?  47  ASP A CA  1 
ATOM   389  C C   . ASP A 1 68  ? 14.845  -5.386  -6.649  1.00 13.21 ?  47  ASP A C   1 
ATOM   390  O O   . ASP A 1 68  ? 13.902  -4.755  -7.131  1.00 13.84 ?  47  ASP A O   1 
ATOM   391  C CB  . ASP A 1 68  ? 16.334  -5.359  -8.633  1.00 20.17 ?  47  ASP A CB  1 
ATOM   392  C CG  . ASP A 1 68  ? 17.619  -4.854  -9.259  1.00 28.54 ?  47  ASP A CG  1 
ATOM   393  O OD1 . ASP A 1 68  ? 18.088  -3.763  -8.872  1.00 28.46 ?  47  ASP A OD1 1 
ATOM   394  O OD2 . ASP A 1 68  ? 18.151  -5.551  -10.150 1.00 35.14 ?  47  ASP A OD2 1 
ATOM   395  N N   . VAL A 1 69  ? 14.671  -6.339  -5.738  1.00 11.88 ?  48  VAL A N   1 
ATOM   396  C CA  . VAL A 1 69  ? 13.346  -6.795  -5.329  1.00 10.89 ?  48  VAL A CA  1 
ATOM   397  C C   . VAL A 1 69  ? 12.954  -6.085  -4.047  1.00 10.87 ?  48  VAL A C   1 
ATOM   398  O O   . VAL A 1 69  ? 13.658  -6.180  -3.031  1.00 11.11 ?  48  VAL A O   1 
ATOM   399  C CB  . VAL A 1 69  ? 13.305  -8.316  -5.130  1.00 11.26 ?  48  VAL A CB  1 
ATOM   400  C CG1 . VAL A 1 69  ? 11.895  -8.749  -4.749  1.00 13.96 ?  48  VAL A CG1 1 
ATOM   401  C CG2 . VAL A 1 69  ? 13.768  -9.025  -6.398  1.00 13.59 ?  48  VAL A CG2 1 
ATOM   402  N N   . ILE A 1 70  ? 11.823  -5.408  -4.078  1.00 9.73  ?  49  ILE A N   1 
ATOM   403  C CA  . ILE A 1 70  ? 11.229  -4.794  -2.894  1.00 9.75  ?  49  ILE A CA  1 
ATOM   404  C C   . ILE A 1 70  ? 10.080  -5.684  -2.443  1.00 8.57  ?  49  ILE A C   1 
ATOM   405  O O   . ILE A 1 70  ? 9.281   -6.149  -3.272  1.00 9.18  ?  49  ILE A O   1 
ATOM   406  C CB  . ILE A 1 70  ? 10.722  -3.370  -3.225  1.00 8.82  ?  49  ILE A CB  1 
ATOM   407  C CG1 . ILE A 1 70  ? 11.879  -2.505  -3.728  1.00 11.84 ?  49  ILE A CG1 1 
ATOM   408  C CG2 . ILE A 1 70  ? 10.069  -2.754  -2.009  1.00 10.95 ?  49  ILE A CG2 1 
ATOM   409  C CD1 . ILE A 1 70  ? 11.439  -1.149  -4.258  1.00 16.81 ?  49  ILE A CD1 1 
ATOM   410  N N   . THR A 1 71  ? 9.989   -5.940  -1.147  1.00 9.49  ?  50  THR A N   1 
ATOM   411  C CA  . THR A 1 71  ? 8.895   -6.729  -0.599  1.00 9.54  ?  50  THR A CA  1 
ATOM   412  C C   . THR A 1 71  ? 8.156   -5.882  0.420   1.00 9.63  ?  50  THR A C   1 
ATOM   413  O O   . THR A 1 71  ? 8.780   -5.260  1.293   1.00 9.66  ?  50  THR A O   1 
ATOM   414  C CB  . THR A 1 71  ? 9.418   -8.005  0.068   1.00 11.05 ?  50  THR A CB  1 
ATOM   415  O OG1 . THR A 1 71  ? 10.062  -8.828  -0.914  1.00 11.75 ?  50  THR A OG1 1 
ATOM   416  C CG2 . THR A 1 71  ? 8.271   -8.782  0.729   1.00 13.75 ?  50  THR A CG2 1 
ATOM   417  N N   . ILE A 1 72  ? 6.836   -5.810  0.278   1.00 9.68  ?  51  ILE A N   1 
ATOM   418  C CA  . ILE A 1 72  ? 5.974   -5.148  1.252   1.00 10.19 ?  51  ILE A CA  1 
ATOM   419  C C   . ILE A 1 72  ? 5.004   -6.190  1.773   1.00 9.58  ?  51  ILE A C   1 
ATOM   420  O O   . ILE A 1 72  ? 4.217   -6.751  0.999   1.00 10.81 ?  51  ILE A O   1 
ATOM   421  C CB  . ILE A 1 72  ? 5.214   -3.960  0.640   1.00 10.81 ?  51  ILE A CB  1 
ATOM   422  C CG1 . ILE A 1 72  ? 6.188   -2.956  0.032   1.00 10.40 ?  51  ILE A CG1 1 
ATOM   423  C CG2 . ILE A 1 72  ? 4.293   -3.285  1.694   1.00 11.20 ?  51  ILE A CG2 1 
ATOM   424  C CD1 . ILE A 1 72  ? 5.495   -1.835  -0.719  1.00 13.89 ?  51  ILE A CD1 1 
ATOM   425  N N   . LYS A 1 73  ? 5.076   -6.461  3.068   1.00 10.84 ?  52  LYS A N   1 
ATOM   426  C CA  . LYS A 1 73  ? 4.145   -7.338  3.753   1.00 12.02 ?  52  LYS A CA  1 
ATOM   427  C C   . LYS A 1 73  ? 3.219   -6.495  4.613   1.00 12.97 ?  52  LYS A C   1 
ATOM   428  O O   . LYS A 1 73  ? 3.645   -5.501  5.210   1.00 12.79 ?  52  LYS A O   1 
ATOM   429  C CB  . LYS A 1 73  ? 4.905   -8.285  4.675   1.00 14.92 ?  52  LYS A CB  1 
ATOM   430  C CG  . LYS A 1 73  ? 5.936   -9.120  3.969   1.00 18.60 ?  52  LYS A CG  1 
ATOM   431  C CD  . LYS A 1 73  ? 6.474   -10.217 4.873   1.00 24.28 ?  52  LYS A CD  1 
ATOM   432  C CE  . LYS A 1 73  ? 7.656   -10.922 4.222   1.00 25.46 ?  52  LYS A CE  1 
ATOM   433  N NZ  . LYS A 1 73  ? 8.115   -12.090 5.025   1.00 31.99 ?  52  LYS A NZ  1 
ATOM   434  N N   . SER A 1 74  ? 1.958   -6.890  4.676   1.00 12.05 ?  53  SER A N   1 
ATOM   435  C CA  . SER A 1 74  ? 1.002   -6.303  5.603   1.00 13.03 ?  53  SER A CA  1 
ATOM   436  C C   . SER A 1 74  ? 0.447   -7.419  6.471   1.00 12.40 ?  53  SER A C   1 
ATOM   437  O O   . SER A 1 74  ? 0.006   -8.447  5.951   1.00 15.73 ?  53  SER A O   1 
ATOM   438  C CB  . SER A 1 74  ? -0.138  -5.636  4.839   1.00 17.32 ?  53  SER A CB  1 
ATOM   439  O OG  . SER A 1 74  ? -1.026  -4.965  5.727   1.00 19.87 ?  53  SER A OG  1 
ATOM   440  N N   . GLU A 1 75  ? 0.462   -7.220  7.783   1.00 13.12 ?  54  GLU A N   1 
ATOM   441  C CA  . GLU A 1 75  ? -0.083  -8.192  8.719   1.00 13.14 ?  54  GLU A CA  1 
ATOM   442  C C   . GLU A 1 75  ? -1.129  -7.503  9.573   1.00 12.51 ?  54  GLU A C   1 
ATOM   443  O O   . GLU A 1 75  ? -0.869  -6.432  10.131  1.00 11.92 ?  54  GLU A O   1 
ATOM   444  C CB  . GLU A 1 75  ? 1.011   -8.750  9.620   1.00 17.16 ?  54  GLU A CB  1 
ATOM   445  C CG  . GLU A 1 75  ? 1.991   -9.680  8.932   1.00 21.42 ?  54  GLU A CG  1 
ATOM   446  C CD  . GLU A 1 75  ? 3.045   -10.180 9.896   1.00 25.23 ?  54  GLU A CD  1 
ATOM   447  O OE1 . GLU A 1 75  ? 3.290   -9.484  10.905  1.00 28.01 ?  54  GLU A OE1 1 
ATOM   448  O OE2 . GLU A 1 75  ? 3.621   -11.262 9.642   1.00 34.94 ?  54  GLU A OE2 1 
ATOM   449  N N   . SER A 1 76  ? -2.310  -8.111  9.666   1.00 11.23 ?  55  SER A N   1 
ATOM   450  C CA  . SER A 1 76  ? -3.372  -7.556  10.494  1.00 15.12 ?  55  SER A CA  1 
ATOM   451  C C   . SER A 1 76  ? -4.336  -8.669  10.864  1.00 14.55 ?  55  SER A C   1 
ATOM   452  O O   . SER A 1 76  ? -4.241  -9.796  10.368  1.00 14.10 ?  55  SER A O   1 
ATOM   453  C CB  . SER A 1 76  ? -4.104  -6.410  9.785   1.00 15.45 ?  55  SER A CB  1 
ATOM   454  O OG  . SER A 1 76  ? -4.994  -6.891  8.801   1.00 15.50 ?  55  SER A OG  1 
ATOM   455  N N   . THR A 1 77  ? -5.280  -8.334  11.744  1.00 15.61 ?  56  THR A N   1 
ATOM   456  C CA  . THR A 1 77  ? -6.342  -9.279  12.077  1.00 14.22 ?  56  THR A CA  1 
ATOM   457  C C   . THR A 1 77  ? -7.278  -9.510  10.903  1.00 17.55 ?  56  THR A C   1 
ATOM   458  O O   . THR A 1 77  ? -7.974  -10.530 10.875  1.00 22.01 ?  56  THR A O   1 
ATOM   459  C CB  . THR A 1 77  ? -7.145  -8.780  13.283  1.00 17.84 ?  56  THR A CB  1 
ATOM   460  O OG1 . THR A 1 77  ? -7.745  -7.524  12.962  1.00 23.01 ?  56  THR A OG1 1 
ATOM   461  C CG2 . THR A 1 77  ? -6.241  -8.615  14.506  1.00 17.72 ?  56  THR A CG2 1 
ATOM   462  N N   . PHE A 1 78  ? -7.297  -8.593  9.933   1.00 14.44 ?  57  PHE A N   1 
ATOM   463  C CA  . PHE A 1 78  ? -8.136  -8.749  8.751   1.00 18.30 ?  57  PHE A CA  1 
ATOM   464  C C   . PHE A 1 78  ? -7.519  -9.747  7.780   1.00 19.35 ?  57  PHE A C   1 
ATOM   465  O O   . PHE A 1 78  ? -8.105  -10.794 7.489   1.00 19.84 ?  57  PHE A O   1 
ATOM   466  C CB  . PHE A 1 78  ? -8.355  -7.380  8.095   1.00 17.81 ?  57  PHE A CB  1 
ATOM   467  C CG  . PHE A 1 78  ? -9.031  -7.440  6.761   1.00 19.19 ?  57  PHE A CG  1 
ATOM   468  C CD1 . PHE A 1 78  ? -10.232 -8.116  6.605   1.00 19.96 ?  57  PHE A CD1 1 
ATOM   469  C CD2 . PHE A 1 78  ? -8.475  -6.798  5.666   1.00 20.15 ?  57  PHE A CD2 1 
ATOM   470  C CE1 . PHE A 1 78  ? -10.859 -8.171  5.367   1.00 21.43 ?  57  PHE A CE1 1 
ATOM   471  C CE2 . PHE A 1 78  ? -9.093  -6.848  4.430   1.00 21.08 ?  57  PHE A CE2 1 
ATOM   472  C CZ  . PHE A 1 78  ? -10.288 -7.536  4.282   1.00 20.48 ?  57  PHE A CZ  1 
ATOM   473  N N   . LYS A 1 79  ? -6.320  -9.447  7.284   1.00 17.81 ?  58  LYS A N   1 
ATOM   474  C CA  . LYS A 1 79  ? -5.616  -10.338 6.371   1.00 19.28 ?  58  LYS A CA  1 
ATOM   475  C C   . LYS A 1 79  ? -4.118  -10.118 6.510   1.00 18.69 ?  58  LYS A C   1 
ATOM   476  O O   . LYS A 1 79  ? -3.656  -9.067  6.966   1.00 18.60 ?  58  LYS A O   1 
ATOM   477  C CB  . LYS A 1 79  ? -5.983  -10.067 4.907   1.00 22.00 ?  58  LYS A CB  1 
ATOM   478  C CG  . LYS A 1 79  ? -7.365  -10.507 4.491   1.00 28.70 ?  58  LYS A CG  1 
ATOM   479  C CD  . LYS A 1 79  ? -7.300  -11.744 3.616   1.00 31.62 ?  58  LYS A CD  1 
ATOM   480  C CE  . LYS A 1 79  ? -8.670  -12.066 3.043   1.00 34.91 ?  58  LYS A CE  1 
ATOM   481  N NZ  . LYS A 1 79  ? -9.349  -13.123 3.842   1.00 35.87 ?  58  LYS A NZ  1 
ATOM   482  N N   . ASN A 1 80  ? -3.362  -11.128 6.103   1.00 15.59 ?  59  ASN A N   1 
ATOM   483  C CA  . ASN A 1 80  ? -1.923  -11.013 5.908   1.00 16.39 ?  59  ASN A CA  1 
ATOM   484  C C   . ASN A 1 80  ? -1.667  -11.088 4.409   1.00 20.75 ?  59  ASN A C   1 
ATOM   485  O O   . ASN A 1 80  ? -2.082  -12.052 3.756   1.00 24.97 ?  59  ASN A O   1 
ATOM   486  C CB  . ASN A 1 80  ? -1.179  -12.132 6.633   1.00 20.66 ?  59  ASN A CB  1 
ATOM   487  C CG  . ASN A 1 80  ? -1.401  -12.111 8.135   1.00 21.17 ?  59  ASN A CG  1 
ATOM   488  O OD1 . ASN A 1 80  ? -1.572  -11.056 8.737   1.00 17.22 ?  59  ASN A OD1 1 
ATOM   489  N ND2 . ASN A 1 80  ? -1.416  -13.291 8.744   1.00 27.88 ?  59  ASN A ND2 1 
ATOM   490  N N   . THR A 1 81  ? -1.016  -10.065 3.862   1.00 15.78 ?  60  THR A N   1 
ATOM   491  C CA  . THR A 1 81  ? -0.730  -10.007 2.436   1.00 16.36 ?  60  THR A CA  1 
ATOM   492  C C   . THR A 1 81  ? 0.746   -9.697  2.233   1.00 14.26 ?  60  THR A C   1 
ATOM   493  O O   . THR A 1 81  ? 1.426   -9.202  3.131   1.00 14.45 ?  60  THR A O   1 
ATOM   494  C CB  . THR A 1 81  ? -1.553  -8.923  1.739   1.00 16.40 ?  60  THR A CB  1 
ATOM   495  O OG1 . THR A 1 81  ? -1.252  -7.649  2.321   1.00 21.22 ?  60  THR A OG1 1 
ATOM   496  C CG2 . THR A 1 81  ? -3.039  -9.206  1.871   1.00 22.32 ?  60  THR A CG2 1 
ATOM   497  N N   . GLU A 1 82  ? 1.231   -9.967  1.022   1.00 14.51 ?  61  GLU A N   1 
ATOM   498  C CA  . GLU A 1 82  ? 2.628   -9.731  0.688   1.00 13.61 ?  61  GLU A CA  1 
ATOM   499  C C   . GLU A 1 82  ? 2.732   -9.520  -0.814  1.00 13.33 ?  61  GLU A C   1 
ATOM   500  O O   . GLU A 1 82  ? 2.085   -10.230 -1.592  1.00 14.66 ?  61  GLU A O   1 
ATOM   501  C CB  . GLU A 1 82  ? 3.475   -10.929 1.131   1.00 19.60 ?  61  GLU A CB  1 
ATOM   502  C CG  . GLU A 1 82  ? 4.944   -10.905 0.736   1.00 24.56 ?  61  GLU A CG  1 
ATOM   503  C CD  . GLU A 1 82  ? 5.668   -12.194 1.124   1.00 30.50 ?  61  GLU A CD  1 
ATOM   504  O OE1 . GLU A 1 82  ? 5.141   -12.939 1.978   1.00 32.98 ?  61  GLU A OE1 1 
ATOM   505  O OE2 . GLU A 1 82  ? 6.762   -12.464 0.582   1.00 33.51 ?  61  GLU A OE2 1 
ATOM   506  N N   . ILE A 1 83  ? 3.529   -8.530  -1.213  1.00 11.04 ?  62  ILE A N   1 
ATOM   507  C CA  . ILE A 1 83  ? 3.895   -8.336  -2.611  1.00 11.23 ?  62  ILE A CA  1 
ATOM   508  C C   . ILE A 1 83  ? 5.405   -8.198  -2.698  1.00 9.81  ?  62  ILE A C   1 
ATOM   509  O O   . ILE A 1 83  ? 6.041   -7.587  -1.830  1.00 10.76 ?  62  ILE A O   1 
ATOM   510  C CB  . ILE A 1 83  ? 3.190   -7.121  -3.267  1.00 9.95  ?  62  ILE A CB  1 
ATOM   511  C CG1 . ILE A 1 83  ? 3.529   -5.822  -2.527  1.00 11.57 ?  62  ILE A CG1 1 
ATOM   512  C CG2 . ILE A 1 83  ? 1.669   -7.340  -3.358  1.00 13.99 ?  62  ILE A CG2 1 
ATOM   513  C CD1 . ILE A 1 83  ? 3.029   -4.556  -3.232  1.00 14.27 ?  62  ILE A CD1 1 
ATOM   514  N N   . SER A 1 84  ? 5.980   -8.793  -3.729  1.00 8.90  ?  63  SER A N   1 
ATOM   515  C CA  . SER A 1 84  ? 7.377   -8.571  -4.072  1.00 8.98  ?  63  SER A CA  1 
ATOM   516  C C   . SER A 1 84  ? 7.421   -8.124  -5.523  1.00 10.27 ?  63  SER A C   1 
ATOM   517  O O   . SER A 1 84  ? 6.654   -8.621  -6.354  1.00 11.03 ?  63  SER A O   1 
ATOM   518  C CB  . SER A 1 84  ? 8.211   -9.841  -3.902  1.00 11.71 ?  63  SER A CB  1 
ATOM   519  O OG  . SER A 1 84  ? 8.277   -10.197 -2.533  1.00 12.20 ?  63  SER A OG  1 
ATOM   520  N N   . PHE A 1 85  ? 8.296   -7.170  -5.832  1.00 9.20  ?  64  PHE A N   1 
ATOM   521  C CA  . PHE A 1 85  ? 8.242   -6.563  -7.155  1.00 8.29  ?  64  PHE A CA  1 
ATOM   522  C C   . PHE A 1 85  ? 9.557   -5.873  -7.457  1.00 9.15  ?  64  PHE A C   1 
ATOM   523  O O   . PHE A 1 85  ? 10.354  -5.573  -6.559  1.00 8.70  ?  64  PHE A O   1 
ATOM   524  C CB  . PHE A 1 85  ? 7.090   -5.551  -7.245  1.00 9.48  ?  64  PHE A CB  1 
ATOM   525  C CG  . PHE A 1 85  ? 7.171   -4.452  -6.218  1.00 9.53  ?  64  PHE A CG  1 
ATOM   526  C CD1 . PHE A 1 85  ? 6.601   -4.603  -4.950  1.00 9.66  ?  64  PHE A CD1 1 
ATOM   527  C CD2 . PHE A 1 85  ? 7.834   -3.274  -6.506  1.00 10.42 ?  64  PHE A CD2 1 
ATOM   528  C CE1 . PHE A 1 85  ? 6.695   -3.602  -4.016  1.00 9.47  ?  64  PHE A CE1 1 
ATOM   529  C CE2 . PHE A 1 85  ? 7.923   -2.269  -5.567  1.00 10.28 ?  64  PHE A CE2 1 
ATOM   530  C CZ  . PHE A 1 85  ? 7.354   -2.430  -4.323  1.00 9.03  ?  64  PHE A CZ  1 
ATOM   531  N N   . ILE A 1 86  ? 9.755   -5.631  -8.748  1.00 9.33  ?  65  ILE A N   1 
ATOM   532  C CA  . ILE A 1 86  ? 10.850  -4.828  -9.268  1.00 10.27 ?  65  ILE A CA  1 
ATOM   533  C C   . ILE A 1 86  ? 10.237  -3.561  -9.849  1.00 8.54  ?  65  ILE A C   1 
ATOM   534  O O   . ILE A 1 86  ? 9.192   -3.607  -10.515 1.00 9.19  ?  65  ILE A O   1 
ATOM   535  C CB  . ILE A 1 86  ? 11.636  -5.627  -10.328 1.00 10.11 ?  65  ILE A CB  1 
ATOM   536  C CG1 . ILE A 1 86  ? 12.267  -6.871  -9.676  1.00 12.86 ?  65  ILE A CG1 1 
ATOM   537  C CG2 . ILE A 1 86  ? 12.669  -4.736  -11.020 1.00 11.66 ?  65  ILE A CG2 1 
ATOM   538  C CD1 . ILE A 1 86  ? 12.930  -7.839  -10.661 1.00 14.16 ?  65  ILE A CD1 1 
ATOM   539  N N   . LEU A 1 87  ? 10.864  -2.429  -9.563  1.00 8.93  ?  66  LEU A N   1 
ATOM   540  C CA  . LEU A 1 87  ? 10.320  -1.152  -10.007 1.00 8.76  ?  66  LEU A CA  1 
ATOM   541  C C   . LEU A 1 87  ? 10.148  -1.132  -11.516 1.00 10.04 ?  66  LEU A C   1 
ATOM   542  O O   . LEU A 1 87  ? 11.042  -1.544  -12.270 1.00 11.09 ?  66  LEU A O   1 
ATOM   543  C CB  . LEU A 1 87  ? 11.231  -0.003  -9.568  1.00 10.81 ?  66  LEU A CB  1 
ATOM   544  C CG  . LEU A 1 87  ? 11.342  0.209   -8.054  1.00 10.61 ?  66  LEU A CG  1 
ATOM   545  C CD1 . LEU A 1 87  ? 12.447  1.220   -7.747  1.00 13.24 ?  66  LEU A CD1 1 
ATOM   546  C CD2 . LEU A 1 87  ? 10.029  0.677   -7.461  1.00 12.53 ?  66  LEU A CD2 1 
ATOM   547  N N   . GLY A 1 88  ? 8.984   -0.659  -11.947 1.00 10.34 ?  67  GLY A N   1 
ATOM   548  C CA  . GLY A 1 88  ? 8.654   -0.530  -13.343 1.00 10.70 ?  67  GLY A CA  1 
ATOM   549  C C   . GLY A 1 88  ? 8.170   -1.790  -14.023 1.00 11.04 ?  67  GLY A C   1 
ATOM   550  O O   . GLY A 1 88  ? 7.819   -1.725  -15.207 1.00 11.08 ?  67  GLY A O   1 
ATOM   551  N N   . GLN A 1 89  ? 8.091   -2.925  -13.316 1.00 9.79  ?  68  GLN A N   1 
ATOM   552  C CA  . GLN A 1 89  ? 7.769   -4.217  -13.918 1.00 10.20 ?  68  GLN A CA  1 
ATOM   553  C C   . GLN A 1 89  ? 6.433   -4.734  -13.388 1.00 10.26 ?  68  GLN A C   1 
ATOM   554  O O   . GLN A 1 89  ? 6.303   -5.020  -12.191 1.00 10.00 ?  68  GLN A O   1 
ATOM   555  C CB  . GLN A 1 89  ? 8.890   -5.217  -13.638 1.00 11.25 ?  68  GLN A CB  1 
ATOM   556  C CG  . GLN A 1 89  ? 10.251  -4.682  -14.109 1.00 13.47 ?  68  GLN A CG  1 
ATOM   557  C CD  . GLN A 1 89  ? 11.314  -5.745  -14.244 1.00 15.83 ?  68  GLN A CD  1 
ATOM   558  O OE1 . GLN A 1 89  ? 11.092  -6.918  -13.955 1.00 18.90 ?  68  GLN A OE1 1 
ATOM   559  N NE2 . GLN A 1 89  ? 12.482  -5.332  -14.712 1.00 18.73 ?  68  GLN A NE2 1 
ATOM   560  N N   . GLU A 1 90  ? 5.458   -4.883  -14.283 1.00 10.56 ?  69  GLU A N   1 
ATOM   561  C CA  . GLU A 1 90  ? 4.101   -5.233  -13.889 1.00 10.33 ?  69  GLU A CA  1 
ATOM   562  C C   . GLU A 1 90  ? 4.045   -6.616  -13.250 1.00 10.90 ?  69  GLU A C   1 
ATOM   563  O O   . GLU A 1 90  ? 4.776   -7.536  -13.635 1.00 10.98 ?  69  GLU A O   1 
ATOM   564  C CB  . GLU A 1 90  ? 3.186   -5.215  -15.117 1.00 12.53 ?  69  GLU A CB  1 
ATOM   565  C CG  . GLU A 1 90  ? 1.727   -5.549  -14.827 1.00 14.87 ?  69  GLU A CG  1 
ATOM   566  C CD  . GLU A 1 90  ? 0.832   -5.372  -16.029 1.00 20.86 ?  69  GLU A CD  1 
ATOM   567  O OE1 . GLU A 1 90  ? 1.093   -6.019  -17.061 1.00 28.05 ?  69  GLU A OE1 1 
ATOM   568  O OE2 . GLU A 1 90  ? -0.122  -4.569  -15.941 1.00 25.03 ?  69  GLU A OE2 1 
ATOM   569  N N   . PHE A 1 91  ? 3.155   -6.766  -12.273 1.00 9.55  ?  70  PHE A N   1 
ATOM   570  C CA  . PHE A 1 91  ? 2.966   -8.028  -11.575 1.00 10.79 ?  70  PHE A CA  1 
ATOM   571  C C   . PHE A 1 91  ? 1.498   -8.223  -11.227 1.00 11.81 ?  70  PHE A C   1 
ATOM   572  O O   . PHE A 1 91  ? 0.684   -7.294  -11.273 1.00 12.84 ?  70  PHE A O   1 
ATOM   573  C CB  . PHE A 1 91  ? 3.847   -8.145  -10.320 1.00 10.64 ?  70  PHE A CB  1 
ATOM   574  C CG  . PHE A 1 91  ? 3.587   -7.076  -9.264  1.00 9.71  ?  70  PHE A CG  1 
ATOM   575  C CD1 . PHE A 1 91  ? 4.149   -5.804  -9.381  1.00 10.10 ?  70  PHE A CD1 1 
ATOM   576  C CD2 . PHE A 1 91  ? 2.803   -7.345  -8.151  1.00 11.66 ?  70  PHE A CD2 1 
ATOM   577  C CE1 . PHE A 1 91  ? 3.925   -4.824  -8.423  1.00 11.10 ?  70  PHE A CE1 1 
ATOM   578  C CE2 . PHE A 1 91  ? 2.590   -6.371  -7.177  1.00 12.26 ?  70  PHE A CE2 1 
ATOM   579  C CZ  . PHE A 1 91  ? 3.153   -5.104  -7.321  1.00 11.78 ?  70  PHE A CZ  1 
ATOM   580  N N   . ASP A 1 92  ? 1.172   -9.472  -10.896 1.00 13.41 ?  71  ASP A N   1 
ATOM   581  C CA  . ASP A 1 92  ? -0.151  -9.849  -10.420 1.00 14.80 ?  71  ASP A CA  1 
ATOM   582  C C   . ASP A 1 92  ? -0.233  -9.680  -8.917  1.00 13.36 ?  71  ASP A C   1 
ATOM   583  O O   . ASP A 1 92  ? 0.693   -10.046 -8.183  1.00 15.73 ?  71  ASP A O   1 
ATOM   584  C CB  . ASP A 1 92  ? -0.406  -11.319 -10.717 1.00 15.67 ?  71  ASP A CB  1 
ATOM   585  C CG  . ASP A 1 92  ? -0.546  -11.582 -12.165 1.00 16.71 ?  71  ASP A CG  1 
ATOM   586  O OD1 . ASP A 1 92  ? -1.345  -10.869 -12.808 1.00 18.24 ?  71  ASP A OD1 1 
ATOM   587  O OD2 . ASP A 1 92  ? 0.147   -12.493 -12.663 1.00 18.04 ?  71  ASP A OD2 1 
ATOM   588  N N   . GLU A 1 93  ? -1.356  -9.136  -8.458  1.00 13.66 ?  72  GLU A N   1 
ATOM   589  C CA  . GLU A 1 93  ? -1.577  -8.937  -7.037  1.00 14.05 ?  72  GLU A CA  1 
ATOM   590  C C   . GLU A 1 93  ? -3.010  -9.336  -6.718  1.00 14.31 ?  72  GLU A C   1 
ATOM   591  O O   . GLU A 1 93  ? -3.935  -8.986  -7.452  1.00 16.36 ?  72  GLU A O   1 
ATOM   592  C CB  . GLU A 1 93  ? -1.336  -7.455  -6.660  1.00 13.69 ?  72  GLU A CB  1 
ATOM   593  C CG  . GLU A 1 93  ? -1.539  -7.131  -5.165  1.00 15.22 ?  72  GLU A CG  1 
ATOM   594  C CD  . GLU A 1 93  ? -1.335  -5.660  -4.845  1.00 13.61 ?  72  GLU A CD  1 
ATOM   595  O OE1 . GLU A 1 93  ? -1.116  -4.862  -5.789  1.00 13.98 ?  72  GLU A OE1 1 
ATOM   596  O OE2 . GLU A 1 93  ? -1.413  -5.282  -3.659  1.00 16.02 ?  72  GLU A OE2 1 
ATOM   597  N N   . VAL A 1 94  ? -3.180  -10.077 -5.630  1.00 18.06 ?  73  VAL A N   1 
ATOM   598  C CA  . VAL A 1 94  ? -4.492  -10.287 -5.030  1.00 17.40 ?  73  VAL A CA  1 
ATOM   599  C C   . VAL A 1 94  ? -4.549  -9.402  -3.795  1.00 17.49 ?  73  VAL A C   1 
ATOM   600  O O   . VAL A 1 94  ? -3.758  -9.571  -2.864  1.00 20.00 ?  73  VAL A O   1 
ATOM   601  C CB  . VAL A 1 94  ? -4.732  -11.766 -4.684  1.00 21.90 ?  73  VAL A CB  1 
ATOM   602  C CG1 . VAL A 1 94  ? -6.114  -11.938 -4.063  1.00 23.81 ?  73  VAL A CG1 1 
ATOM   603  C CG2 . VAL A 1 94  ? -4.590  -12.642 -5.933  1.00 23.43 ?  73  VAL A CG2 1 
ATOM   604  N N   . THR A 1 95  ? -5.458  -8.432  -3.797  1.00 15.12 ?  74  THR A N   1 
ATOM   605  C CA  . THR A 1 95  ? -5.494  -7.449  -2.723  1.00 15.53 ?  74  THR A CA  1 
ATOM   606  C C   . THR A 1 95  ? -6.173  -8.026  -1.478  1.00 17.42 ?  74  THR A C   1 
ATOM   607  O O   . THR A 1 95  ? -6.787  -9.094  -1.513  1.00 18.51 ?  74  THR A O   1 
ATOM   608  C CB  . THR A 1 95  ? -6.222  -6.189  -3.184  1.00 15.24 ?  74  THR A CB  1 
ATOM   609  O OG1 . THR A 1 95  ? -7.591  -6.510  -3.487  1.00 15.26 ?  74  THR A OG1 1 
ATOM   610  C CG2 . THR A 1 95  ? -5.552  -5.599  -4.429  1.00 14.83 ?  74  THR A CG2 1 
ATOM   611  N N   . ALA A 1 96  ? -6.063  -7.295  -0.367  1.00 17.08 ?  75  ALA A N   1 
ATOM   612  C CA  . ALA A 1 96  ? -6.651  -7.759  0.890   1.00 19.84 ?  75  ALA A CA  1 
ATOM   613  C C   . ALA A 1 96  ? -8.156  -7.970  0.773   1.00 22.29 ?  75  ALA A C   1 
ATOM   614  O O   . ALA A 1 96  ? -8.705  -8.878  1.409   1.00 21.88 ?  75  ALA A O   1 
ATOM   615  C CB  . ALA A 1 96  ? -6.326  -6.793  2.027   1.00 21.33 ?  75  ALA A CB  1 
ATOM   616  N N   . ASP A 1 97  ? -8.837  -7.151  -0.026  1.00 18.13 ?  76  ASP A N   1 
ATOM   617  C CA  . ASP A 1 97  ? -10.261 -7.303  -0.290  1.00 17.56 ?  76  ASP A CA  1 
ATOM   618  C C   . ASP A 1 97  ? -10.554 -8.255  -1.444  1.00 20.78 ?  76  ASP A C   1 
ATOM   619  O O   . ASP A 1 97  ? -11.680 -8.263  -1.956  1.00 22.68 ?  76  ASP A O   1 
ATOM   620  C CB  . ASP A 1 97  ? -10.908 -5.937  -0.534  1.00 17.97 ?  76  ASP A CB  1 
ATOM   621  C CG  . ASP A 1 97  ? -10.279 -5.190  -1.688  1.00 15.32 ?  76  ASP A CG  1 
ATOM   622  O OD1 . ASP A 1 97  ? -9.031  -5.062  -1.711  1.00 16.47 ?  76  ASP A OD1 1 
ATOM   623  O OD2 . ASP A 1 97  ? -11.021 -4.728  -2.574  1.00 15.32 ?  76  ASP A OD2 1 
ATOM   624  N N   . ASP A 1 98  ? -9.561  -9.037  -1.875  1.00 19.56 ?  77  ASP A N   1 
ATOM   625  C CA  . ASP A 1 98  ? -9.748  -10.116 -2.844  1.00 21.27 ?  77  ASP A CA  1 
ATOM   626  C C   . ASP A 1 98  ? -10.000 -9.620  -4.268  1.00 23.75 ?  77  ASP A C   1 
ATOM   627  O O   . ASP A 1 98  ? -10.654 -10.298 -5.065  1.00 23.87 ?  77  ASP A O   1 
ATOM   628  C CB  . ASP A 1 98  ? -10.824 -11.122 -2.408  1.00 22.95 ?  77  ASP A CB  1 
ATOM   629  C CG  . ASP A 1 98  ? -10.460 -12.554 -2.753  1.00 32.68 ?  77  ASP A CG  1 
ATOM   630  O OD1 . ASP A 1 98  ? -9.258  -12.894 -2.713  1.00 36.36 ?  77  ASP A OD1 1 
ATOM   631  O OD2 . ASP A 1 98  ? -11.378 -13.342 -3.068  1.00 37.51 ?  77  ASP A OD2 1 
ATOM   632  N N   . ARG A 1 99  ? -9.486  -8.451  -4.629  1.00 18.72 ?  78  ARG A N   1 
ATOM   633  C CA  . ARG A 1 99  ? -9.432  -8.095  -6.039  1.00 17.54 ?  78  ARG A CA  1 
ATOM   634  C C   . ARG A 1 99  ? -8.196  -8.738  -6.652  1.00 17.42 ?  78  ARG A C   1 
ATOM   635  O O   . ARG A 1 99  ? -7.142  -8.808  -6.017  1.00 18.10 ?  78  ARG A O   1 
ATOM   636  C CB  . ARG A 1 99  ? -9.349  -6.579  -6.223  1.00 17.37 ?  78  ARG A CB  1 
ATOM   637  C CG  . ARG A 1 99  ? -10.659 -5.807  -6.026  1.00 16.90 ?  78  ARG A CG  1 
ATOM   638  C CD  . ARG A 1 99  ? -10.392 -4.293  -6.019  1.00 16.22 ?  78  ARG A CD  1 
ATOM   639  N NE  . ARG A 1 99  ? -9.669  -3.904  -4.810  1.00 14.36 ?  78  ARG A NE  1 
ATOM   640  C CZ  . ARG A 1 99  ? -8.582  -3.130  -4.773  1.00 13.81 ?  78  ARG A CZ  1 
ATOM   641  N NH1 . ARG A 1 99  ? -8.061  -2.608  -5.889  1.00 14.23 ?  78  ARG A NH1 1 
ATOM   642  N NH2 . ARG A 1 99  ? -8.015  -2.883  -3.596  1.00 13.49 ?  78  ARG A NH2 1 
ATOM   643  N N   . LYS A 1 100 ? -8.331  -9.217  -7.882  1.00 16.57 ?  79  LYS A N   1 
ATOM   644  C CA  . LYS A 1 100 ? -7.192  -9.690  -8.663  1.00 17.87 ?  79  LYS A CA  1 
ATOM   645  C C   . LYS A 1 100 ? -6.814  -8.558  -9.609  1.00 16.44 ?  79  LYS A C   1 
ATOM   646  O O   . LYS A 1 100 ? -7.563  -8.237  -10.539 1.00 18.45 ?  79  LYS A O   1 
ATOM   647  C CB  . LYS A 1 100 ? -7.542  -10.960 -9.436  1.00 17.79 ?  79  LYS A CB  1 
ATOM   648  C CG  . LYS A 1 100 ? -6.376  -11.543 -10.221 1.00 27.97 ?  79  LYS A CG  1 
ATOM   649  C CD  . LYS A 1 100 ? -6.815  -12.046 -11.592 1.00 30.06 ?  79  LYS A CD  1 
ATOM   650  C CE  . LYS A 1 100 ? -5.733  -11.804 -12.645 1.00 31.76 ?  79  LYS A CE  1 
ATOM   651  N NZ  . LYS A 1 100 ? -5.841  -10.464 -13.297 1.00 32.92 ?  79  LYS A NZ  1 
ATOM   652  N N   . VAL A 1 101 ? -5.668  -7.928  -9.355  1.00 13.44 ?  80  VAL A N   1 
ATOM   653  C CA  . VAL A 1 101 ? -5.304  -6.705  -10.057 1.00 15.06 ?  80  VAL A CA  1 
ATOM   654  C C   . VAL A 1 101 ? -3.965  -6.887  -10.761 1.00 12.92 ?  80  VAL A C   1 
ATOM   655  O O   . VAL A 1 101 ? -3.166  -7.766  -10.428 1.00 13.28 ?  80  VAL A O   1 
ATOM   656  C CB  . VAL A 1 101 ? -5.266  -5.468  -9.131  1.00 14.16 ?  80  VAL A CB  1 
ATOM   657  C CG1 . VAL A 1 101 ? -6.573  -5.352  -8.340  1.00 14.34 ?  80  VAL A CG1 1 
ATOM   658  C CG2 . VAL A 1 101 ? -4.082  -5.555  -8.185  1.00 12.18 ?  80  VAL A CG2 1 
ATOM   659  N N   . LYS A 1 102 ? -3.732  -6.040  -11.753 1.00 13.14 ?  81  LYS A N   1 
ATOM   660  C CA  . LYS A 1 102 ? -2.417  -5.892  -12.360 1.00 13.13 ?  81  LYS A CA  1 
ATOM   661  C C   . LYS A 1 102 ? -1.792  -4.628  -11.796 1.00 12.98 ?  81  LYS A C   1 
ATOM   662  O O   . LYS A 1 102 ? -2.400  -3.552  -11.859 1.00 13.56 ?  81  LYS A O   1 
ATOM   663  C CB  . LYS A 1 102 ? -2.525  -5.777  -13.879 1.00 15.14 ?  81  LYS A CB  1 
ATOM   664  C CG  . LYS A 1 102 ? -3.188  -6.973  -14.560 1.00 17.99 ?  81  LYS A CG  1 
ATOM   665  C CD  . LYS A 1 102 ? -2.316  -8.219  -14.522 1.00 20.17 ?  81  LYS A CD  1 
ATOM   666  C CE  . LYS A 1 102 ? -2.927  -9.328  -15.380 1.00 22.64 ?  81  LYS A CE  1 
ATOM   667  N NZ  . LYS A 1 102 ? -2.137  -10.593 -15.287 1.00 25.29 ?  81  LYS A NZ  1 
ATOM   668  N N   . SER A 1 103 ? -0.597  -4.762  -11.230 1.00 10.75 ?  82  SER A N   1 
ATOM   669  C CA  . SER A 1 103 ? 0.049   -3.682  -10.497 1.00 10.04 ?  82  SER A CA  1 
ATOM   670  C C   . SER A 1 103 ? 1.389   -3.322  -11.117 1.00 9.54  ?  82  SER A C   1 
ATOM   671  O O   . SER A 1 103 ? 2.137   -4.193  -11.561 1.00 10.48 ?  82  SER A O   1 
ATOM   672  C CB  . SER A 1 103 ? 0.289   -4.090  -9.052  1.00 12.01 ?  82  SER A CB  1 
ATOM   673  O OG  . SER A 1 103 ? -0.935  -4.171  -8.341  1.00 11.32 ?  82  SER A OG  1 
ATOM   674  N N   . THR A 1 104 ? 1.703   -2.031  -11.143 1.00 9.07  ?  83  THR A N   1 
ATOM   675  C CA  . THR A 1 104 ? 3.050   -1.568  -11.468 1.00 9.80  ?  83  THR A CA  1 
ATOM   676  C C   . THR A 1 104 ? 3.446   -0.526  -10.435 1.00 8.94  ?  83  THR A C   1 
ATOM   677  O O   . THR A 1 104 ? 2.658   0.384   -10.139 1.00 10.20 ?  83  THR A O   1 
ATOM   678  C CB  . THR A 1 104 ? 3.097   -0.941  -12.862 1.00 11.62 ?  83  THR A CB  1 
ATOM   679  O OG1 . THR A 1 104 ? 2.495   -1.850  -13.796 1.00 13.54 ?  83  THR A OG1 1 
ATOM   680  C CG2 . THR A 1 104 ? 4.526   -0.663  -13.262 1.00 12.47 ?  83  THR A CG2 1 
ATOM   681  N N   . ILE A 1 105 ? 4.648   -0.649  -9.882  1.00 8.81  ?  84  ILE A N   1 
ATOM   682  C CA  . ILE A 1 105 ? 5.154   0.279   -8.877  1.00 8.56  ?  84  ILE A CA  1 
ATOM   683  C C   . ILE A 1 105 ? 6.438   0.906   -9.397  1.00 9.94  ?  84  ILE A C   1 
ATOM   684  O O   . ILE A 1 105 ? 7.345   0.197   -9.849  1.00 9.44  ?  84  ILE A O   1 
ATOM   685  C CB  . ILE A 1 105 ? 5.380   -0.403  -7.520  1.00 8.69  ?  84  ILE A CB  1 
ATOM   686  C CG1 . ILE A 1 105 ? 4.071   -1.058  -7.046  1.00 8.71  ?  84  ILE A CG1 1 
ATOM   687  C CG2 . ILE A 1 105 ? 5.918   0.604   -6.522  1.00 9.51  ?  84  ILE A CG2 1 
ATOM   688  C CD1 . ILE A 1 105 ? 4.172   -1.812  -5.722  1.00 10.71 ?  84  ILE A CD1 1 
ATOM   689  N N   . THR A 1 106 ? 6.501   2.230   -9.358  1.00 9.01  ?  85  THR A N   1 
ATOM   690  C CA  . THR A 1 106 ? 7.666   2.994   -9.769  1.00 10.64 ?  85  THR A CA  1 
ATOM   691  C C   . THR A 1 106 ? 8.073   3.927   -8.639  1.00 11.70 ?  85  THR A C   1 
ATOM   692  O O   . THR A 1 106 ? 7.338   4.129   -7.670  1.00 11.75 ?  85  THR A O   1 
ATOM   693  C CB  . THR A 1 106 ? 7.374   3.789   -11.051 1.00 12.12 ?  85  THR A CB  1 
ATOM   694  O OG1 . THR A 1 106 ? 6.197   4.586   -10.862 1.00 15.25 ?  85  THR A OG1 1 
ATOM   695  C CG2 . THR A 1 106 ? 7.148   2.839   -12.226 1.00 13.50 ?  85  THR A CG2 1 
ATOM   696  N N   . LEU A 1 107 ? 9.268   4.483   -8.758  1.00 13.35 ?  86  LEU A N   1 
ATOM   697  C CA  . LEU A 1 107 ? 9.751   5.507   -7.845  1.00 14.19 ?  86  LEU A CA  1 
ATOM   698  C C   . LEU A 1 107 ? 9.733   6.831   -8.597  1.00 17.22 ?  86  LEU A C   1 
ATOM   699  O O   . LEU A 1 107 ? 10.336  6.943   -9.673  1.00 21.66 ?  86  LEU A O   1 
ATOM   700  C CB  . LEU A 1 107 ? 11.168  5.163   -7.391  1.00 18.61 ?  86  LEU A CB  1 
ATOM   701  C CG  . LEU A 1 107 ? 11.768  5.638   -6.071  1.00 21.58 ?  86  LEU A CG  1 
ATOM   702  C CD1 . LEU A 1 107 ? 10.811  5.431   -4.902  1.00 15.59 ?  86  LEU A CD1 1 
ATOM   703  C CD2 . LEU A 1 107 ? 13.074  4.888   -5.828  1.00 24.52 ?  86  LEU A CD2 1 
ATOM   704  N N   . ASP A 1 108 ? 9.022   7.816   -8.056  1.00 15.00 ?  87  ASP A N   1 
ATOM   705  C CA  . ASP A 1 108 ? 8.959   9.159   -8.623  1.00 19.03 ?  87  ASP A CA  1 
ATOM   706  C C   . ASP A 1 108 ? 9.449   10.118  -7.551  1.00 15.69 ?  87  ASP A C   1 
ATOM   707  O O   . ASP A 1 108 ? 8.734   10.386  -6.582  1.00 14.26 ?  87  ASP A O   1 
ATOM   708  C CB  . ASP A 1 108 ? 7.533   9.514   -9.038  1.00 19.52 ?  87  ASP A CB  1 
ATOM   709  C CG  . ASP A 1 108 ? 7.415   10.930  -9.569  1.00 26.11 ?  87  ASP A CG  1 
ATOM   710  O OD1 . ASP A 1 108 ? 8.427   11.462  -10.076 1.00 28.24 ?  87  ASP A OD1 1 
ATOM   711  O OD2 . ASP A 1 108 ? 6.311   11.507  -9.482  1.00 30.64 ?  87  ASP A OD2 1 
ATOM   712  N N   . GLY A 1 109 ? 10.668  10.622  -7.721  1.00 16.10 ?  88  GLY A N   1 
ATOM   713  C CA  . GLY A 1 109 ? 11.239  11.563  -6.775  1.00 19.03 ?  88  GLY A CA  1 
ATOM   714  C C   . GLY A 1 109 ? 11.048  11.171  -5.323  1.00 19.08 ?  88  GLY A C   1 
ATOM   715  O O   . GLY A 1 109 ? 10.530  11.953  -4.517  1.00 20.58 ?  88  GLY A O   1 
ATOM   716  N N   . GLY A 1 110 ? 11.440  9.948   -4.985  1.00 16.36 ?  89  GLY A N   1 
ATOM   717  C CA  . GLY A 1 110 ? 11.380  9.476   -3.610  1.00 15.00 ?  89  GLY A CA  1 
ATOM   718  C C   . GLY A 1 110 ? 10.057  8.877   -3.165  1.00 13.69 ?  89  GLY A C   1 
ATOM   719  O O   . GLY A 1 110 ? 9.979   8.373   -2.036  1.00 16.04 ?  89  GLY A O   1 
ATOM   720  N N   . VAL A 1 111 ? 9.019   8.927   -4.002  1.00 11.03 ?  90  VAL A N   1 
ATOM   721  C CA  . VAL A 1 111 ? 7.693   8.412   -3.685  1.00 11.52 ?  90  VAL A CA  1 
ATOM   722  C C   . VAL A 1 111 ? 7.493   7.111   -4.444  1.00 9.97  ?  90  VAL A C   1 
ATOM   723  O O   . VAL A 1 111 ? 7.661   7.070   -5.672  1.00 10.94 ?  90  VAL A O   1 
ATOM   724  C CB  . VAL A 1 111 ? 6.613   9.419   -4.105  1.00 10.85 ?  90  VAL A CB  1 
ATOM   725  C CG1 . VAL A 1 111 ? 5.233   8.859   -3.807  1.00 12.32 ?  90  VAL A CG1 1 
ATOM   726  C CG2 . VAL A 1 111 ? 6.817   10.754  -3.407  1.00 13.97 ?  90  VAL A CG2 1 
ATOM   727  N N   . LEU A 1 112 ? 7.118   6.047   -3.732  1.00 10.72 ?  91  LEU A N   1 
ATOM   728  C CA  . LEU A 1 112 ? 6.691   4.826   -4.404  1.00 10.40 ?  91  LEU A CA  1 
ATOM   729  C C   . LEU A 1 112 ? 5.268   5.033   -4.923  1.00 9.74  ?  91  LEU A C   1 
ATOM   730  O O   . LEU A 1 112 ? 4.350   5.307   -4.140  1.00 10.57 ?  91  LEU A O   1 
ATOM   731  C CB  . LEU A 1 112 ? 6.728   3.636   -3.444  1.00 12.67 ?  91  LEU A CB  1 
ATOM   732  C CG  . LEU A 1 112 ? 8.112   3.068   -3.128  1.00 12.62 ?  91  LEU A CG  1 
ATOM   733  C CD1 . LEU A 1 112 ? 8.034   2.118   -1.934  1.00 14.56 ?  91  LEU A CD1 1 
ATOM   734  C CD2 . LEU A 1 112 ? 8.689   2.358   -4.344  1.00 12.19 ?  91  LEU A CD2 1 
ATOM   735  N N   . VAL A 1 113 ? 5.080   4.920   -6.234  1.00 8.79  ?  92  VAL A N   1 
ATOM   736  C CA  . VAL A 1 113 ? 3.780   5.101   -6.875  1.00 10.02 ?  92  VAL A CA  1 
ATOM   737  C C   . VAL A 1 113 ? 3.302   3.754   -7.393  1.00 10.13 ?  92  VAL A C   1 
ATOM   738  O O   . VAL A 1 113 ? 3.933   3.151   -8.273  1.00 10.25 ?  92  VAL A O   1 
ATOM   739  C CB  . VAL A 1 113 ? 3.861   6.127   -8.015  1.00 9.74  ?  92  VAL A CB  1 
ATOM   740  C CG1 . VAL A 1 113 ? 2.504   6.330   -8.646  1.00 12.09 ?  92  VAL A CG1 1 
ATOM   741  C CG2 . VAL A 1 113 ? 4.444   7.448   -7.503  1.00 12.06 ?  92  VAL A CG2 1 
ATOM   742  N N   . HIS A 1 114 ? 2.190   3.282   -6.847  1.00 9.18  ?  93  HIS A N   1 
ATOM   743  C CA  . HIS A 1 114 ? 1.658   1.941   -7.097  1.00 9.38  ?  93  HIS A CA  1 
ATOM   744  C C   . HIS A 1 114 ? 0.306   2.100   -7.780  1.00 9.51  ?  93  HIS A C   1 
ATOM   745  O O   . HIS A 1 114 ? -0.645  2.597   -7.165  1.00 10.54 ?  93  HIS A O   1 
ATOM   746  C CB  . HIS A 1 114 ? 1.537   1.227   -5.749  1.00 9.36  ?  93  HIS A CB  1 
ATOM   747  C CG  . HIS A 1 114 ? 0.959   -0.155  -5.804  1.00 10.36 ?  93  HIS A CG  1 
ATOM   748  N ND1 . HIS A 1 114 ? 0.825   -0.917  -4.664  1.00 12.32 ?  93  HIS A ND1 1 
ATOM   749  C CD2 . HIS A 1 114 ? 0.482   -0.908  -6.826  1.00 10.81 ?  93  HIS A CD2 1 
ATOM   750  C CE1 . HIS A 1 114 ? 0.310   -2.090  -4.986  1.00 10.58 ?  93  HIS A CE1 1 
ATOM   751  N NE2 . HIS A 1 114 ? 0.077   -2.105  -6.287  1.00 11.32 ?  93  HIS A NE2 1 
ATOM   752  N N   . VAL A 1 115 ? 0.207   1.671   -9.033  1.00 9.62  ?  94  VAL A N   1 
ATOM   753  C CA  . VAL A 1 115 ? -1.042  1.701   -9.787  1.00 10.74 ?  94  VAL A CA  1 
ATOM   754  C C   . VAL A 1 115 ? -1.592  0.279   -9.879  1.00 11.94 ?  94  VAL A C   1 
ATOM   755  O O   . VAL A 1 115 ? -0.877  -0.653  -10.278 1.00 10.80 ?  94  VAL A O   1 
ATOM   756  C CB  . VAL A 1 115 ? -0.822  2.298   -11.190 1.00 11.01 ?  94  VAL A CB  1 
ATOM   757  C CG1 . VAL A 1 115 ? -2.146  2.352   -11.952 1.00 16.94 ?  94  VAL A CG1 1 
ATOM   758  C CG2 . VAL A 1 115 ? -0.187  3.690   -11.082 1.00 15.16 ?  94  VAL A CG2 1 
ATOM   759  N N   . GLN A 1 116 ? -2.856  0.105   -9.501  1.00 10.35 ?  95  GLN A N   1 
ATOM   760  C CA  . GLN A 1 116 ? -3.556  -1.171  -9.613  1.00 11.21 ?  95  GLN A CA  1 
ATOM   761  C C   . GLN A 1 116 ? -4.674  -1.021  -10.632 1.00 12.64 ?  95  GLN A C   1 
ATOM   762  O O   . GLN A 1 116 ? -5.464  -0.072  -10.550 1.00 11.85 ?  95  GLN A O   1 
ATOM   763  C CB  . GLN A 1 116 ? -4.189  -1.580  -8.285  1.00 12.32 ?  95  GLN A CB  1 
ATOM   764  C CG  . GLN A 1 116 ? -3.230  -1.821  -7.141  1.00 11.67 ?  95  GLN A CG  1 
ATOM   765  C CD  . GLN A 1 116 ? -3.960  -2.121  -5.851  1.00 10.86 ?  95  GLN A CD  1 
ATOM   766  O OE1 . GLN A 1 116 ? -5.100  -1.665  -5.640  1.00 11.89 ?  95  GLN A OE1 1 
ATOM   767  N NE2 . GLN A 1 116 ? -3.321  -2.876  -4.980  1.00 12.61 ?  95  GLN A NE2 1 
ATOM   768  N N   . LYS A 1 117 ? -4.764  -1.980  -11.554 1.00 13.42 ?  96  LYS A N   1 
ATOM   769  C CA  . LYS A 1 117 ? -5.770  -1.988  -12.613 1.00 14.78 ?  96  LYS A CA  1 
ATOM   770  C C   . LYS A 1 117 ? -6.581  -3.270  -12.546 1.00 15.58 ?  96  LYS A C   1 
ATOM   771  O O   . LYS A 1 117 ? -6.017  -4.358  -12.416 1.00 14.73 ?  96  LYS A O   1 
ATOM   772  C CB  . LYS A 1 117 ? -5.118  -1.926  -13.998 1.00 19.01 ?  96  LYS A CB  1 
ATOM   773  C CG  . LYS A 1 117 ? -4.095  -0.822  -14.160 1.00 22.18 ?  96  LYS A CG  1 
ATOM   774  C CD  . LYS A 1 117 ? -4.786  0.517   -14.309 1.00 24.24 ?  96  LYS A CD  1 
ATOM   775  C CE  . LYS A 1 117 ? -3.957  1.487   -15.134 1.00 22.66 ?  96  LYS A CE  1 
ATOM   776  N NZ  . LYS A 1 117 ? -4.257  2.909   -14.780 1.00 31.01 ?  96  LYS A NZ  1 
ATOM   777  N N   . TRP A 1 118 ? -7.905  -3.140  -12.658 1.00 15.86 ?  97  TRP A N   1 
ATOM   778  C CA  . TRP A 1 118 ? -8.771  -4.310  -12.652 1.00 18.67 ?  97  TRP A CA  1 
ATOM   779  C C   . TRP A 1 118 ? -10.150 -3.889  -13.127 1.00 19.50 ?  97  TRP A C   1 
ATOM   780  O O   . TRP A 1 118 ? -10.597 -2.781  -12.824 1.00 19.89 ?  97  TRP A O   1 
ATOM   781  C CB  . TRP A 1 118 ? -8.868  -4.919  -11.245 1.00 17.97 ?  97  TRP A CB  1 
ATOM   782  C CG  . TRP A 1 118 ? -9.821  -4.181  -10.358 1.00 17.11 ?  97  TRP A CG  1 
ATOM   783  C CD1 . TRP A 1 118 ? -11.084 -4.571  -10.015 1.00 21.92 ?  97  TRP A CD1 1 
ATOM   784  C CD2 . TRP A 1 118 ? -9.604  -2.917  -9.717  1.00 16.92 ?  97  TRP A CD2 1 
ATOM   785  N NE1 . TRP A 1 118 ? -11.663 -3.633  -9.199  1.00 17.97 ?  97  TRP A NE1 1 
ATOM   786  C CE2 . TRP A 1 118 ? -10.776 -2.607  -8.999  1.00 18.13 ?  97  TRP A CE2 1 
ATOM   787  C CE3 . TRP A 1 118 ? -8.529  -2.020  -9.678  1.00 15.75 ?  97  TRP A CE3 1 
ATOM   788  C CZ2 . TRP A 1 118 ? -10.913 -1.433  -8.258  1.00 18.35 ?  97  TRP A CZ2 1 
ATOM   789  C CZ3 . TRP A 1 118 ? -8.662  -0.851  -8.940  1.00 15.68 ?  97  TRP A CZ3 1 
ATOM   790  C CH2 . TRP A 1 118 ? -9.847  -0.574  -8.231  1.00 16.11 ?  97  TRP A CH2 1 
ATOM   791  N N   . ASP A 1 119 ? -10.800 -4.768  -13.898 1.00 24.46 ?  98  ASP A N   1 
ATOM   792  C CA  . ASP A 1 119 ? -12.202 -4.598  -14.296 1.00 24.48 ?  98  ASP A CA  1 
ATOM   793  C C   . ASP A 1 119 ? -12.447 -3.225  -14.922 1.00 22.66 ?  98  ASP A C   1 
ATOM   794  O O   . ASP A 1 119 ? -13.490 -2.601  -14.717 1.00 27.90 ?  98  ASP A O   1 
ATOM   795  C CB  . ASP A 1 119 ? -13.149 -4.867  -13.122 1.00 25.84 ?  98  ASP A CB  1 
ATOM   796  C CG  . ASP A 1 119 ? -14.594 -5.064  -13.561 1.00 35.16 ?  98  ASP A CG  1 
ATOM   797  O OD1 . ASP A 1 119 ? -14.822 -5.679  -14.625 1.00 39.87 ?  98  ASP A OD1 1 
ATOM   798  O OD2 . ASP A 1 119 ? -15.503 -4.607  -12.834 1.00 38.84 ?  98  ASP A OD2 1 
ATOM   799  N N   . GLY A 1 120 ? -11.464 -2.739  -15.675 1.00 22.46 ?  99  GLY A N   1 
ATOM   800  C CA  . GLY A 1 120 ? -11.540 -1.416  -16.262 1.00 24.79 ?  99  GLY A CA  1 
ATOM   801  C C   . GLY A 1 120 ? -11.398 -0.262  -15.292 1.00 25.63 ?  99  GLY A C   1 
ATOM   802  O O   . GLY A 1 120 ? -11.627 0.887   -15.682 1.00 27.18 ?  99  GLY A O   1 
ATOM   803  N N   . LYS A 1 121 ? -11.026 -0.528  -14.044 1.00 20.86 ?  100 LYS A N   1 
ATOM   804  C CA  . LYS A 1 121 ? -10.854 0.494   -13.024 1.00 19.44 ?  100 LYS A CA  1 
ATOM   805  C C   . LYS A 1 121 ? -9.377  0.641   -12.691 1.00 16.86 ?  100 LYS A C   1 
ATOM   806  O O   . LYS A 1 121 ? -8.540  -0.190  -13.065 1.00 17.37 ?  100 LYS A O   1 
ATOM   807  C CB  . LYS A 1 121 ? -11.621 0.110   -11.759 1.00 18.08 ?  100 LYS A CB  1 
ATOM   808  C CG  . LYS A 1 121 ? -13.123 -0.007  -11.975 1.00 23.68 ?  100 LYS A CG  1 
ATOM   809  C CD  . LYS A 1 121 ? -13.868 0.076   -10.662 1.00 29.30 ?  100 LYS A CD  1 
ATOM   810  C CE  . LYS A 1 121 ? -14.218 -1.306  -10.156 1.00 31.76 ?  100 LYS A CE  1 
ATOM   811  N NZ  . LYS A 1 121 ? -15.101 -2.018  -11.117 1.00 35.09 ?  100 LYS A NZ  1 
ATOM   812  N N   . SER A 1 122 ? -9.061  1.706   -11.958 1.00 15.23 ?  101 SER A N   1 
ATOM   813  C CA  . SER A 1 122 ? -7.682  1.970   -11.575 1.00 14.82 ?  101 SER A CA  1 
ATOM   814  C C   . SER A 1 122 ? -7.658  2.749   -10.270 1.00 13.63 ?  101 SER A C   1 
ATOM   815  O O   . SER A 1 122 ? -8.493  3.625   -10.049 1.00 15.97 ?  101 SER A O   1 
ATOM   816  C CB  . SER A 1 122 ? -6.976  2.781   -12.661 1.00 19.66 ?  101 SER A CB  1 
ATOM   817  O OG  . SER A 1 122 ? -5.641  3.059   -12.309 1.00 23.69 ?  101 SER A OG  1 
ATOM   818  N N   . THR A 1 123 ? -6.693  2.425   -9.407  1.00 11.06 ?  102 THR A N   1 
ATOM   819  C CA  . THR A 1 123 ? -6.457  3.156   -8.169  1.00 10.73 ?  102 THR A CA  1 
ATOM   820  C C   . THR A 1 123 ? -4.956  3.318   -8.009  1.00 11.36 ?  102 THR A C   1 
ATOM   821  O O   . THR A 1 123 ? -4.175  2.499   -8.506  1.00 10.96 ?  102 THR A O   1 
ATOM   822  C CB  . THR A 1 123 ? -7.118  2.476   -6.947  1.00 12.73 ?  102 THR A CB  1 
ATOM   823  O OG1 . THR A 1 123 ? -6.963  3.300   -5.784  1.00 12.54 ?  102 THR A OG1 1 
ATOM   824  C CG2 . THR A 1 123 ? -6.494  1.135   -6.651  1.00 12.33 ?  102 THR A CG2 1 
ATOM   825  N N   . THR A 1 124 ? -4.558  4.412   -7.364  1.00 10.91 ?  103 THR A N   1 
ATOM   826  C CA  . THR A 1 124 ? -3.155  4.728   -7.144  1.00 12.65 ?  103 THR A CA  1 
ATOM   827  C C   . THR A 1 124 ? -2.880  4.855   -5.656  1.00 11.78 ?  103 THR A C   1 
ATOM   828  O O   . THR A 1 124 ? -3.589  5.571   -4.937  1.00 11.75 ?  103 THR A O   1 
ATOM   829  C CB  . THR A 1 124 ? -2.742  6.002   -7.896  1.00 12.21 ?  103 THR A CB  1 
ATOM   830  O OG1 . THR A 1 124 ? -2.950  5.797   -9.296  1.00 15.93 ?  103 THR A OG1 1 
ATOM   831  C CG2 . THR A 1 124 ? -1.272  6.305   -7.694  1.00 14.12 ?  103 THR A CG2 1 
ATOM   832  N N   . ILE A 1 125 ? -1.856  4.147   -5.198  1.00 10.24 ?  104 ILE A N   1 
ATOM   833  C CA  . ILE A 1 125 ? -1.403  4.174   -3.818  1.00 9.89  ?  104 ILE A CA  1 
ATOM   834  C C   . ILE A 1 125 ? 0.001   4.764   -3.828  1.00 10.58 ?  104 ILE A C   1 
ATOM   835  O O   . ILE A 1 125 ? 0.898   4.233   -4.499  1.00 10.39 ?  104 ILE A O   1 
ATOM   836  C CB  . ILE A 1 125 ? -1.393  2.759   -3.218  1.00 11.85 ?  104 ILE A CB  1 
ATOM   837  C CG1 . ILE A 1 125 ? -2.790  2.147   -3.280  1.00 12.96 ?  104 ILE A CG1 1 
ATOM   838  C CG2 . ILE A 1 125 ? -0.898  2.772   -1.793  1.00 12.99 ?  104 ILE A CG2 1 
ATOM   839  C CD1 . ILE A 1 125 ? -2.779  0.646   -3.282  1.00 21.28 ?  104 ILE A CD1 1 
ATOM   840  N N   . LYS A 1 126 ? 0.197   5.862   -3.112  1.00 9.82  ?  105 LYS A N   1 
ATOM   841  C CA  . LYS A 1 126 ? 1.510   6.481   -3.007  1.00 9.33  ?  105 LYS A CA  1 
ATOM   842  C C   . LYS A 1 126 ? 2.040   6.294   -1.596  1.00 10.71 ?  105 LYS A C   1 
ATOM   843  O O   . LYS A 1 126 ? 1.305   6.460   -0.615  1.00 12.26 ?  105 LYS A O   1 
ATOM   844  C CB  . LYS A 1 126 ? 1.444   7.971   -3.342  1.00 11.61 ?  105 LYS A CB  1 
ATOM   845  C CG  . LYS A 1 126 ? 1.148   8.209   -4.817  1.00 13.16 ?  105 LYS A CG  1 
ATOM   846  C CD  . LYS A 1 126 ? 1.081   9.688   -5.136  1.00 17.79 ?  105 LYS A CD  1 
ATOM   847  C CE  . LYS A 1 126 ? 0.741   9.931   -6.594  1.00 23.58 ?  105 LYS A CE  1 
ATOM   848  N NZ  . LYS A 1 126 ? 0.667   11.394  -6.900  1.00 27.09 ?  105 LYS A NZ  1 
ATOM   849  N N   . ARG A 1 127 ? 3.305   5.914   -1.491  1.00 10.44 ?  106 ARG A N   1 
ATOM   850  C CA  . ARG A 1 127 ? 3.956   5.692   -0.208  1.00 11.78 ?  106 ARG A CA  1 
ATOM   851  C C   . ARG A 1 127 ? 5.163   6.617   -0.137  1.00 11.67 ?  106 ARG A C   1 
ATOM   852  O O   . ARG A 1 127 ? 5.988   6.638   -1.056  1.00 11.46 ?  106 ARG A O   1 
ATOM   853  C CB  . ARG A 1 127 ? 4.371   4.222   -0.056  1.00 11.63 ?  106 ARG A CB  1 
ATOM   854  C CG  . ARG A 1 127 ? 3.176   3.239   -0.067  1.00 14.89 ?  106 ARG A CG  1 
ATOM   855  C CD  . ARG A 1 127 ? 3.634   1.782   -0.184  1.00 15.54 ?  106 ARG A CD  1 
ATOM   856  N NE  . ARG A 1 127 ? 2.546   0.798   -0.085  1.00 16.81 ?  106 ARG A NE  1 
ATOM   857  C CZ  . ARG A 1 127 ? 1.946   0.225   -1.123  1.00 16.53 ?  106 ARG A CZ  1 
ATOM   858  N NH1 . ARG A 1 127 ? 2.288   0.530   -2.363  1.00 14.39 ?  106 ARG A NH1 1 
ATOM   859  N NH2 . ARG A 1 127 ? 0.994   -0.683  -0.923  1.00 18.47 ?  106 ARG A NH2 1 
ATOM   860  N N   . LYS A 1 128 ? 5.263   7.386   0.940   1.00 12.56 ?  107 LYS A N   1 
ATOM   861  C CA  . LYS A 1 128 ? 6.328   8.369   1.031   1.00 15.12 ?  107 LYS A CA  1 
ATOM   862  C C   . LYS A 1 128 ? 6.761   8.528   2.477   1.00 15.08 ?  107 LYS A C   1 
ATOM   863  O O   . LYS A 1 128 ? 5.973   8.344   3.408   1.00 14.20 ?  107 LYS A O   1 
ATOM   864  C CB  . LYS A 1 128 ? 5.912   9.718   0.440   1.00 18.87 ?  107 LYS A CB  1 
ATOM   865  C CG  . LYS A 1 128 ? 4.765   10.373  1.160   1.00 23.42 ?  107 LYS A CG  1 
ATOM   866  C CD  . LYS A 1 128 ? 4.154   11.496  0.321   1.00 30.28 ?  107 LYS A CD  1 
ATOM   867  C CE  . LYS A 1 128 ? 3.050   10.998  -0.602  1.00 33.26 ?  107 LYS A CE  1 
ATOM   868  N NZ  . LYS A 1 128 ? 2.460   12.122  -1.388  1.00 39.05 ?  107 LYS A NZ  1 
ATOM   869  N N   . ARG A 1 129 ? 8.023   8.880   2.656   1.00 13.19 ?  108 ARG A N   1 
ATOM   870  C CA  . ARG A 1 129 ? 8.559   9.160   3.977   1.00 14.08 ?  108 ARG A CA  1 
ATOM   871  C C   . ARG A 1 129 ? 8.364   10.638  4.289   1.00 14.61 ?  108 ARG A C   1 
ATOM   872  O O   . ARG A 1 129 ? 8.709   11.503  3.478   1.00 18.24 ?  108 ARG A O   1 
ATOM   873  C CB  . ARG A 1 129 ? 10.042  8.802   4.021   1.00 16.05 ?  108 ARG A CB  1 
ATOM   874  C CG  . ARG A 1 129 ? 10.305  7.319   4.184   1.00 16.49 ?  108 ARG A CG  1 
ATOM   875  C CD  . ARG A 1 129 ? 9.919   6.842   5.591   1.00 16.08 ?  108 ARG A CD  1 
ATOM   876  N NE  . ARG A 1 129 ? 10.433  7.722   6.650   1.00 21.48 ?  108 ARG A NE  1 
ATOM   877  C CZ  . ARG A 1 129 ? 11.662  7.656   7.155   1.00 21.24 ?  108 ARG A CZ  1 
ATOM   878  N NH1 . ARG A 1 129 ? 12.521  6.743   6.720   1.00 23.31 ?  108 ARG A NH1 1 
ATOM   879  N NH2 . ARG A 1 129 ? 12.040  8.509   8.097   1.00 23.27 ?  108 ARG A NH2 1 
ATOM   880  N N   . GLU A 1 130 ? 7.791   10.926  5.450   1.00 12.98 ?  109 GLU A N   1 
ATOM   881  C CA  . GLU A 1 130 ? 7.611   12.300  5.908   1.00 15.62 ?  109 GLU A CA  1 
ATOM   882  C C   . GLU A 1 130 ? 7.980   12.327  7.375   1.00 13.58 ?  109 GLU A C   1 
ATOM   883  O O   . GLU A 1 130 ? 7.319   11.670  8.178   1.00 12.44 ?  109 GLU A O   1 
ATOM   884  C CB  . GLU A 1 130 ? 6.158   12.754  5.756   1.00 20.40 ?  109 GLU A CB  1 
ATOM   885  C CG  . GLU A 1 130 ? 5.547   12.482  4.393   1.00 26.03 ?  109 GLU A CG  1 
ATOM   886  C CD  . GLU A 1 130 ? 5.399   13.737  3.559   1.00 34.82 ?  109 GLU A CD  1 
ATOM   887  O OE1 . GLU A 1 130 ? 5.382   14.843  4.145   1.00 38.44 ?  109 GLU A OE1 1 
ATOM   888  O OE2 . GLU A 1 130 ? 5.305   13.616  2.318   1.00 37.66 ?  109 GLU A OE2 1 
ATOM   889  N N   . ASP A 1 131 ? 8.993   13.112  7.735   1.00 12.98 ?  110 ASP A N   1 
ATOM   890  C CA  . ASP A 1 131 ? 9.549   13.088  9.096   1.00 15.48 ?  110 ASP A CA  1 
ATOM   891  C C   . ASP A 1 131 ? 9.885   11.637  9.445   1.00 13.23 ?  110 ASP A C   1 
ATOM   892  O O   . ASP A 1 131 ? 10.499  10.944  8.622   1.00 14.31 ?  110 ASP A O   1 
ATOM   893  C CB  . ASP A 1 131 ? 8.634   13.824  10.077  1.00 15.80 ?  110 ASP A CB  1 
ATOM   894  C CG  . ASP A 1 131 ? 8.464   15.291  9.733   1.00 21.37 ?  110 ASP A CG  1 
ATOM   895  O OD1 . ASP A 1 131 ? 9.408   15.877  9.157   1.00 23.35 ?  110 ASP A OD1 1 
ATOM   896  O OD2 . ASP A 1 131 ? 7.393   15.855  10.044  1.00 28.74 ?  110 ASP A OD2 1 
ATOM   897  N N   . ASP A 1 132 ? 9.492   11.129  10.608  1.00 13.98 ?  111 ASP A N   1 
ATOM   898  C CA  . ASP A 1 132 ? 9.741   9.737   10.965  1.00 13.36 ?  111 ASP A CA  1 
ATOM   899  C C   . ASP A 1 132 ? 8.593   8.814   10.576  1.00 14.68 ?  111 ASP A C   1 
ATOM   900  O O   . ASP A 1 132 ? 8.571   7.652   10.994  1.00 17.86 ?  111 ASP A O   1 
ATOM   901  C CB  . ASP A 1 132 ? 10.027  9.616   12.464  1.00 16.01 ?  111 ASP A CB  1 
ATOM   902  C CG  . ASP A 1 132 ? 11.332  10.268  12.857  1.00 16.76 ?  111 ASP A CG  1 
ATOM   903  O OD1 . ASP A 1 132 ? 12.355  10.035  12.186  1.00 17.05 ?  111 ASP A OD1 1 
ATOM   904  O OD2 . ASP A 1 132 ? 11.315  11.029  13.846  1.00 18.14 ?  111 ASP A OD2 1 
ATOM   905  N N   . LYS A 1 133 ? 7.659   9.291   9.772   1.00 11.63 ?  112 LYS A N   1 
ATOM   906  C CA  . LYS A 1 133 ? 6.486   8.513   9.405   1.00 11.58 ?  112 LYS A CA  1 
ATOM   907  C C   . LYS A 1 133 ? 6.590   7.973   7.984   1.00 11.09 ?  112 LYS A C   1 
ATOM   908  O O   . LYS A 1 133 ? 7.388   8.429   7.163   1.00 11.90 ?  112 LYS A O   1 
ATOM   909  C CB  . LYS A 1 133 ? 5.223   9.365   9.539   1.00 13.85 ?  112 LYS A CB  1 
ATOM   910  C CG  . LYS A 1 133 ? 5.111   10.043  10.904  1.00 18.97 ?  112 LYS A CG  1 
ATOM   911  C CD  . LYS A 1 133 ? 3.968   11.039  10.957  1.00 23.05 ?  112 LYS A CD  1 
ATOM   912  C CE  . LYS A 1 133 ? 3.905   11.696  12.327  1.00 29.40 ?  112 LYS A CE  1 
ATOM   913  N NZ  . LYS A 1 133 ? 4.354   10.752  13.398  1.00 31.63 ?  112 LYS A NZ  1 
ATOM   914  N N   . LEU A 1 134 ? 5.777   6.962   7.710   1.00 10.75 ?  113 LEU A N   1 
ATOM   915  C CA  . LEU A 1 134 ? 5.511   6.503   6.357   1.00 11.10 ?  113 LEU A CA  1 
ATOM   916  C C   . LEU A 1 134 ? 4.055   6.830   6.060   1.00 10.65 ?  113 LEU A C   1 
ATOM   917  O O   . LEU A 1 134 ? 3.147   6.337   6.746   1.00 12.52 ?  113 LEU A O   1 
ATOM   918  C CB  . LEU A 1 134 ? 5.802   5.008   6.237   1.00 13.49 ?  113 LEU A CB  1 
ATOM   919  C CG  . LEU A 1 134 ? 5.907   4.401   4.828   1.00 14.78 ?  113 LEU A CG  1 
ATOM   920  C CD1 . LEU A 1 134 ? 6.674   3.090   4.874   1.00 18.33 ?  113 LEU A CD1 1 
ATOM   921  C CD2 . LEU A 1 134 ? 4.545   4.194   4.204   1.00 18.28 ?  113 LEU A CD2 1 
ATOM   922  N N   . VAL A 1 135 ? 3.827   7.705   5.089   1.00 11.09 ?  114 VAL A N   1 
ATOM   923  C CA  . VAL A 1 135 ? 2.488   8.150   4.738   1.00 11.05 ?  114 VAL A CA  1 
ATOM   924  C C   . VAL A 1 135 ? 2.046   7.417   3.482   1.00 11.45 ?  114 VAL A C   1 
ATOM   925  O O   . VAL A 1 135 ? 2.782   7.365   2.483   1.00 13.23 ?  114 VAL A O   1 
ATOM   926  C CB  . VAL A 1 135 ? 2.474   9.670   4.521   1.00 14.85 ?  114 VAL A CB  1 
ATOM   927  C CG1 . VAL A 1 135 ? 1.082   10.143  4.132   1.00 16.52 ?  114 VAL A CG1 1 
ATOM   928  C CG2 . VAL A 1 135 ? 2.962   10.380  5.777   1.00 16.76 ?  114 VAL A CG2 1 
ATOM   929  N N   . VAL A 1 136 ? 0.849   6.850   3.530   1.00 12.17 ?  115 VAL A N   1 
ATOM   930  C CA  . VAL A 1 136 ? 0.252   6.138   2.406   1.00 11.96 ?  115 VAL A CA  1 
ATOM   931  C C   . VAL A 1 136 ? -0.985  6.911   1.987   1.00 12.32 ?  115 VAL A C   1 
ATOM   932  O O   . VAL A 1 136 ? -1.908  7.099   2.788   1.00 13.92 ?  115 VAL A O   1 
ATOM   933  C CB  . VAL A 1 136 ? -0.108  4.690   2.779   1.00 11.24 ?  115 VAL A CB  1 
ATOM   934  C CG1 . VAL A 1 136 ? -0.646  3.940   1.568   1.00 16.52 ?  115 VAL A CG1 1 
ATOM   935  C CG2 . VAL A 1 136 ? 1.091   3.959   3.389   1.00 12.42 ?  115 VAL A CG2 1 
ATOM   936  N N   . GLU A 1 137 ? -1.008  7.364   0.745   1.00 10.31 ?  116 GLU A N   1 
ATOM   937  C CA  . GLU A 1 137 ? -2.148  8.068   0.187   1.00 10.20 ?  116 GLU A CA  1 
ATOM   938  C C   . GLU A 1 137 ? -2.784  7.186   -0.879  1.00 10.90 ?  116 GLU A C   1 
ATOM   939  O O   . GLU A 1 137 ? -2.122  6.811   -1.856  1.00 11.31 ?  116 GLU A O   1 
ATOM   940  C CB  . GLU A 1 137 ? -1.693  9.410   -0.385  1.00 14.66 ?  116 GLU A CB  1 
ATOM   941  C CG  . GLU A 1 137 ? -2.544  9.989   -1.475  1.00 24.54 ?  116 GLU A CG  1 
ATOM   942  C CD  . GLU A 1 137 ? -1.748  10.940  -2.337  1.00 29.22 ?  116 GLU A CD  1 
ATOM   943  O OE1 . GLU A 1 137 ? -0.966  11.735  -1.770  1.00 34.59 ?  116 GLU A OE1 1 
ATOM   944  O OE2 . GLU A 1 137 ? -1.881  10.874  -3.576  1.00 27.75 ?  116 GLU A OE2 1 
ATOM   945  N N   . CYS A 1 138 ? -4.051  6.835   -0.677  1.00 11.24 ?  117 CYS A N   1 
ATOM   946  C CA  . CYS A 1 138 ? -4.793  5.948   -1.567  1.00 11.86 ?  117 CYS A CA  1 
ATOM   947  C C   . CYS A 1 138 ? -5.815  6.793   -2.308  1.00 10.84 ?  117 CYS A C   1 
ATOM   948  O O   . CYS A 1 138 ? -6.623  7.480   -1.680  1.00 11.62 ?  117 CYS A O   1 
ATOM   949  C CB  . CYS A 1 138 ? -5.510  4.858   -0.767  1.00 12.42 ?  117 CYS A CB  1 
ATOM   950  S SG  . CYS A 1 138 ? -4.442  3.940   0.373   1.00 16.79 ?  117 CYS A SG  1 
ATOM   951  N N   . VAL A 1 139 ? -5.779  6.755   -3.629  1.00 11.35 ?  118 VAL A N   1 
ATOM   952  C CA  . VAL A 1 139 ? -6.611  7.616   -4.459  1.00 11.69 ?  118 VAL A CA  1 
ATOM   953  C C   . VAL A 1 139 ? -7.434  6.764   -5.420  1.00 12.98 ?  118 VAL A C   1 
ATOM   954  O O   . VAL A 1 139 ? -6.891  5.945   -6.173  1.00 12.15 ?  118 VAL A O   1 
ATOM   955  C CB  . VAL A 1 139 ? -5.761  8.646   -5.224  1.00 15.62 ?  118 VAL A CB  1 
ATOM   956  C CG1 . VAL A 1 139 ? -6.635  9.410   -6.200  1.00 19.36 ?  118 VAL A CG1 1 
ATOM   957  C CG2 . VAL A 1 139 ? -5.065  9.590   -4.262  1.00 18.35 ?  118 VAL A CG2 1 
ATOM   958  N N   . MET A 1 140 ? -8.742  6.974   -5.410  1.00 13.68 ?  119 MET A N   1 
ATOM   959  C CA  . MET A 1 140 ? -9.645  6.347   -6.367  1.00 15.09 ?  119 MET A CA  1 
ATOM   960  C C   . MET A 1 140 ? -10.527 7.471   -6.884  1.00 15.97 ?  119 MET A C   1 
ATOM   961  O O   . MET A 1 140 ? -11.361 7.996   -6.136  1.00 15.40 ?  119 MET A O   1 
ATOM   962  C CB  . MET A 1 140 ? -10.469 5.254   -5.687  1.00 17.74 ?  119 MET A CB  1 
ATOM   963  C CG  . MET A 1 140 ? -11.527 4.628   -6.571  1.00 20.57 ?  119 MET A CG  1 
ATOM   964  S SD  . MET A 1 140 ? -10.760 3.478   -7.702  1.00 23.45 ?  119 MET A SD  1 
ATOM   965  C CE  . MET A 1 140 ? -12.102 3.013   -8.793  1.00 18.66 ?  119 MET A CE  1 
ATOM   966  N N   . LYS A 1 141 ? -10.297 7.864   -8.139  1.00 20.15 ?  120 LYS A N   1 
ATOM   967  C CA  . LYS A 1 141 ? -10.978 8.995   -8.746  1.00 23.53 ?  120 LYS A CA  1 
ATOM   968  C C   . LYS A 1 141 ? -10.817 10.218  -7.849  1.00 18.28 ?  120 LYS A C   1 
ATOM   969  O O   . LYS A 1 141 ? -9.691  10.606  -7.513  1.00 21.20 ?  120 LYS A O   1 
ATOM   970  C CB  . LYS A 1 141 ? -12.444 8.635   -9.014  1.00 20.01 ?  120 LYS A CB  1 
ATOM   971  C CG  . LYS A 1 141 ? -12.618 7.369   -9.865  1.00 26.18 ?  120 LYS A CG  1 
ATOM   972  C CD  . LYS A 1 141 ? -14.040 6.814   -9.801  1.00 28.48 ?  120 LYS A CD  1 
ATOM   973  C CE  . LYS A 1 141 ? -14.146 5.523   -10.612 1.00 34.59 ?  120 LYS A CE  1 
ATOM   974  N NZ  . LYS A 1 141 ? -14.973 4.468   -9.950  1.00 38.04 ?  120 LYS A NZ  1 
ATOM   975  N N   . GLY A 1 142 ? -11.922 10.809  -7.419  1.00 20.88 ?  121 GLY A N   1 
ATOM   976  C CA  . GLY A 1 142 ? -11.868 11.991  -6.586  1.00 18.80 ?  121 GLY A CA  1 
ATOM   977  C C   . GLY A 1 142 ? -11.670 11.755  -5.103  1.00 13.67 ?  121 GLY A C   1 
ATOM   978  O O   . GLY A 1 142 ? -11.599 12.723  -4.342  1.00 14.83 ?  121 GLY A O   1 
ATOM   979  N N   . VAL A 1 143 ? -11.560 10.504  -4.658  1.00 13.40 ?  122 VAL A N   1 
ATOM   980  C CA  . VAL A 1 143 ? -11.570 10.174  -3.237  1.00 13.63 ?  122 VAL A CA  1 
ATOM   981  C C   . VAL A 1 143 ? -10.162 9.774   -2.818  1.00 13.03 ?  122 VAL A C   1 
ATOM   982  O O   . VAL A 1 143 ? -9.560  8.871   -3.418  1.00 13.85 ?  122 VAL A O   1 
ATOM   983  C CB  . VAL A 1 143 ? -12.582 9.055   -2.935  1.00 13.40 ?  122 VAL A CB  1 
ATOM   984  C CG1 . VAL A 1 143 ? -12.544 8.673   -1.472  1.00 14.87 ?  122 VAL A CG1 1 
ATOM   985  C CG2 . VAL A 1 143 ? -13.998 9.483   -3.369  1.00 15.61 ?  122 VAL A CG2 1 
ATOM   986  N N   . THR A 1 144 ? -9.646  10.437  -1.794  1.00 11.96 ?  123 THR A N   1 
ATOM   987  C CA  . THR A 1 144 ? -8.338  10.162  -1.222  1.00 12.97 ?  123 THR A CA  1 
ATOM   988  C C   . THR A 1 144 ? -8.483  9.727   0.227   1.00 13.55 ?  123 THR A C   1 
ATOM   989  O O   . THR A 1 144 ? -9.311  10.265  0.971   1.00 15.09 ?  123 THR A O   1 
ATOM   990  C CB  . THR A 1 144 ? -7.449  11.412  -1.287  1.00 13.98 ?  123 THR A CB  1 
ATOM   991  O OG1 . THR A 1 144 ? -7.310  11.823  -2.652  1.00 18.12 ?  123 THR A OG1 1 
ATOM   992  C CG2 . THR A 1 144 ? -6.068  11.144  -0.688  1.00 17.04 ?  123 THR A CG2 1 
ATOM   993  N N   . SER A 1 145 ? -7.691  8.747   0.623   1.00 11.36 ?  124 SER A N   1 
ATOM   994  C CA  . SER A 1 145 ? -7.538  8.364   2.015   1.00 10.44 ?  124 SER A CA  1 
ATOM   995  C C   . SER A 1 145 ? -6.068  8.456   2.379   1.00 11.60 ?  124 SER A C   1 
ATOM   996  O O   . SER A 1 145 ? -5.196  8.104   1.577   1.00 12.20 ?  124 SER A O   1 
ATOM   997  C CB  . SER A 1 145 ? -8.040  6.935   2.243   1.00 10.84 ?  124 SER A CB  1 
ATOM   998  O OG  . SER A 1 145 ? -7.711  6.444   3.532   1.00 12.74 ?  124 SER A OG  1 
ATOM   999  N N   . THR A 1 146 ? -5.789  8.949   3.570   1.00 12.21 ?  125 THR A N   1 
ATOM   1000 C CA  . THR A 1 146 ? -4.424  9.069   4.055   1.00 11.40 ?  125 THR A CA  1 
ATOM   1001 C C   . THR A 1 146 ? -4.257  8.140   5.243   1.00 10.19 ?  125 THR A C   1 
ATOM   1002 O O   . THR A 1 146 ? -5.030  8.211   6.209   1.00 11.90 ?  125 THR A O   1 
ATOM   1003 C CB  . THR A 1 146 ? -4.106  10.513  4.442   1.00 14.19 ?  125 THR A CB  1 
ATOM   1004 O OG1 . THR A 1 146 ? -4.309  11.344  3.293   1.00 16.55 ?  125 THR A OG1 1 
ATOM   1005 C CG2 . THR A 1 146 ? -2.661  10.640  4.897   1.00 15.79 ?  125 THR A CG2 1 
ATOM   1006 N N   . ARG A 1 147 ? -3.263  7.271   5.171   1.00 10.09 ?  126 ARG A N   1 
ATOM   1007 C CA  . ARG A 1 147 ? -2.960  6.343   6.247   1.00 11.64 ?  126 ARG A CA  1 
ATOM   1008 C C   . ARG A 1 147 ? -1.522  6.545   6.676   1.00 12.61 ?  126 ARG A C   1 
ATOM   1009 O O   . ARG A 1 147 ? -0.604  6.510   5.844   1.00 14.32 ?  126 ARG A O   1 
ATOM   1010 C CB  . ARG A 1 147 ? -3.265  4.911   5.851   1.00 14.24 ?  126 ARG A CB  1 
ATOM   1011 C CG  . ARG A 1 147 ? -4.700  4.641   6.275   1.00 22.61 ?  126 ARG A CG  1 
ATOM   1012 C CD  . ARG A 1 147 ? -5.375  3.681   5.404   1.00 21.13 ?  126 ARG A CD  1 
ATOM   1013 N NE  . ARG A 1 147 ? -5.159  2.318   5.870   1.00 18.03 ?  126 ARG A NE  1 
ATOM   1014 C CZ  . ARG A 1 147 ? -5.897  1.704   6.795   1.00 15.42 ?  126 ARG A CZ  1 
ATOM   1015 N NH1 . ARG A 1 147 ? -6.896  2.329   7.413   1.00 15.41 ?  126 ARG A NH1 1 
ATOM   1016 N NH2 . ARG A 1 147 ? -5.620  0.447   7.099   1.00 19.27 ?  126 ARG A NH2 1 
ATOM   1017 N N   . VAL A 1 148 ? -1.331  6.809   7.962   1.00 11.54 ?  127 VAL A N   1 
ATOM   1018 C CA  . VAL A 1 148 ? -0.033  7.187   8.503   1.00 11.10 ?  127 VAL A CA  1 
ATOM   1019 C C   . VAL A 1 148 ? 0.483   6.052   9.363   1.00 11.31 ?  127 VAL A C   1 
ATOM   1020 O O   . VAL A 1 148 ? -0.232  5.561   10.253  1.00 11.20 ?  127 VAL A O   1 
ATOM   1021 C CB  . VAL A 1 148 ? -0.098  8.494   9.310   1.00 12.53 ?  127 VAL A CB  1 
ATOM   1022 C CG1 . VAL A 1 148 ? 1.279   8.826   9.878   1.00 15.59 ?  127 VAL A CG1 1 
ATOM   1023 C CG2 . VAL A 1 148 ? -0.611  9.635   8.442   1.00 15.25 ?  127 VAL A CG2 1 
ATOM   1024 N N   . TYR A 1 149 ? 1.726   5.652   9.106   1.00 9.57  ?  128 TYR A N   1 
ATOM   1025 C CA  . TYR A 1 149 ? 2.413   4.608   9.841   1.00 10.48 ?  128 TYR A CA  1 
ATOM   1026 C C   . TYR A 1 149 ? 3.619   5.204   10.555  1.00 12.14 ?  128 TYR A C   1 
ATOM   1027 O O   . TYR A 1 149 ? 4.288   6.109   10.037  1.00 11.26 ?  128 TYR A O   1 
ATOM   1028 C CB  . TYR A 1 149 ? 2.906   3.500   8.909   1.00 10.31 ?  128 TYR A CB  1 
ATOM   1029 C CG  . TYR A 1 149 ? 1.831   2.647   8.293   1.00 10.72 ?  128 TYR A CG  1 
ATOM   1030 C CD1 . TYR A 1 149 ? 1.035   3.124   7.264   1.00 11.02 ?  128 TYR A CD1 1 
ATOM   1031 C CD2 . TYR A 1 149 ? 1.633   1.338   8.726   1.00 12.09 ?  128 TYR A CD2 1 
ATOM   1032 C CE1 . TYR A 1 149 ? 0.045   2.326   6.692   1.00 12.10 ?  128 TYR A CE1 1 
ATOM   1033 C CE2 . TYR A 1 149 ? 0.663   0.536   8.162   1.00 12.48 ?  128 TYR A CE2 1 
ATOM   1034 C CZ  . TYR A 1 149 ? -0.123  1.035   7.148   1.00 12.92 ?  128 TYR A CZ  1 
ATOM   1035 O OH  . TYR A 1 149 ? -1.094  0.239   6.583   1.00 15.80 ?  128 TYR A OH  1 
ATOM   1036 N N   . GLU A 1 150 ? 3.906   4.679   11.742  1.00 12.56 ?  129 GLU A N   1 
ATOM   1037 C CA  . GLU A 1 150 ? 5.117   5.012   12.476  1.00 14.81 ?  129 GLU A CA  1 
ATOM   1038 C C   . GLU A 1 150 ? 5.935   3.745   12.688  1.00 11.91 ?  129 GLU A C   1 
ATOM   1039 O O   . GLU A 1 150 ? 5.439   2.632   12.533  1.00 12.22 ?  129 GLU A O   1 
ATOM   1040 C CB  . GLU A 1 150 ? 4.777   5.639   13.831  1.00 17.41 ?  129 GLU A CB  1 
ATOM   1041 C CG  . GLU A 1 150 ? 4.334   7.084   13.734  1.00 23.34 ?  129 GLU A CG  1 
ATOM   1042 C CD  . GLU A 1 150 ? 3.823   7.621   15.058  1.00 28.21 ?  129 GLU A CD  1 
ATOM   1043 O OE1 . GLU A 1 150 ? 3.822   6.856   16.051  1.00 30.85 ?  129 GLU A OE1 1 
ATOM   1044 O OE2 . GLU A 1 150 ? 3.426   8.803   15.098  1.00 32.35 ?  129 GLU A OE2 1 
ATOM   1045 N N   . ARG A 1 151 ? 7.208   3.911   13.036  1.00 12.64 ?  130 ARG A N   1 
ATOM   1046 C CA  . ARG A 1 151 ? 8.068   2.758   13.268  1.00 14.56 ?  130 ARG A CA  1 
ATOM   1047 C C   . ARG A 1 151 ? 7.532   1.932   14.430  1.00 16.19 ?  130 ARG A C   1 
ATOM   1048 O O   . ARG A 1 151 ? 7.092   2.474   15.448  1.00 17.77 ?  130 ARG A O   1 
ATOM   1049 C CB  . ARG A 1 151 ? 9.478   3.237   13.602  1.00 17.87 ?  130 ARG A CB  1 
ATOM   1050 C CG  . ARG A 1 151 ? 10.122  4.040   12.506  1.00 19.13 ?  130 ARG A CG  1 
ATOM   1051 C CD  . ARG A 1 151 ? 11.068  3.180   11.730  1.00 22.15 ?  130 ARG A CD  1 
ATOM   1052 N NE  . ARG A 1 151 ? 11.708  3.918   10.650  1.00 22.63 ?  130 ARG A NE  1 
ATOM   1053 C CZ  . ARG A 1 151 ? 12.328  3.332   9.634   1.00 17.86 ?  130 ARG A CZ  1 
ATOM   1054 N NH1 . ARG A 1 151 ? 12.367  2.009   9.576   1.00 19.03 ?  130 ARG A NH1 1 
ATOM   1055 N NH2 . ARG A 1 151 ? 12.881  4.064   8.672   1.00 19.85 ?  130 ARG A NH2 1 
ATOM   1056 N N   . ALA A 1 152 ? 7.560   0.614   14.279  1.00 16.02 ?  131 ALA A N   1 
ATOM   1057 C CA  . ALA A 1 152 ? 7.062   -0.271  15.324  1.00 21.73 ?  131 ALA A CA  1 
ATOM   1058 C C   . ALA A 1 152 ? 8.129   -0.507  16.384  1.00 25.30 ?  131 ALA A C   1 
ATOM   1059 O O   . ALA A 1 152 ? 9.226   0.050   16.309  1.00 27.53 ?  131 ALA A O   1 
ATOM   1060 C CB  . ALA A 1 152 ? 6.605   -1.586  14.731  1.00 21.64 ?  131 ALA A CB  1 
HETATM 1061 C C4  A EHO B 2 .   ? -4.948  -4.242  5.543   0.58 19.98 ?  201 EHO A C4  1 
HETATM 1062 C C4  B EHO B 2 .   ? -2.104  0.406   2.448   0.42 18.49 ?  201 EHO A C4  1 
HETATM 1063 C C5  A EHO B 2 .   ? -5.016  -3.941  4.186   0.58 19.32 ?  201 EHO A C5  1 
HETATM 1064 C C5  B EHO B 2 .   ? -3.290  -0.144  2.927   0.42 19.57 ?  201 EHO A C5  1 
HETATM 1065 C C6  A EHO B 2 .   ? -6.154  -3.253  3.692   0.58 18.83 ?  201 EHO A C6  1 
HETATM 1066 C C6  B EHO B 2 .   ? -4.130  -0.850  2.028   0.42 19.32 ?  201 EHO A C6  1 
HETATM 1067 C C11 A EHO B 2 .   ? -8.250  -1.657  -0.500  0.58 16.25 ?  201 EHO A C11 1 
HETATM 1068 C C11 B EHO B 2 .   ? -8.554  -3.056  1.786   0.42 17.54 ?  201 EHO A C11 1 
HETATM 1069 C C7  A EHO B 2 .   ? -7.371  -2.645  1.514   0.58 16.87 ?  201 EHO A C7  1 
HETATM 1070 C C7  B EHO B 2 .   ? -6.486  -1.824  1.786   0.42 19.18 ?  201 EHO A C7  1 
HETATM 1071 C C8  A EHO B 2 .   ? -8.663  -3.014  1.867   0.58 17.52 ?  201 EHO A C8  1 
HETATM 1072 C C8  B EHO B 2 .   ? -6.746  -1.437  0.476   0.42 18.54 ?  201 EHO A C8  1 
HETATM 1073 C C9  A EHO B 2 .   ? -9.728  -2.706  1.036   0.58 15.35 ?  201 EHO A C9  1 
HETATM 1074 C C9  B EHO B 2 .   ? -7.900  -1.860  -0.162  0.42 17.05 ?  201 EHO A C9  1 
HETATM 1075 C C10 A EHO B 2 .   ? -9.523  -2.029  -0.144  0.58 15.04 ?  201 EHO A C10 1 
HETATM 1076 C C10 B EHO B 2 .   ? -8.802  -2.668  0.490   0.42 17.61 ?  201 EHO A C10 1 
HETATM 1077 C C12 A EHO B 2 .   ? -7.176  -1.963  0.319   0.58 17.69 ?  201 EHO A C12 1 
HETATM 1078 C C12 B EHO B 2 .   ? -7.405  -2.638  2.436   0.42 17.65 ?  201 EHO A C12 1 
HETATM 1079 C C13 A EHO B 2 .   ? -3.891  -4.407  3.311   0.58 20.84 ?  201 EHO A C13 1 
HETATM 1080 C C13 B EHO B 2 .   ? -3.642  0.064   4.370   0.42 19.71 ?  201 EHO A C13 1 
HETATM 1081 N N1  A EHO B 2 .   ? -6.246  -2.930  2.321   0.58 17.82 ?  201 EHO A N1  1 
HETATM 1082 N N1  B EHO B 2 .   ? -5.331  -1.423  2.490   0.42 19.47 ?  201 EHO A N1  1 
HETATM 1083 C C3  A EHO B 2 .   ? -5.939  -3.858  6.417   0.58 19.59 ?  201 EHO A C3  1 
HETATM 1084 C C3  B EHO B 2 .   ? -1.721  0.256   1.133   0.42 19.58 ?  201 EHO A C3  1 
HETATM 1085 C C1  A EHO B 2 .   ? -7.140  -2.860  4.610   0.58 18.18 ?  201 EHO A C1  1 
HETATM 1086 C C1  B EHO B 2 .   ? -3.702  -1.002  0.698   0.42 20.04 ?  201 EHO A C1  1 
HETATM 1087 C C2  A EHO B 2 .   ? -7.031  -3.167  5.949   0.58 17.67 ?  201 EHO A C2  1 
HETATM 1088 C C2  B EHO B 2 .   ? -2.521  -0.445  0.262   0.42 20.85 ?  201 EHO A C2  1 
HETATM 1089 O O1  A EHO B 2 .   ? -3.094  -5.235  3.792   0.58 23.69 -1 201 EHO A O1  1 
HETATM 1090 O O1  B EHO B 2 .   ? -4.490  -0.696  4.872   0.42 20.45 -1 201 EHO A O1  1 
HETATM 1091 O O2  A EHO B 2 .   ? -3.828  -3.957  2.151   0.58 22.09 ?  201 EHO A O2  1 
HETATM 1092 O O2  B EHO B 2 .   ? -3.053  0.966   4.990   0.42 15.20 ?  201 EHO A O2  1 
HETATM 1093 C C1  . EDO C 3 .   ? 1.061   -5.775  0.889   1.00 21.13 ?  202 EDO A C1  1 
HETATM 1094 O O1  . EDO C 3 .   ? -0.127  -6.418  0.416   1.00 26.33 ?  202 EDO A O1  1 
HETATM 1095 C C2  . EDO C 3 .   ? 1.201   -4.439  0.165   1.00 26.22 ?  202 EDO A C2  1 
HETATM 1096 O O2  . EDO C 3 .   ? 0.075   -3.604  0.467   1.00 31.35 ?  202 EDO A O2  1 
HETATM 1097 O O   . HOH D 4 .   ? -14.602 7.932   4.865   1.00 22.53 ?  301 HOH A O   1 
HETATM 1098 O O   . HOH D 4 .   ? -0.401  -2.304  14.280  1.00 24.51 ?  302 HOH A O   1 
HETATM 1099 O O   . HOH D 4 .   ? 13.174  8.307   10.264  1.00 26.38 ?  303 HOH A O   1 
HETATM 1100 O O   . HOH D 4 .   ? -1.787  -6.670  -1.495  1.00 22.61 ?  304 HOH A O   1 
HETATM 1101 O O   . HOH D 4 .   ? -3.017  -6.638  6.561   1.00 24.35 ?  305 HOH A O   1 
HETATM 1102 O O   . HOH D 4 .   ? -1.216  12.505  -5.578  1.00 34.76 ?  306 HOH A O   1 
HETATM 1103 O O   . HOH D 4 .   ? 24.579  1.856   -3.796  1.00 33.79 ?  307 HOH A O   1 
HETATM 1104 O O   . HOH D 4 .   ? 6.761   -12.265 -1.999  1.00 26.80 ?  308 HOH A O   1 
HETATM 1105 O O   . HOH D 4 .   ? 8.081   6.605   13.347  1.00 22.48 ?  309 HOH A O   1 
HETATM 1106 O O   . HOH D 4 .   ? 13.589  -2.460  -8.373  1.00 14.61 ?  310 HOH A O   1 
HETATM 1107 O O   . HOH D 4 .   ? -8.477  -11.704 13.187  1.00 21.78 ?  311 HOH A O   1 
HETATM 1108 O O   . HOH D 4 .   ? 13.346  -8.856  1.219   1.00 21.35 ?  312 HOH A O   1 
HETATM 1109 O O   . HOH D 4 .   ? 11.484  6.563   10.533  1.00 26.65 ?  313 HOH A O   1 
HETATM 1110 O O   . HOH D 4 .   ? -9.490  13.514  -2.925  1.00 26.31 ?  314 HOH A O   1 
HETATM 1111 O O   . HOH D 4 .   ? -9.171  -5.287  13.265  1.00 13.65 ?  315 HOH A O   1 
HETATM 1112 O O   . HOH D 4 .   ? -1.863  7.432   -11.113 1.00 26.99 ?  316 HOH A O   1 
HETATM 1113 O O   . HOH D 4 .   ? -7.863  -0.341  8.587   1.00 15.08 ?  317 HOH A O   1 
HETATM 1114 O O   . HOH D 4 .   ? 9.322   -8.301  -12.476 1.00 17.37 ?  318 HOH A O   1 
HETATM 1115 O O   . HOH D 4 .   ? 9.789   9.415   0.448   1.00 23.50 ?  319 HOH A O   1 
HETATM 1116 O O   . HOH D 4 .   ? 3.141   2.925   -3.296  1.00 11.38 ?  320 HOH A O   1 
HETATM 1117 O O   . HOH D 4 .   ? -0.478  -2.307  5.664   1.00 23.46 ?  321 HOH A O   1 
HETATM 1118 O O   . HOH D 4 .   ? 3.267   -1.946  -16.410 1.00 18.25 ?  322 HOH A O   1 
HETATM 1119 O O   . HOH D 4 .   ? -9.970  -8.857  -11.684 1.00 30.64 ?  323 HOH A O   1 
HETATM 1120 O O   . HOH D 4 .   ? 13.568  -2.829  -14.984 1.00 32.37 ?  324 HOH A O   1 
HETATM 1121 O O   . HOH D 4 .   ? 12.739  -8.366  -1.371  1.00 15.24 ?  325 HOH A O   1 
HETATM 1122 O O   . HOH D 4 .   ? -1.931  -11.508 11.433  1.00 26.82 ?  326 HOH A O   1 
HETATM 1123 O O   . HOH D 4 .   ? 6.841   -9.096  -9.069  1.00 11.93 ?  327 HOH A O   1 
HETATM 1124 O O   . HOH D 4 .   ? 11.663  16.792  7.834   1.00 22.28 ?  328 HOH A O   1 
HETATM 1125 O O   . HOH D 4 .   ? -19.512 1.399   -4.011  1.00 36.73 ?  329 HOH A O   1 
HETATM 1126 O O   . HOH D 4 .   ? -11.332 -6.208  11.901  1.00 13.65 ?  330 HOH A O   1 
HETATM 1127 O O   . HOH D 4 .   ? 10.957  -0.107  14.140  1.00 25.99 ?  331 HOH A O   1 
HETATM 1128 O O   . HOH D 4 .   ? -11.120 -10.250 1.557   1.00 31.56 ?  332 HOH A O   1 
HETATM 1129 O O   . HOH D 4 .   ? 5.780   -3.047  -16.566 1.00 11.69 ?  333 HOH A O   1 
HETATM 1130 O O   . HOH D 4 .   ? -5.375  5.263   -10.624 1.00 21.80 ?  334 HOH A O   1 
HETATM 1131 O O   . HOH D 4 .   ? -13.528 -5.843  -3.074  1.00 23.35 ?  335 HOH A O   1 
HETATM 1132 O O   . HOH D 4 .   ? 14.704  2.717   6.889   1.00 20.83 ?  336 HOH A O   1 
HETATM 1133 O O   . HOH D 4 .   ? -6.161  -0.684  -3.246  1.00 14.13 ?  337 HOH A O   1 
HETATM 1134 O O   . HOH D 4 .   ? -10.281 6.139   7.940   1.00 17.70 ?  338 HOH A O   1 
HETATM 1135 O O   . HOH D 4 .   ? 6.252   -9.851  -13.093 1.00 21.43 ?  339 HOH A O   1 
HETATM 1136 O O   . HOH D 4 .   ? -19.683 2.185   5.392   1.00 28.36 ?  340 HOH A O   1 
HETATM 1137 O O   . HOH D 4 .   ? 9.258   -7.421  3.829   1.00 17.52 ?  341 HOH A O   1 
HETATM 1138 O O   . HOH D 4 .   ? 6.331   -2.961  -10.275 1.00 9.15  ?  342 HOH A O   1 
HETATM 1139 O O   . HOH D 4 .   ? -14.027 -3.379  -7.514  1.00 27.25 ?  343 HOH A O   1 
HETATM 1140 O O   . HOH D 4 .   ? 11.391  13.136  -2.108  1.00 23.66 ?  344 HOH A O   1 
HETATM 1141 O O   . HOH D 4 .   ? -4.003  -12.423 -16.348 1.00 32.25 ?  345 HOH A O   1 
HETATM 1142 O O   . HOH D 4 .   ? -6.685  -7.782  -13.570 1.00 31.55 ?  346 HOH A O   1 
HETATM 1143 O O   . HOH D 4 .   ? -13.481 -8.381  -4.133  1.00 32.08 ?  347 HOH A O   1 
HETATM 1144 O O   . HOH D 4 .   ? 3.768   3.192   -11.270 1.00 18.13 ?  348 HOH A O   1 
HETATM 1145 O O   . HOH D 4 .   ? -1.154  -2.979  -2.028  1.00 21.97 ?  349 HOH A O   1 
HETATM 1146 O O   . HOH D 4 .   ? 12.441  10.221  -9.906  1.00 24.48 ?  350 HOH A O   1 
HETATM 1147 O O   . HOH D 4 .   ? -5.617  -12.265 10.051  1.00 29.12 ?  351 HOH A O   1 
HETATM 1148 O O   . HOH D 4 .   ? -15.096 -0.238  10.459  1.00 23.68 ?  352 HOH A O   1 
HETATM 1149 O O   . HOH D 4 .   ? -12.179 9.374   8.342   1.00 24.37 ?  353 HOH A O   1 
HETATM 1150 O O   . HOH D 4 .   ? -14.859 1.079   7.251   1.00 27.14 ?  354 HOH A O   1 
HETATM 1151 O O   . HOH D 4 .   ? 19.557  -1.747  -0.695  1.00 33.01 ?  355 HOH A O   1 
HETATM 1152 O O   . HOH D 4 .   ? 2.899   -8.141  -17.757 1.00 28.38 ?  356 HOH A O   1 
HETATM 1153 O O   . HOH D 4 .   ? -4.323  9.728   8.547   1.00 20.52 ?  357 HOH A O   1 
HETATM 1154 O O   . HOH D 4 .   ? 20.380  -6.082  -1.155  1.00 28.32 ?  358 HOH A O   1 
HETATM 1155 O O   . HOH D 4 .   ? -9.711  2.622   8.896   1.00 27.56 ?  359 HOH A O   1 
HETATM 1156 O O   . HOH D 4 .   ? -4.089  -5.174  -0.473  1.00 21.21 ?  360 HOH A O   1 
HETATM 1157 O O   . HOH D 4 .   ? 11.496  -0.156  11.580  1.00 19.33 ?  361 HOH A O   1 
HETATM 1158 O O   . HOH D 4 .   ? -21.188 -7.249  2.515   1.00 23.83 ?  362 HOH A O   1 
HETATM 1159 O O   . HOH D 4 .   ? 19.471  -3.548  -2.769  1.00 30.11 ?  363 HOH A O   1 
HETATM 1160 O O   . HOH D 4 .   ? 7.778   -6.907  -10.549 1.00 10.82 ?  364 HOH A O   1 
HETATM 1161 O O   . HOH D 4 .   ? 15.937  -4.670  3.527   1.00 14.85 ?  365 HOH A O   1 
HETATM 1162 O O   . HOH D 4 .   ? 17.866  -8.526  -7.429  1.00 21.67 ?  366 HOH A O   1 
HETATM 1163 O O   . HOH D 4 .   ? -7.005  7.964   12.809  1.00 26.03 ?  367 HOH A O   1 
HETATM 1164 O O   . HOH D 4 .   ? -2.107  8.282   -4.887  1.00 23.38 ?  368 HOH A O   1 
HETATM 1165 O O   . HOH D 4 .   ? -16.893 6.978   -1.843  1.00 21.89 ?  369 HOH A O   1 
HETATM 1166 O O   . HOH D 4 .   ? -21.895 -4.867  -0.161  1.00 24.31 ?  370 HOH A O   1 
HETATM 1167 O O   . HOH D 4 .   ? 11.051  3.605   -10.905 1.00 20.22 ?  371 HOH A O   1 
HETATM 1168 O O   . HOH D 4 .   ? -0.399  -2.270  -13.715 1.00 21.47 ?  372 HOH A O   1 
HETATM 1169 O O   . HOH D 4 .   ? -18.629 -0.330  -2.623  1.00 25.97 ?  373 HOH A O   1 
HETATM 1170 O O   . HOH D 4 .   ? -4.098  -2.959  -2.149  1.00 17.74 ?  374 HOH A O   1 
HETATM 1171 O O   . HOH D 4 .   ? 1.038   -0.272  2.197   1.00 29.47 ?  375 HOH A O   1 
HETATM 1172 O O   . HOH D 4 .   ? 11.249  -11.073 0.569   1.00 28.84 ?  376 HOH A O   1 
HETATM 1173 O O   . HOH D 4 .   ? -9.573  -7.431  -14.186 1.00 31.37 ?  377 HOH A O   1 
HETATM 1174 O O   . HOH D 4 .   ? -18.132 -7.762  1.822   1.00 22.80 ?  378 HOH A O   1 
HETATM 1175 O O   . HOH D 4 .   ? 6.945   10.386  14.769  1.00 33.07 ?  379 HOH A O   1 
HETATM 1176 O O   . HOH D 4 .   ? -11.096 -9.051  -8.949  1.00 26.75 ?  380 HOH A O   1 
HETATM 1177 O O   . HOH D 4 .   ? 7.492   12.177  12.566  1.00 21.19 ?  381 HOH A O   1 
HETATM 1178 O O   . HOH D 4 .   ? -12.649 5.592   7.540   1.00 28.55 ?  382 HOH A O   1 
HETATM 1179 O O   . HOH D 4 .   ? 1.915   -11.029 5.505   1.00 28.10 ?  383 HOH A O   1 
HETATM 1180 O O   . HOH D 4 .   ? 13.314  8.831   -7.107  1.00 26.10 ?  384 HOH A O   1 
HETATM 1181 O O   . HOH D 4 .   ? -15.581 -6.599  -1.712  1.00 28.17 ?  385 HOH A O   1 
HETATM 1182 O O   . HOH D 4 .   ? -0.263  -12.421 -0.020  1.00 22.71 ?  386 HOH A O   1 
HETATM 1183 O O   . HOH D 4 .   ? -6.588  -11.669 0.130   1.00 32.60 ?  387 HOH A O   1 
HETATM 1184 O O   . HOH D 4 .   ? 15.700  -10.298 2.127   1.00 22.72 ?  388 HOH A O   1 
HETATM 1185 O O   . HOH D 4 .   ? -19.483 8.756   3.728   1.00 30.46 ?  389 HOH A O   1 
HETATM 1186 O O   . HOH D 4 .   ? 12.891  -4.622  12.092  1.00 16.66 ?  390 HOH A O   1 
HETATM 1187 O O   . HOH D 4 .   ? 15.357  7.065   7.995   1.00 36.62 ?  391 HOH A O   1 
HETATM 1188 O O   . HOH D 4 .   ? 1.250   12.766  -9.688  1.00 31.41 ?  392 HOH A O   1 
HETATM 1189 O O   . HOH D 4 .   ? -11.107 -10.813 10.532  1.00 25.07 ?  393 HOH A O   1 
HETATM 1190 O O   . HOH D 4 .   ? 20.809  -4.835  -7.616  1.00 34.81 ?  394 HOH A O   1 
HETATM 1191 O O   . HOH D 4 .   ? -6.029  7.521   15.327  1.00 32.88 ?  395 HOH A O   1 
HETATM 1192 O O   . HOH D 4 .   ? -1.907  -13.629 -16.559 1.00 31.82 ?  396 HOH A O   1 
HETATM 1193 O O   . HOH D 4 .   ? -9.923  9.135   12.535  1.00 35.46 ?  397 HOH A O   1 
HETATM 1194 O O   . HOH D 4 .   ? 7.669   -15.106 2.621   1.00 37.60 ?  398 HOH A O   1 
HETATM 1195 O O   . HOH D 4 .   ? 15.476  -1.767  -10.105 1.00 29.99 ?  399 HOH A O   1 
HETATM 1196 O O   . HOH D 4 .   ? 0.719   -13.972 2.726   1.00 28.95 ?  400 HOH A O   1 
HETATM 1197 O O   . HOH D 4 .   ? 4.012   -16.242 1.245   1.00 29.96 ?  401 HOH A O   1 
HETATM 1198 O O   . HOH D 4 .   ? 16.866  -8.936  -10.311 1.00 32.14 ?  402 HOH A O   1 
HETATM 1199 O O   . HOH D 4 .   ? 5.225   -16.597 3.306   1.00 35.91 ?  403 HOH A O   1 
HETATM 1200 O O   . HOH D 4 .   ? -14.441 -5.857  -5.862  1.00 32.80 ?  404 HOH A O   1 
HETATM 1201 O O   . HOH D 4 .   ? -13.333 -7.404  -8.545  1.00 33.66 ?  405 HOH A O   1 
HETATM 1202 O O   . HOH D 4 .   ? 2.568   -15.060 5.124   1.00 33.96 ?  406 HOH A O   1 
HETATM 1203 O O   . HOH D 4 .   ? -4.333  12.476  7.768   1.00 30.92 ?  407 HOH A O   1 
HETATM 1204 O O   . HOH D 4 .   ? 0.482   7.093   -12.373 1.00 33.95 ?  408 HOH A O   1 
# 
loop_
_pdbx_poly_seq_scheme.asym_id 
_pdbx_poly_seq_scheme.entity_id 
_pdbx_poly_seq_scheme.seq_id 
_pdbx_poly_seq_scheme.mon_id 
_pdbx_poly_seq_scheme.ndb_seq_num 
_pdbx_poly_seq_scheme.pdb_seq_num 
_pdbx_poly_seq_scheme.auth_seq_num 
_pdbx_poly_seq_scheme.pdb_mon_id 
_pdbx_poly_seq_scheme.auth_mon_id 
_pdbx_poly_seq_scheme.pdb_strand_id 
_pdbx_poly_seq_scheme.pdb_ins_code 
_pdbx_poly_seq_scheme.hetero 
A 1 1   MET 1   -20 ?   ?   ?   A . n 
A 1 2   GLY 2   -19 ?   ?   ?   A . n 
A 1 3   SER 3   -18 ?   ?   ?   A . n 
A 1 4   SER 4   -17 ?   ?   ?   A . n 
A 1 5   HIS 5   -16 ?   ?   ?   A . n 
A 1 6   HIS 6   -15 ?   ?   ?   A . n 
A 1 7   HIS 7   -14 ?   ?   ?   A . n 
A 1 8   HIS 8   -13 ?   ?   ?   A . n 
A 1 9   HIS 9   -12 ?   ?   ?   A . n 
A 1 10  HIS 10  -11 ?   ?   ?   A . n 
A 1 11  SER 11  -10 ?   ?   ?   A . n 
A 1 12  SER 12  -9  ?   ?   ?   A . n 
A 1 13  GLY 13  -8  ?   ?   ?   A . n 
A 1 14  LEU 14  -7  ?   ?   ?   A . n 
A 1 15  VAL 15  -6  ?   ?   ?   A . n 
A 1 16  PRO 16  -5  ?   ?   ?   A . n 
A 1 17  ARG 17  -4  -4  ARG ARG A . n 
A 1 18  GLY 18  -3  -3  GLY GLY A . n 
A 1 19  SER 19  -2  -2  SER SER A . n 
A 1 20  HIS 20  -1  -1  HIS HIS A . n 
A 1 21  MET 21  0   0   MET MET A . n 
A 1 22  CYS 22  1   1   CYS CYS A . n 
A 1 23  ASP 23  2   2   ASP ASP A . n 
A 1 24  ALA 24  3   3   ALA ALA A . n 
A 1 25  PHE 25  4   4   PHE PHE A . n 
A 1 26  VAL 26  5   5   VAL VAL A . n 
A 1 27  GLY 27  6   6   GLY GLY A . n 
A 1 28  THR 28  7   7   THR THR A . n 
A 1 29  TRP 29  8   8   TRP TRP A . n 
A 1 30  LYS 30  9   9   LYS LYS A . n 
A 1 31  LEU 31  10  10  LEU LEU A . n 
A 1 32  VAL 32  11  11  VAL VAL A . n 
A 1 33  SER 33  12  12  SER SER A . n 
A 1 34  SER 34  13  13  SER SER A . n 
A 1 35  GLU 35  14  14  GLU GLU A . n 
A 1 36  ASN 36  15  15  ASN ASN A . n 
A 1 37  PHE 37  16  16  PHE PHE A . n 
A 1 38  ASP 38  17  17  ASP ASP A . n 
A 1 39  ASP 39  18  18  ASP ASP A . n 
A 1 40  TYR 40  19  19  TYR TYR A . n 
A 1 41  MET 41  20  20  MET MET A . n 
A 1 42  LYS 42  21  21  LYS LYS A . n 
A 1 43  GLU 43  22  22  GLU GLU A . n 
A 1 44  VAL 44  23  23  VAL VAL A . n 
A 1 45  GLY 45  24  24  GLY GLY A . n 
A 1 46  VAL 46  25  25  VAL VAL A . n 
A 1 47  GLY 47  26  26  GLY GLY A . n 
A 1 48  PHE 48  27  27  PHE PHE A . n 
A 1 49  ALA 49  28  28  ALA ALA A . n 
A 1 50  THR 50  29  29  THR THR A . n 
A 1 51  ARG 51  30  30  ARG ARG A . n 
A 1 52  LYS 52  31  31  LYS LYS A . n 
A 1 53  VAL 53  32  32  VAL VAL A . n 
A 1 54  ALA 54  33  33  ALA ALA A . n 
A 1 55  GLY 55  34  34  GLY GLY A . n 
A 1 56  MET 56  35  35  MET MET A . n 
A 1 57  ALA 57  36  36  ALA ALA A . n 
A 1 58  LYS 58  37  37  LYS LYS A . n 
A 1 59  PRO 59  38  38  PRO PRO A . n 
A 1 60  ASN 60  39  39  ASN ASN A . n 
A 1 61  MET 61  40  40  MET MET A . n 
A 1 62  ILE 62  41  41  ILE ILE A . n 
A 1 63  ILE 63  42  42  ILE ILE A . n 
A 1 64  SER 64  43  43  SER SER A . n 
A 1 65  VAL 65  44  44  VAL VAL A . n 
A 1 66  ASN 66  45  45  ASN ASN A . n 
A 1 67  GLY 67  46  46  GLY GLY A . n 
A 1 68  ASP 68  47  47  ASP ASP A . n 
A 1 69  VAL 69  48  48  VAL VAL A . n 
A 1 70  ILE 70  49  49  ILE ILE A . n 
A 1 71  THR 71  50  50  THR THR A . n 
A 1 72  ILE 72  51  51  ILE ILE A . n 
A 1 73  LYS 73  52  52  LYS LYS A . n 
A 1 74  SER 74  53  53  SER SER A . n 
A 1 75  GLU 75  54  54  GLU GLU A . n 
A 1 76  SER 76  55  55  SER SER A . n 
A 1 77  THR 77  56  56  THR THR A . n 
A 1 78  PHE 78  57  57  PHE PHE A . n 
A 1 79  LYS 79  58  58  LYS LYS A . n 
A 1 80  ASN 80  59  59  ASN ASN A . n 
A 1 81  THR 81  60  60  THR THR A . n 
A 1 82  GLU 82  61  61  GLU GLU A . n 
A 1 83  ILE 83  62  62  ILE ILE A . n 
A 1 84  SER 84  63  63  SER SER A . n 
A 1 85  PHE 85  64  64  PHE PHE A . n 
A 1 86  ILE 86  65  65  ILE ILE A . n 
A 1 87  LEU 87  66  66  LEU LEU A . n 
A 1 88  GLY 88  67  67  GLY GLY A . n 
A 1 89  GLN 89  68  68  GLN GLN A . n 
A 1 90  GLU 90  69  69  GLU GLU A . n 
A 1 91  PHE 91  70  70  PHE PHE A . n 
A 1 92  ASP 92  71  71  ASP ASP A . n 
A 1 93  GLU 93  72  72  GLU GLU A . n 
A 1 94  VAL 94  73  73  VAL VAL A . n 
A 1 95  THR 95  74  74  THR THR A . n 
A 1 96  ALA 96  75  75  ALA ALA A . n 
A 1 97  ASP 97  76  76  ASP ASP A . n 
A 1 98  ASP 98  77  77  ASP ASP A . n 
A 1 99  ARG 99  78  78  ARG ARG A . n 
A 1 100 LYS 100 79  79  LYS LYS A . n 
A 1 101 VAL 101 80  80  VAL VAL A . n 
A 1 102 LYS 102 81  81  LYS LYS A . n 
A 1 103 SER 103 82  82  SER SER A . n 
A 1 104 THR 104 83  83  THR THR A . n 
A 1 105 ILE 105 84  84  ILE ILE A . n 
A 1 106 THR 106 85  85  THR THR A . n 
A 1 107 LEU 107 86  86  LEU LEU A . n 
A 1 108 ASP 108 87  87  ASP ASP A . n 
A 1 109 GLY 109 88  88  GLY GLY A . n 
A 1 110 GLY 110 89  89  GLY GLY A . n 
A 1 111 VAL 111 90  90  VAL VAL A . n 
A 1 112 LEU 112 91  91  LEU LEU A . n 
A 1 113 VAL 113 92  92  VAL VAL A . n 
A 1 114 HIS 114 93  93  HIS HIS A . n 
A 1 115 VAL 115 94  94  VAL VAL A . n 
A 1 116 GLN 116 95  95  GLN GLN A . n 
A 1 117 LYS 117 96  96  LYS LYS A . n 
A 1 118 TRP 118 97  97  TRP TRP A . n 
A 1 119 ASP 119 98  98  ASP ASP A . n 
A 1 120 GLY 120 99  99  GLY GLY A . n 
A 1 121 LYS 121 100 100 LYS LYS A . n 
A 1 122 SER 122 101 101 SER SER A . n 
A 1 123 THR 123 102 102 THR THR A . n 
A 1 124 THR 124 103 103 THR THR A . n 
A 1 125 ILE 125 104 104 ILE ILE A . n 
A 1 126 LYS 126 105 105 LYS LYS A . n 
A 1 127 ARG 127 106 106 ARG ARG A . n 
A 1 128 LYS 128 107 107 LYS LYS A . n 
A 1 129 ARG 129 108 108 ARG ARG A . n 
A 1 130 GLU 130 109 109 GLU GLU A . n 
A 1 131 ASP 131 110 110 ASP ASP A . n 
A 1 132 ASP 132 111 111 ASP ASP A . n 
A 1 133 LYS 133 112 112 LYS LYS A . n 
A 1 134 LEU 134 113 113 LEU LEU A . n 
A 1 135 VAL 135 114 114 VAL VAL A . n 
A 1 136 VAL 136 115 115 VAL VAL A . n 
A 1 137 GLU 137 116 116 GLU GLU A . n 
A 1 138 CYS 138 117 117 CYS CYS A . n 
A 1 139 VAL 139 118 118 VAL VAL A . n 
A 1 140 MET 140 119 119 MET MET A . n 
A 1 141 LYS 141 120 120 LYS LYS A . n 
A 1 142 GLY 142 121 121 GLY GLY A . n 
A 1 143 VAL 143 122 122 VAL VAL A . n 
A 1 144 THR 144 123 123 THR THR A . n 
A 1 145 SER 145 124 124 SER SER A . n 
A 1 146 THR 146 125 125 THR THR A . n 
A 1 147 ARG 147 126 126 ARG ARG A . n 
A 1 148 VAL 148 127 127 VAL VAL A . n 
A 1 149 TYR 149 128 128 TYR TYR A . n 
A 1 150 GLU 150 129 129 GLU GLU A . n 
A 1 151 ARG 151 130 130 ARG ARG A . n 
A 1 152 ALA 152 131 131 ALA ALA A . n 
# 
loop_
_pdbx_nonpoly_scheme.asym_id 
_pdbx_nonpoly_scheme.entity_id 
_pdbx_nonpoly_scheme.mon_id 
_pdbx_nonpoly_scheme.ndb_seq_num 
_pdbx_nonpoly_scheme.pdb_seq_num 
_pdbx_nonpoly_scheme.auth_seq_num 
_pdbx_nonpoly_scheme.pdb_mon_id 
_pdbx_nonpoly_scheme.auth_mon_id 
_pdbx_nonpoly_scheme.pdb_strand_id 
_pdbx_nonpoly_scheme.pdb_ins_code 
B 2 EHO 1   201 1   EHO DRG A . 
C 3 EDO 1   202 1   EDO EDO A . 
D 4 HOH 1   301 27  HOH HOH A . 
D 4 HOH 2   302 59  HOH HOH A . 
D 4 HOH 3   303 71  HOH HOH A . 
D 4 HOH 4   304 45  HOH HOH A . 
D 4 HOH 5   305 47  HOH HOH A . 
D 4 HOH 6   306 81  HOH HOH A . 
D 4 HOH 7   307 62  HOH HOH A . 
D 4 HOH 8   308 48  HOH HOH A . 
D 4 HOH 9   309 25  HOH HOH A . 
D 4 HOH 10  310 8   HOH HOH A . 
D 4 HOH 11  311 41  HOH HOH A . 
D 4 HOH 12  312 24  HOH HOH A . 
D 4 HOH 13  313 67  HOH HOH A . 
D 4 HOH 14  314 91  HOH HOH A . 
D 4 HOH 15  315 4   HOH HOH A . 
D 4 HOH 16  316 61  HOH HOH A . 
D 4 HOH 17  317 10  HOH HOH A . 
D 4 HOH 18  318 14  HOH HOH A . 
D 4 HOH 19  319 26  HOH HOH A . 
D 4 HOH 20  320 5   HOH HOH A . 
D 4 HOH 21  321 35  HOH HOH A . 
D 4 HOH 22  322 19  HOH HOH A . 
D 4 HOH 23  323 96  HOH HOH A . 
D 4 HOH 24  324 82  HOH HOH A . 
D 4 HOH 25  325 12  HOH HOH A . 
D 4 HOH 26  326 43  HOH HOH A . 
D 4 HOH 27  327 7   HOH HOH A . 
D 4 HOH 28  328 33  HOH HOH A . 
D 4 HOH 29  329 108 HOH HOH A . 
D 4 HOH 30  330 6   HOH HOH A . 
D 4 HOH 31  331 76  HOH HOH A . 
D 4 HOH 32  332 93  HOH HOH A . 
D 4 HOH 33  333 3   HOH HOH A . 
D 4 HOH 34  334 34  HOH HOH A . 
D 4 HOH 35  335 42  HOH HOH A . 
D 4 HOH 36  336 20  HOH HOH A . 
D 4 HOH 37  337 13  HOH HOH A . 
D 4 HOH 38  338 9   HOH HOH A . 
D 4 HOH 39  339 21  HOH HOH A . 
D 4 HOH 40  340 51  HOH HOH A . 
D 4 HOH 41  341 16  HOH HOH A . 
D 4 HOH 42  342 2   HOH HOH A . 
D 4 HOH 43  343 68  HOH HOH A . 
D 4 HOH 44  344 70  HOH HOH A . 
D 4 HOH 45  345 55  HOH HOH A . 
D 4 HOH 46  346 107 HOH HOH A . 
D 4 HOH 47  347 74  HOH HOH A . 
D 4 HOH 48  348 18  HOH HOH A . 
D 4 HOH 49  349 39  HOH HOH A . 
D 4 HOH 50  350 46  HOH HOH A . 
D 4 HOH 51  351 64  HOH HOH A . 
D 4 HOH 52  352 50  HOH HOH A . 
D 4 HOH 53  353 36  HOH HOH A . 
D 4 HOH 54  354 58  HOH HOH A . 
D 4 HOH 55  355 102 HOH HOH A . 
D 4 HOH 56  356 79  HOH HOH A . 
D 4 HOH 57  357 31  HOH HOH A . 
D 4 HOH 58  358 53  HOH HOH A . 
D 4 HOH 59  359 65  HOH HOH A . 
D 4 HOH 60  360 23  HOH HOH A . 
D 4 HOH 61  361 28  HOH HOH A . 
D 4 HOH 62  362 37  HOH HOH A . 
D 4 HOH 63  363 98  HOH HOH A . 
D 4 HOH 64  364 1   HOH HOH A . 
D 4 HOH 65  365 11  HOH HOH A . 
D 4 HOH 66  366 22  HOH HOH A . 
D 4 HOH 67  367 49  HOH HOH A . 
D 4 HOH 68  368 89  HOH HOH A . 
D 4 HOH 69  369 32  HOH HOH A . 
D 4 HOH 70  370 57  HOH HOH A . 
D 4 HOH 71  371 44  HOH HOH A . 
D 4 HOH 72  372 29  HOH HOH A . 
D 4 HOH 73  373 60  HOH HOH A . 
D 4 HOH 74  374 15  HOH HOH A . 
D 4 HOH 75  375 77  HOH HOH A . 
D 4 HOH 76  376 105 HOH HOH A . 
D 4 HOH 77  377 54  HOH HOH A . 
D 4 HOH 78  378 40  HOH HOH A . 
D 4 HOH 79  379 72  HOH HOH A . 
D 4 HOH 80  380 56  HOH HOH A . 
D 4 HOH 81  381 38  HOH HOH A . 
D 4 HOH 82  382 87  HOH HOH A . 
D 4 HOH 83  383 92  HOH HOH A . 
D 4 HOH 84  384 86  HOH HOH A . 
D 4 HOH 85  385 104 HOH HOH A . 
D 4 HOH 86  386 83  HOH HOH A . 
D 4 HOH 87  387 106 HOH HOH A . 
D 4 HOH 88  388 30  HOH HOH A . 
D 4 HOH 89  389 97  HOH HOH A . 
D 4 HOH 90  390 17  HOH HOH A . 
D 4 HOH 91  391 103 HOH HOH A . 
D 4 HOH 92  392 90  HOH HOH A . 
D 4 HOH 93  393 88  HOH HOH A . 
D 4 HOH 94  394 99  HOH HOH A . 
D 4 HOH 95  395 69  HOH HOH A . 
D 4 HOH 96  396 95  HOH HOH A . 
D 4 HOH 97  397 52  HOH HOH A . 
D 4 HOH 98  398 94  HOH HOH A . 
D 4 HOH 99  399 73  HOH HOH A . 
D 4 HOH 100 400 85  HOH HOH A . 
D 4 HOH 101 401 63  HOH HOH A . 
D 4 HOH 102 402 100 HOH HOH A . 
D 4 HOH 103 403 66  HOH HOH A . 
D 4 HOH 104 404 78  HOH HOH A . 
D 4 HOH 105 405 80  HOH HOH A . 
D 4 HOH 106 406 84  HOH HOH A . 
D 4 HOH 107 407 75  HOH HOH A . 
D 4 HOH 108 408 101 HOH HOH A . 
# 
_pdbx_struct_assembly.id                   1 
_pdbx_struct_assembly.details              author_defined_assembly 
_pdbx_struct_assembly.method_details       ? 
_pdbx_struct_assembly.oligomeric_details   monomeric 
_pdbx_struct_assembly.oligomeric_count     1 
# 
_pdbx_struct_assembly_gen.assembly_id       1 
_pdbx_struct_assembly_gen.oper_expression   1 
_pdbx_struct_assembly_gen.asym_id_list      A,B,C,D 
# 
loop_
_pdbx_struct_assembly_prop.biol_id 
_pdbx_struct_assembly_prop.type 
_pdbx_struct_assembly_prop.value 
_pdbx_struct_assembly_prop.details 
1 'ABSA (A^2)' 240  ? 
1 MORE         4    ? 
1 'SSA (A^2)'  7210 ? 
# 
_pdbx_struct_oper_list.id                   1 
_pdbx_struct_oper_list.type                 'identity operation' 
_pdbx_struct_oper_list.name                 1_555 
_pdbx_struct_oper_list.symmetry_operation   x,y,z 
_pdbx_struct_oper_list.matrix[1][1]         1.0000000000 
_pdbx_struct_oper_list.matrix[1][2]         0.0000000000 
_pdbx_struct_oper_list.matrix[1][3]         0.0000000000 
_pdbx_struct_oper_list.vector[1]            0.0000000000 
_pdbx_struct_oper_list.matrix[2][1]         0.0000000000 
_pdbx_struct_oper_list.matrix[2][2]         1.0000000000 
_pdbx_struct_oper_list.matrix[2][3]         0.0000000000 
_pdbx_struct_oper_list.vector[2]            0.0000000000 
_pdbx_struct_oper_list.matrix[3][1]         0.0000000000 
_pdbx_struct_oper_list.matrix[3][2]         0.0000000000 
_pdbx_struct_oper_list.matrix[3][3]         1.0000000000 
_pdbx_struct_oper_list.vector[3]            0.0000000000 
# 
loop_
_pdbx_audit_revision_history.ordinal 
_pdbx_audit_revision_history.data_content_type 
_pdbx_audit_revision_history.major_revision 
_pdbx_audit_revision_history.minor_revision 
_pdbx_audit_revision_history.revision_date 
1 'Structure model' 1 0 2020-04-15 
2 'Structure model' 1 1 2020-05-06 
3 'Structure model' 1 2 2023-11-22 
# 
_pdbx_audit_revision_details.ordinal             1 
_pdbx_audit_revision_details.revision_ordinal    1 
_pdbx_audit_revision_details.data_content_type   'Structure model' 
_pdbx_audit_revision_details.provider            repository 
_pdbx_audit_revision_details.type                'Initial release' 
_pdbx_audit_revision_details.description         ? 
_pdbx_audit_revision_details.details             ? 
# 
loop_
_pdbx_audit_revision_group.ordinal 
_pdbx_audit_revision_group.revision_ordinal 
_pdbx_audit_revision_group.data_content_type 
_pdbx_audit_revision_group.group 
1 2 'Structure model' 'Database references'    
2 3 'Structure model' 'Data collection'        
3 3 'Structure model' 'Database references'    
4 3 'Structure model' 'Refinement description' 
# 
loop_
_pdbx_audit_revision_category.ordinal 
_pdbx_audit_revision_category.revision_ordinal 
_pdbx_audit_revision_category.data_content_type 
_pdbx_audit_revision_category.category 
1 2 'Structure model' citation                      
2 3 'Structure model' chem_comp_atom                
3 3 'Structure model' chem_comp_bond                
4 3 'Structure model' database_2                    
5 3 'Structure model' pdbx_initial_refinement_model 
# 
loop_
_pdbx_audit_revision_item.ordinal 
_pdbx_audit_revision_item.revision_ordinal 
_pdbx_audit_revision_item.data_content_type 
_pdbx_audit_revision_item.item 
1 2 'Structure model' '_citation.journal_volume'            
2 2 'Structure model' '_citation.page_first'                
3 2 'Structure model' '_citation.page_last'                 
4 3 'Structure model' '_database_2.pdbx_DOI'                
5 3 'Structure model' '_database_2.pdbx_database_accession' 
# 
_pdbx_phasing_MR.entry_id                     6LJW 
_pdbx_phasing_MR.method_rotation              ? 
_pdbx_phasing_MR.method_translation           ? 
_pdbx_phasing_MR.model_details                'Phaser MODE: MR_AUTO' 
_pdbx_phasing_MR.R_factor                     ? 
_pdbx_phasing_MR.R_rigid_body                 ? 
_pdbx_phasing_MR.correlation_coeff_Fo_to_Fc   ? 
_pdbx_phasing_MR.correlation_coeff_Io_to_Ic   ? 
_pdbx_phasing_MR.d_res_high_rotation          4.810 
_pdbx_phasing_MR.d_res_low_rotation           30.860 
_pdbx_phasing_MR.d_res_high_translation       4.810 
_pdbx_phasing_MR.d_res_low_translation        30.860 
_pdbx_phasing_MR.packing                      ? 
_pdbx_phasing_MR.reflns_percent_rotation      ? 
_pdbx_phasing_MR.reflns_percent_translation   ? 
_pdbx_phasing_MR.sigma_F_rotation             ? 
_pdbx_phasing_MR.sigma_F_translation          ? 
_pdbx_phasing_MR.sigma_I_rotation             ? 
_pdbx_phasing_MR.sigma_I_translation          ? 
# 
_phasing.method   MR 
# 
loop_
_software.citation_id 
_software.classification 
_software.compiler_name 
_software.compiler_version 
_software.contact_author 
_software.contact_author_email 
_software.date 
_software.description 
_software.dependencies 
_software.hardware 
_software.language 
_software.location 
_software.mods 
_software.name 
_software.os 
_software.os_version 
_software.type 
_software.version 
_software.pdbx_ordinal 
? refinement        ? ? ? ? ? ? ? ? ? ? ? PHENIX      ? ? ? 1.17.1 1 
? 'data reduction'  ? ? ? ? ? ? ? ? ? ? ? HKL-2000    ? ? ? .      2 
? 'data scaling'    ? ? ? ? ? ? ? ? ? ? ? HKL-2000    ? ? ? .      3 
? phasing           ? ? ? ? ? ? ? ? ? ? ? PHASER      ? ? ? 2.8.2  4 
? 'data extraction' ? ? ? ? ? ? ? ? ? ? ? PDB_EXTRACT ? ? ? 3.25   5 
# 
_pdbx_entry_details.entry_id                 6LJW 
_pdbx_entry_details.has_ligand_of_interest   Y 
_pdbx_entry_details.compound_details         ? 
_pdbx_entry_details.source_details           ? 
_pdbx_entry_details.nonpolymer_details       ? 
_pdbx_entry_details.sequence_details         ? 
# 
loop_
_pdbx_validate_torsion.id 
_pdbx_validate_torsion.PDB_model_num 
_pdbx_validate_torsion.auth_comp_id 
_pdbx_validate_torsion.auth_asym_id 
_pdbx_validate_torsion.auth_seq_id 
_pdbx_validate_torsion.PDB_ins_code 
_pdbx_validate_torsion.label_alt_id 
_pdbx_validate_torsion.phi 
_pdbx_validate_torsion.psi 
1 1 LYS A 37  ? ? -118.01 79.94   
2 1 ASP A 110 ? ? 52.22   -131.89 
3 1 LYS A 120 ? ? 53.14   -122.56 
# 
loop_
_pdbx_unobs_or_zero_occ_residues.id 
_pdbx_unobs_or_zero_occ_residues.PDB_model_num 
_pdbx_unobs_or_zero_occ_residues.polymer_flag 
_pdbx_unobs_or_zero_occ_residues.occupancy_flag 
_pdbx_unobs_or_zero_occ_residues.auth_asym_id 
_pdbx_unobs_or_zero_occ_residues.auth_comp_id 
_pdbx_unobs_or_zero_occ_residues.auth_seq_id 
_pdbx_unobs_or_zero_occ_residues.PDB_ins_code 
_pdbx_unobs_or_zero_occ_residues.label_asym_id 
_pdbx_unobs_or_zero_occ_residues.label_comp_id 
_pdbx_unobs_or_zero_occ_residues.label_seq_id 
1  1 Y 1 A MET -20 ? A MET 1  
2  1 Y 1 A GLY -19 ? A GLY 2  
3  1 Y 1 A SER -18 ? A SER 3  
4  1 Y 1 A SER -17 ? A SER 4  
5  1 Y 1 A HIS -16 ? A HIS 5  
6  1 Y 1 A HIS -15 ? A HIS 6  
7  1 Y 1 A HIS -14 ? A HIS 7  
8  1 Y 1 A HIS -13 ? A HIS 8  
9  1 Y 1 A HIS -12 ? A HIS 9  
10 1 Y 1 A HIS -11 ? A HIS 10 
11 1 Y 1 A SER -10 ? A SER 11 
12 1 Y 1 A SER -9  ? A SER 12 
13 1 Y 1 A GLY -8  ? A GLY 13 
14 1 Y 1 A LEU -7  ? A LEU 14 
15 1 Y 1 A VAL -6  ? A VAL 15 
16 1 Y 1 A PRO -5  ? A PRO 16 
# 
loop_
_chem_comp_atom.comp_id 
_chem_comp_atom.atom_id 
_chem_comp_atom.type_symbol 
_chem_comp_atom.pdbx_aromatic_flag 
_chem_comp_atom.pdbx_stereo_config 
_chem_comp_atom.pdbx_ordinal 
ALA N    N N N 1   
ALA CA   C N S 2   
ALA C    C N N 3   
ALA O    O N N 4   
ALA CB   C N N 5   
ALA OXT  O N N 6   
ALA H    H N N 7   
ALA H2   H N N 8   
ALA HA   H N N 9   
ALA HB1  H N N 10  
ALA HB2  H N N 11  
ALA HB3  H N N 12  
ALA HXT  H N N 13  
ARG N    N N N 14  
ARG CA   C N S 15  
ARG C    C N N 16  
ARG O    O N N 17  
ARG CB   C N N 18  
ARG CG   C N N 19  
ARG CD   C N N 20  
ARG NE   N N N 21  
ARG CZ   C N N 22  
ARG NH1  N N N 23  
ARG NH2  N N N 24  
ARG OXT  O N N 25  
ARG H    H N N 26  
ARG H2   H N N 27  
ARG HA   H N N 28  
ARG HB2  H N N 29  
ARG HB3  H N N 30  
ARG HG2  H N N 31  
ARG HG3  H N N 32  
ARG HD2  H N N 33  
ARG HD3  H N N 34  
ARG HE   H N N 35  
ARG HH11 H N N 36  
ARG HH12 H N N 37  
ARG HH21 H N N 38  
ARG HH22 H N N 39  
ARG HXT  H N N 40  
ASN N    N N N 41  
ASN CA   C N S 42  
ASN C    C N N 43  
ASN O    O N N 44  
ASN CB   C N N 45  
ASN CG   C N N 46  
ASN OD1  O N N 47  
ASN ND2  N N N 48  
ASN OXT  O N N 49  
ASN H    H N N 50  
ASN H2   H N N 51  
ASN HA   H N N 52  
ASN HB2  H N N 53  
ASN HB3  H N N 54  
ASN HD21 H N N 55  
ASN HD22 H N N 56  
ASN HXT  H N N 57  
ASP N    N N N 58  
ASP CA   C N S 59  
ASP C    C N N 60  
ASP O    O N N 61  
ASP CB   C N N 62  
ASP CG   C N N 63  
ASP OD1  O N N 64  
ASP OD2  O N N 65  
ASP OXT  O N N 66  
ASP H    H N N 67  
ASP H2   H N N 68  
ASP HA   H N N 69  
ASP HB2  H N N 70  
ASP HB3  H N N 71  
ASP HD2  H N N 72  
ASP HXT  H N N 73  
CYS N    N N N 74  
CYS CA   C N R 75  
CYS C    C N N 76  
CYS O    O N N 77  
CYS CB   C N N 78  
CYS SG   S N N 79  
CYS OXT  O N N 80  
CYS H    H N N 81  
CYS H2   H N N 82  
CYS HA   H N N 83  
CYS HB2  H N N 84  
CYS HB3  H N N 85  
CYS HG   H N N 86  
CYS HXT  H N N 87  
EDO C1   C N N 88  
EDO O1   O N N 89  
EDO C2   C N N 90  
EDO O2   O N N 91  
EDO H11  H N N 92  
EDO H12  H N N 93  
EDO HO1  H N N 94  
EDO H21  H N N 95  
EDO H22  H N N 96  
EDO HO2  H N N 97  
EHO C4   C Y N 98  
EHO C5   C Y N 99  
EHO C6   C Y N 100 
EHO C11  C Y N 101 
EHO C7   C Y N 102 
EHO C8   C Y N 103 
EHO C9   C Y N 104 
EHO C10  C Y N 105 
EHO C12  C Y N 106 
EHO C13  C N N 107 
EHO N1   N N N 108 
EHO C3   C Y N 109 
EHO C1   C Y N 110 
EHO C2   C Y N 111 
EHO O1   O N N 112 
EHO O2   O N N 113 
EHO H1   H N N 114 
EHO H2   H N N 115 
EHO H3   H N N 116 
EHO H4   H N N 117 
EHO H5   H N N 118 
EHO H6   H N N 119 
EHO H7   H N N 120 
EHO H8   H N N 121 
EHO H9   H N N 122 
EHO H10  H N N 123 
EHO H11  H N N 124 
GLN N    N N N 125 
GLN CA   C N S 126 
GLN C    C N N 127 
GLN O    O N N 128 
GLN CB   C N N 129 
GLN CG   C N N 130 
GLN CD   C N N 131 
GLN OE1  O N N 132 
GLN NE2  N N N 133 
GLN OXT  O N N 134 
GLN H    H N N 135 
GLN H2   H N N 136 
GLN HA   H N N 137 
GLN HB2  H N N 138 
GLN HB3  H N N 139 
GLN HG2  H N N 140 
GLN HG3  H N N 141 
GLN HE21 H N N 142 
GLN HE22 H N N 143 
GLN HXT  H N N 144 
GLU N    N N N 145 
GLU CA   C N S 146 
GLU C    C N N 147 
GLU O    O N N 148 
GLU CB   C N N 149 
GLU CG   C N N 150 
GLU CD   C N N 151 
GLU OE1  O N N 152 
GLU OE2  O N N 153 
GLU OXT  O N N 154 
GLU H    H N N 155 
GLU H2   H N N 156 
GLU HA   H N N 157 
GLU HB2  H N N 158 
GLU HB3  H N N 159 
GLU HG2  H N N 160 
GLU HG3  H N N 161 
GLU HE2  H N N 162 
GLU HXT  H N N 163 
GLY N    N N N 164 
GLY CA   C N N 165 
GLY C    C N N 166 
GLY O    O N N 167 
GLY OXT  O N N 168 
GLY H    H N N 169 
GLY H2   H N N 170 
GLY HA2  H N N 171 
GLY HA3  H N N 172 
GLY HXT  H N N 173 
HIS N    N N N 174 
HIS CA   C N S 175 
HIS C    C N N 176 
HIS O    O N N 177 
HIS CB   C N N 178 
HIS CG   C Y N 179 
HIS ND1  N Y N 180 
HIS CD2  C Y N 181 
HIS CE1  C Y N 182 
HIS NE2  N Y N 183 
HIS OXT  O N N 184 
HIS H    H N N 185 
HIS H2   H N N 186 
HIS HA   H N N 187 
HIS HB2  H N N 188 
HIS HB3  H N N 189 
HIS HD1  H N N 190 
HIS HD2  H N N 191 
HIS HE1  H N N 192 
HIS HE2  H N N 193 
HIS HXT  H N N 194 
HOH O    O N N 195 
HOH H1   H N N 196 
HOH H2   H N N 197 
ILE N    N N N 198 
ILE CA   C N S 199 
ILE C    C N N 200 
ILE O    O N N 201 
ILE CB   C N S 202 
ILE CG1  C N N 203 
ILE CG2  C N N 204 
ILE CD1  C N N 205 
ILE OXT  O N N 206 
ILE H    H N N 207 
ILE H2   H N N 208 
ILE HA   H N N 209 
ILE HB   H N N 210 
ILE HG12 H N N 211 
ILE HG13 H N N 212 
ILE HG21 H N N 213 
ILE HG22 H N N 214 
ILE HG23 H N N 215 
ILE HD11 H N N 216 
ILE HD12 H N N 217 
ILE HD13 H N N 218 
ILE HXT  H N N 219 
LEU N    N N N 220 
LEU CA   C N S 221 
LEU C    C N N 222 
LEU O    O N N 223 
LEU CB   C N N 224 
LEU CG   C N N 225 
LEU CD1  C N N 226 
LEU CD2  C N N 227 
LEU OXT  O N N 228 
LEU H    H N N 229 
LEU H2   H N N 230 
LEU HA   H N N 231 
LEU HB2  H N N 232 
LEU HB3  H N N 233 
LEU HG   H N N 234 
LEU HD11 H N N 235 
LEU HD12 H N N 236 
LEU HD13 H N N 237 
LEU HD21 H N N 238 
LEU HD22 H N N 239 
LEU HD23 H N N 240 
LEU HXT  H N N 241 
LYS N    N N N 242 
LYS CA   C N S 243 
LYS C    C N N 244 
LYS O    O N N 245 
LYS CB   C N N 246 
LYS CG   C N N 247 
LYS CD   C N N 248 
LYS CE   C N N 249 
LYS NZ   N N N 250 
LYS OXT  O N N 251 
LYS H    H N N 252 
LYS H2   H N N 253 
LYS HA   H N N 254 
LYS HB2  H N N 255 
LYS HB3  H N N 256 
LYS HG2  H N N 257 
LYS HG3  H N N 258 
LYS HD2  H N N 259 
LYS HD3  H N N 260 
LYS HE2  H N N 261 
LYS HE3  H N N 262 
LYS HZ1  H N N 263 
LYS HZ2  H N N 264 
LYS HZ3  H N N 265 
LYS HXT  H N N 266 
MET N    N N N 267 
MET CA   C N S 268 
MET C    C N N 269 
MET O    O N N 270 
MET CB   C N N 271 
MET CG   C N N 272 
MET SD   S N N 273 
MET CE   C N N 274 
MET OXT  O N N 275 
MET H    H N N 276 
MET H2   H N N 277 
MET HA   H N N 278 
MET HB2  H N N 279 
MET HB3  H N N 280 
MET HG2  H N N 281 
MET HG3  H N N 282 
MET HE1  H N N 283 
MET HE2  H N N 284 
MET HE3  H N N 285 
MET HXT  H N N 286 
PHE N    N N N 287 
PHE CA   C N S 288 
PHE C    C N N 289 
PHE O    O N N 290 
PHE CB   C N N 291 
PHE CG   C Y N 292 
PHE CD1  C Y N 293 
PHE CD2  C Y N 294 
PHE CE1  C Y N 295 
PHE CE2  C Y N 296 
PHE CZ   C Y N 297 
PHE OXT  O N N 298 
PHE H    H N N 299 
PHE H2   H N N 300 
PHE HA   H N N 301 
PHE HB2  H N N 302 
PHE HB3  H N N 303 
PHE HD1  H N N 304 
PHE HD2  H N N 305 
PHE HE1  H N N 306 
PHE HE2  H N N 307 
PHE HZ   H N N 308 
PHE HXT  H N N 309 
PRO N    N N N 310 
PRO CA   C N S 311 
PRO C    C N N 312 
PRO O    O N N 313 
PRO CB   C N N 314 
PRO CG   C N N 315 
PRO CD   C N N 316 
PRO OXT  O N N 317 
PRO H    H N N 318 
PRO HA   H N N 319 
PRO HB2  H N N 320 
PRO HB3  H N N 321 
PRO HG2  H N N 322 
PRO HG3  H N N 323 
PRO HD2  H N N 324 
PRO HD3  H N N 325 
PRO HXT  H N N 326 
SER N    N N N 327 
SER CA   C N S 328 
SER C    C N N 329 
SER O    O N N 330 
SER CB   C N N 331 
SER OG   O N N 332 
SER OXT  O N N 333 
SER H    H N N 334 
SER H2   H N N 335 
SER HA   H N N 336 
SER HB2  H N N 337 
SER HB3  H N N 338 
SER HG   H N N 339 
SER HXT  H N N 340 
THR N    N N N 341 
THR CA   C N S 342 
THR C    C N N 343 
THR O    O N N 344 
THR CB   C N R 345 
THR OG1  O N N 346 
THR CG2  C N N 347 
THR OXT  O N N 348 
THR H    H N N 349 
THR H2   H N N 350 
THR HA   H N N 351 
THR HB   H N N 352 
THR HG1  H N N 353 
THR HG21 H N N 354 
THR HG22 H N N 355 
THR HG23 H N N 356 
THR HXT  H N N 357 
TRP N    N N N 358 
TRP CA   C N S 359 
TRP C    C N N 360 
TRP O    O N N 361 
TRP CB   C N N 362 
TRP CG   C Y N 363 
TRP CD1  C Y N 364 
TRP CD2  C Y N 365 
TRP NE1  N Y N 366 
TRP CE2  C Y N 367 
TRP CE3  C Y N 368 
TRP CZ2  C Y N 369 
TRP CZ3  C Y N 370 
TRP CH2  C Y N 371 
TRP OXT  O N N 372 
TRP H    H N N 373 
TRP H2   H N N 374 
TRP HA   H N N 375 
TRP HB2  H N N 376 
TRP HB3  H N N 377 
TRP HD1  H N N 378 
TRP HE1  H N N 379 
TRP HE3  H N N 380 
TRP HZ2  H N N 381 
TRP HZ3  H N N 382 
TRP HH2  H N N 383 
TRP HXT  H N N 384 
TYR N    N N N 385 
TYR CA   C N S 386 
TYR C    C N N 387 
TYR O    O N N 388 
TYR CB   C N N 389 
TYR CG   C Y N 390 
TYR CD1  C Y N 391 
TYR CD2  C Y N 392 
TYR CE1  C Y N 393 
TYR CE2  C Y N 394 
TYR CZ   C Y N 395 
TYR OH   O N N 396 
TYR OXT  O N N 397 
TYR H    H N N 398 
TYR H2   H N N 399 
TYR HA   H N N 400 
TYR HB2  H N N 401 
TYR HB3  H N N 402 
TYR HD1  H N N 403 
TYR HD2  H N N 404 
TYR HE1  H N N 405 
TYR HE2  H N N 406 
TYR HH   H N N 407 
TYR HXT  H N N 408 
VAL N    N N N 409 
VAL CA   C N S 410 
VAL C    C N N 411 
VAL O    O N N 412 
VAL CB   C N N 413 
VAL CG1  C N N 414 
VAL CG2  C N N 415 
VAL OXT  O N N 416 
VAL H    H N N 417 
VAL H2   H N N 418 
VAL HA   H N N 419 
VAL HB   H N N 420 
VAL HG11 H N N 421 
VAL HG12 H N N 422 
VAL HG13 H N N 423 
VAL HG21 H N N 424 
VAL HG22 H N N 425 
VAL HG23 H N N 426 
VAL HXT  H N N 427 
# 
loop_
_chem_comp_bond.comp_id 
_chem_comp_bond.atom_id_1 
_chem_comp_bond.atom_id_2 
_chem_comp_bond.value_order 
_chem_comp_bond.pdbx_aromatic_flag 
_chem_comp_bond.pdbx_stereo_config 
_chem_comp_bond.pdbx_ordinal 
ALA N   CA   sing N N 1   
ALA N   H    sing N N 2   
ALA N   H2   sing N N 3   
ALA CA  C    sing N N 4   
ALA CA  CB   sing N N 5   
ALA CA  HA   sing N N 6   
ALA C   O    doub N N 7   
ALA C   OXT  sing N N 8   
ALA CB  HB1  sing N N 9   
ALA CB  HB2  sing N N 10  
ALA CB  HB3  sing N N 11  
ALA OXT HXT  sing N N 12  
ARG N   CA   sing N N 13  
ARG N   H    sing N N 14  
ARG N   H2   sing N N 15  
ARG CA  C    sing N N 16  
ARG CA  CB   sing N N 17  
ARG CA  HA   sing N N 18  
ARG C   O    doub N N 19  
ARG C   OXT  sing N N 20  
ARG CB  CG   sing N N 21  
ARG CB  HB2  sing N N 22  
ARG CB  HB3  sing N N 23  
ARG CG  CD   sing N N 24  
ARG CG  HG2  sing N N 25  
ARG CG  HG3  sing N N 26  
ARG CD  NE   sing N N 27  
ARG CD  HD2  sing N N 28  
ARG CD  HD3  sing N N 29  
ARG NE  CZ   sing N N 30  
ARG NE  HE   sing N N 31  
ARG CZ  NH1  sing N N 32  
ARG CZ  NH2  doub N N 33  
ARG NH1 HH11 sing N N 34  
ARG NH1 HH12 sing N N 35  
ARG NH2 HH21 sing N N 36  
ARG NH2 HH22 sing N N 37  
ARG OXT HXT  sing N N 38  
ASN N   CA   sing N N 39  
ASN N   H    sing N N 40  
ASN N   H2   sing N N 41  
ASN CA  C    sing N N 42  
ASN CA  CB   sing N N 43  
ASN CA  HA   sing N N 44  
ASN C   O    doub N N 45  
ASN C   OXT  sing N N 46  
ASN CB  CG   sing N N 47  
ASN CB  HB2  sing N N 48  
ASN CB  HB3  sing N N 49  
ASN CG  OD1  doub N N 50  
ASN CG  ND2  sing N N 51  
ASN ND2 HD21 sing N N 52  
ASN ND2 HD22 sing N N 53  
ASN OXT HXT  sing N N 54  
ASP N   CA   sing N N 55  
ASP N   H    sing N N 56  
ASP N   H2   sing N N 57  
ASP CA  C    sing N N 58  
ASP CA  CB   sing N N 59  
ASP CA  HA   sing N N 60  
ASP C   O    doub N N 61  
ASP C   OXT  sing N N 62  
ASP CB  CG   sing N N 63  
ASP CB  HB2  sing N N 64  
ASP CB  HB3  sing N N 65  
ASP CG  OD1  doub N N 66  
ASP CG  OD2  sing N N 67  
ASP OD2 HD2  sing N N 68  
ASP OXT HXT  sing N N 69  
CYS N   CA   sing N N 70  
CYS N   H    sing N N 71  
CYS N   H2   sing N N 72  
CYS CA  C    sing N N 73  
CYS CA  CB   sing N N 74  
CYS CA  HA   sing N N 75  
CYS C   O    doub N N 76  
CYS C   OXT  sing N N 77  
CYS CB  SG   sing N N 78  
CYS CB  HB2  sing N N 79  
CYS CB  HB3  sing N N 80  
CYS SG  HG   sing N N 81  
CYS OXT HXT  sing N N 82  
EDO C1  O1   sing N N 83  
EDO C1  C2   sing N N 84  
EDO C1  H11  sing N N 85  
EDO C1  H12  sing N N 86  
EDO O1  HO1  sing N N 87  
EDO C2  O2   sing N N 88  
EDO C2  H21  sing N N 89  
EDO C2  H22  sing N N 90  
EDO O2  HO2  sing N N 91  
EHO C9  C10  doub Y N 92  
EHO C9  C8   sing Y N 93  
EHO C10 C11  sing Y N 94  
EHO C2  C1   doub Y N 95  
EHO C2  C3   sing Y N 96  
EHO C8  C7   doub Y N 97  
EHO C1  C6   sing Y N 98  
EHO C3  C4   doub Y N 99  
EHO C11 C12  doub Y N 100 
EHO C7  C12  sing Y N 101 
EHO C7  N1   sing N N 102 
EHO C6  N1   sing N N 103 
EHO C6  C5   doub Y N 104 
EHO C4  C5   sing Y N 105 
EHO C5  C13  sing N N 106 
EHO C13 O2   doub N N 107 
EHO C13 O1   sing N N 108 
EHO C4  H1   sing N N 109 
EHO C11 H2   sing N N 110 
EHO C8  H3   sing N N 111 
EHO C9  H4   sing N N 112 
EHO C10 H5   sing N N 113 
EHO C12 H6   sing N N 114 
EHO N1  H7   sing N N 115 
EHO C3  H8   sing N N 116 
EHO C1  H9   sing N N 117 
EHO C2  H10  sing N N 118 
EHO O1  H11  sing N N 119 
GLN N   CA   sing N N 120 
GLN N   H    sing N N 121 
GLN N   H2   sing N N 122 
GLN CA  C    sing N N 123 
GLN CA  CB   sing N N 124 
GLN CA  HA   sing N N 125 
GLN C   O    doub N N 126 
GLN C   OXT  sing N N 127 
GLN CB  CG   sing N N 128 
GLN CB  HB2  sing N N 129 
GLN CB  HB3  sing N N 130 
GLN CG  CD   sing N N 131 
GLN CG  HG2  sing N N 132 
GLN CG  HG3  sing N N 133 
GLN CD  OE1  doub N N 134 
GLN CD  NE2  sing N N 135 
GLN NE2 HE21 sing N N 136 
GLN NE2 HE22 sing N N 137 
GLN OXT HXT  sing N N 138 
GLU N   CA   sing N N 139 
GLU N   H    sing N N 140 
GLU N   H2   sing N N 141 
GLU CA  C    sing N N 142 
GLU CA  CB   sing N N 143 
GLU CA  HA   sing N N 144 
GLU C   O    doub N N 145 
GLU C   OXT  sing N N 146 
GLU CB  CG   sing N N 147 
GLU CB  HB2  sing N N 148 
GLU CB  HB3  sing N N 149 
GLU CG  CD   sing N N 150 
GLU CG  HG2  sing N N 151 
GLU CG  HG3  sing N N 152 
GLU CD  OE1  doub N N 153 
GLU CD  OE2  sing N N 154 
GLU OE2 HE2  sing N N 155 
GLU OXT HXT  sing N N 156 
GLY N   CA   sing N N 157 
GLY N   H    sing N N 158 
GLY N   H2   sing N N 159 
GLY CA  C    sing N N 160 
GLY CA  HA2  sing N N 161 
GLY CA  HA3  sing N N 162 
GLY C   O    doub N N 163 
GLY C   OXT  sing N N 164 
GLY OXT HXT  sing N N 165 
HIS N   CA   sing N N 166 
HIS N   H    sing N N 167 
HIS N   H2   sing N N 168 
HIS CA  C    sing N N 169 
HIS CA  CB   sing N N 170 
HIS CA  HA   sing N N 171 
HIS C   O    doub N N 172 
HIS C   OXT  sing N N 173 
HIS CB  CG   sing N N 174 
HIS CB  HB2  sing N N 175 
HIS CB  HB3  sing N N 176 
HIS CG  ND1  sing Y N 177 
HIS CG  CD2  doub Y N 178 
HIS ND1 CE1  doub Y N 179 
HIS ND1 HD1  sing N N 180 
HIS CD2 NE2  sing Y N 181 
HIS CD2 HD2  sing N N 182 
HIS CE1 NE2  sing Y N 183 
HIS CE1 HE1  sing N N 184 
HIS NE2 HE2  sing N N 185 
HIS OXT HXT  sing N N 186 
HOH O   H1   sing N N 187 
HOH O   H2   sing N N 188 
ILE N   CA   sing N N 189 
ILE N   H    sing N N 190 
ILE N   H2   sing N N 191 
ILE CA  C    sing N N 192 
ILE CA  CB   sing N N 193 
ILE CA  HA   sing N N 194 
ILE C   O    doub N N 195 
ILE C   OXT  sing N N 196 
ILE CB  CG1  sing N N 197 
ILE CB  CG2  sing N N 198 
ILE CB  HB   sing N N 199 
ILE CG1 CD1  sing N N 200 
ILE CG1 HG12 sing N N 201 
ILE CG1 HG13 sing N N 202 
ILE CG2 HG21 sing N N 203 
ILE CG2 HG22 sing N N 204 
ILE CG2 HG23 sing N N 205 
ILE CD1 HD11 sing N N 206 
ILE CD1 HD12 sing N N 207 
ILE CD1 HD13 sing N N 208 
ILE OXT HXT  sing N N 209 
LEU N   CA   sing N N 210 
LEU N   H    sing N N 211 
LEU N   H2   sing N N 212 
LEU CA  C    sing N N 213 
LEU CA  CB   sing N N 214 
LEU CA  HA   sing N N 215 
LEU C   O    doub N N 216 
LEU C   OXT  sing N N 217 
LEU CB  CG   sing N N 218 
LEU CB  HB2  sing N N 219 
LEU CB  HB3  sing N N 220 
LEU CG  CD1  sing N N 221 
LEU CG  CD2  sing N N 222 
LEU CG  HG   sing N N 223 
LEU CD1 HD11 sing N N 224 
LEU CD1 HD12 sing N N 225 
LEU CD1 HD13 sing N N 226 
LEU CD2 HD21 sing N N 227 
LEU CD2 HD22 sing N N 228 
LEU CD2 HD23 sing N N 229 
LEU OXT HXT  sing N N 230 
LYS N   CA   sing N N 231 
LYS N   H    sing N N 232 
LYS N   H2   sing N N 233 
LYS CA  C    sing N N 234 
LYS CA  CB   sing N N 235 
LYS CA  HA   sing N N 236 
LYS C   O    doub N N 237 
LYS C   OXT  sing N N 238 
LYS CB  CG   sing N N 239 
LYS CB  HB2  sing N N 240 
LYS CB  HB3  sing N N 241 
LYS CG  CD   sing N N 242 
LYS CG  HG2  sing N N 243 
LYS CG  HG3  sing N N 244 
LYS CD  CE   sing N N 245 
LYS CD  HD2  sing N N 246 
LYS CD  HD3  sing N N 247 
LYS CE  NZ   sing N N 248 
LYS CE  HE2  sing N N 249 
LYS CE  HE3  sing N N 250 
LYS NZ  HZ1  sing N N 251 
LYS NZ  HZ2  sing N N 252 
LYS NZ  HZ3  sing N N 253 
LYS OXT HXT  sing N N 254 
MET N   CA   sing N N 255 
MET N   H    sing N N 256 
MET N   H2   sing N N 257 
MET CA  C    sing N N 258 
MET CA  CB   sing N N 259 
MET CA  HA   sing N N 260 
MET C   O    doub N N 261 
MET C   OXT  sing N N 262 
MET CB  CG   sing N N 263 
MET CB  HB2  sing N N 264 
MET CB  HB3  sing N N 265 
MET CG  SD   sing N N 266 
MET CG  HG2  sing N N 267 
MET CG  HG3  sing N N 268 
MET SD  CE   sing N N 269 
MET CE  HE1  sing N N 270 
MET CE  HE2  sing N N 271 
MET CE  HE3  sing N N 272 
MET OXT HXT  sing N N 273 
PHE N   CA   sing N N 274 
PHE N   H    sing N N 275 
PHE N   H2   sing N N 276 
PHE CA  C    sing N N 277 
PHE CA  CB   sing N N 278 
PHE CA  HA   sing N N 279 
PHE C   O    doub N N 280 
PHE C   OXT  sing N N 281 
PHE CB  CG   sing N N 282 
PHE CB  HB2  sing N N 283 
PHE CB  HB3  sing N N 284 
PHE CG  CD1  doub Y N 285 
PHE CG  CD2  sing Y N 286 
PHE CD1 CE1  sing Y N 287 
PHE CD1 HD1  sing N N 288 
PHE CD2 CE2  doub Y N 289 
PHE CD2 HD2  sing N N 290 
PHE CE1 CZ   doub Y N 291 
PHE CE1 HE1  sing N N 292 
PHE CE2 CZ   sing Y N 293 
PHE CE2 HE2  sing N N 294 
PHE CZ  HZ   sing N N 295 
PHE OXT HXT  sing N N 296 
PRO N   CA   sing N N 297 
PRO N   CD   sing N N 298 
PRO N   H    sing N N 299 
PRO CA  C    sing N N 300 
PRO CA  CB   sing N N 301 
PRO CA  HA   sing N N 302 
PRO C   O    doub N N 303 
PRO C   OXT  sing N N 304 
PRO CB  CG   sing N N 305 
PRO CB  HB2  sing N N 306 
PRO CB  HB3  sing N N 307 
PRO CG  CD   sing N N 308 
PRO CG  HG2  sing N N 309 
PRO CG  HG3  sing N N 310 
PRO CD  HD2  sing N N 311 
PRO CD  HD3  sing N N 312 
PRO OXT HXT  sing N N 313 
SER N   CA   sing N N 314 
SER N   H    sing N N 315 
SER N   H2   sing N N 316 
SER CA  C    sing N N 317 
SER CA  CB   sing N N 318 
SER CA  HA   sing N N 319 
SER C   O    doub N N 320 
SER C   OXT  sing N N 321 
SER CB  OG   sing N N 322 
SER CB  HB2  sing N N 323 
SER CB  HB3  sing N N 324 
SER OG  HG   sing N N 325 
SER OXT HXT  sing N N 326 
THR N   CA   sing N N 327 
THR N   H    sing N N 328 
THR N   H2   sing N N 329 
THR CA  C    sing N N 330 
THR CA  CB   sing N N 331 
THR CA  HA   sing N N 332 
THR C   O    doub N N 333 
THR C   OXT  sing N N 334 
THR CB  OG1  sing N N 335 
THR CB  CG2  sing N N 336 
THR CB  HB   sing N N 337 
THR OG1 HG1  sing N N 338 
THR CG2 HG21 sing N N 339 
THR CG2 HG22 sing N N 340 
THR CG2 HG23 sing N N 341 
THR OXT HXT  sing N N 342 
TRP N   CA   sing N N 343 
TRP N   H    sing N N 344 
TRP N   H2   sing N N 345 
TRP CA  C    sing N N 346 
TRP CA  CB   sing N N 347 
TRP CA  HA   sing N N 348 
TRP C   O    doub N N 349 
TRP C   OXT  sing N N 350 
TRP CB  CG   sing N N 351 
TRP CB  HB2  sing N N 352 
TRP CB  HB3  sing N N 353 
TRP CG  CD1  doub Y N 354 
TRP CG  CD2  sing Y N 355 
TRP CD1 NE1  sing Y N 356 
TRP CD1 HD1  sing N N 357 
TRP CD2 CE2  doub Y N 358 
TRP CD2 CE3  sing Y N 359 
TRP NE1 CE2  sing Y N 360 
TRP NE1 HE1  sing N N 361 
TRP CE2 CZ2  sing Y N 362 
TRP CE3 CZ3  doub Y N 363 
TRP CE3 HE3  sing N N 364 
TRP CZ2 CH2  doub Y N 365 
TRP CZ2 HZ2  sing N N 366 
TRP CZ3 CH2  sing Y N 367 
TRP CZ3 HZ3  sing N N 368 
TRP CH2 HH2  sing N N 369 
TRP OXT HXT  sing N N 370 
TYR N   CA   sing N N 371 
TYR N   H    sing N N 372 
TYR N   H2   sing N N 373 
TYR CA  C    sing N N 374 
TYR CA  CB   sing N N 375 
TYR CA  HA   sing N N 376 
TYR C   O    doub N N 377 
TYR C   OXT  sing N N 378 
TYR CB  CG   sing N N 379 
TYR CB  HB2  sing N N 380 
TYR CB  HB3  sing N N 381 
TYR CG  CD1  doub Y N 382 
TYR CG  CD2  sing Y N 383 
TYR CD1 CE1  sing Y N 384 
TYR CD1 HD1  sing N N 385 
TYR CD2 CE2  doub Y N 386 
TYR CD2 HD2  sing N N 387 
TYR CE1 CZ   doub Y N 388 
TYR CE1 HE1  sing N N 389 
TYR CE2 CZ   sing Y N 390 
TYR CE2 HE2  sing N N 391 
TYR CZ  OH   sing N N 392 
TYR OH  HH   sing N N 393 
TYR OXT HXT  sing N N 394 
VAL N   CA   sing N N 395 
VAL N   H    sing N N 396 
VAL N   H2   sing N N 397 
VAL CA  C    sing N N 398 
VAL CA  CB   sing N N 399 
VAL CA  HA   sing N N 400 
VAL C   O    doub N N 401 
VAL C   OXT  sing N N 402 
VAL CB  CG1  sing N N 403 
VAL CB  CG2  sing N N 404 
VAL CB  HB   sing N N 405 
VAL CG1 HG11 sing N N 406 
VAL CG1 HG12 sing N N 407 
VAL CG1 HG13 sing N N 408 
VAL CG2 HG21 sing N N 409 
VAL CG2 HG22 sing N N 410 
VAL CG2 HG23 sing N N 411 
VAL OXT HXT  sing N N 412 
# 
_pdbx_audit_support.funding_organization   'National Science Foundation (NSF, China)' 
_pdbx_audit_support.country                China 
_pdbx_audit_support.grant_number           ? 
_pdbx_audit_support.ordinal                1 
# 
_pdbx_entity_instance_feature.ordinal        1 
_pdbx_entity_instance_feature.comp_id        EHO 
_pdbx_entity_instance_feature.asym_id        ? 
_pdbx_entity_instance_feature.seq_num        ? 
_pdbx_entity_instance_feature.auth_comp_id   EHO 
_pdbx_entity_instance_feature.auth_asym_id   ? 
_pdbx_entity_instance_feature.auth_seq_num   ? 
_pdbx_entity_instance_feature.feature_type   'SUBJECT OF INVESTIGATION' 
_pdbx_entity_instance_feature.details        ? 
# 
loop_
_pdbx_entity_nonpoly.entity_id 
_pdbx_entity_nonpoly.name 
_pdbx_entity_nonpoly.comp_id 
2 '2-phenylazanylbenzoic acid' EHO 
3 1,2-ETHANEDIOL               EDO 
4 water                        HOH 
# 
_pdbx_initial_refinement_model.id               1 
_pdbx_initial_refinement_model.entity_id_list   ? 
_pdbx_initial_refinement_model.type             'experimental model' 
_pdbx_initial_refinement_model.source_name      PDB 
_pdbx_initial_refinement_model.accession_code   4NNT 
_pdbx_initial_refinement_model.details          ? 
# 
_pdbx_struct_assembly_auth_evidence.id                     1 
_pdbx_struct_assembly_auth_evidence.assembly_id            1 
_pdbx_struct_assembly_auth_evidence.experimental_support   'gel filtration' 
_pdbx_struct_assembly_auth_evidence.details                ? 
# 
